data_8A11
#
_entry.id   8A11
#
_cell.length_a   1.00
_cell.length_b   1.00
_cell.length_c   1.00
_cell.angle_alpha   90.00
_cell.angle_beta   90.00
_cell.angle_gamma   90.00
#
_symmetry.space_group_name_H-M   'P 1'
#
loop_
_entity.id
_entity.type
_entity.pdbx_description
1 polymer 'Serine hydroxymethyltransferase, cytosolic'
2 non-polymer "PYRIDOXAL-5'-PHOSPHATE"
#
_entity_poly.entity_id   1
_entity_poly.type   'polypeptide(L)'
_entity_poly.pdbx_seq_one_letter_code
;GSHMTMPVNGAHKDADLWSSHDKMLAQPLKDSDVEVYNIIKKESNRQRVGLELIASENFASRAVLEALGSCLNNKYSEGY
PGQRYYGGTEFIDELETLCQKRALQAYKLDPQCWGVNVQPYSGSPANFAVYTALVEPHGRIMGLDLPDGGHLTHGFMTDK
KKISATSIFFESMPYKVNPDTGYINYDQLEENARLFHPKLIIAGTSCYSRNLEYARLRKIADENGAYLMADMAHISGLVA
AGVVPSPFEHCHVVTTTTHKTLRGCRAGMIFYRKGVKSVDPKTGKEILYNLESLINSAVFPGLQGGPHNHAIAGVAVALK
QAMTLEFKVYQHQVVANCRALSEALTELGYKIVTGGSDNHLILVDLRSKGTDGGRAEKVLEACSIACNKNTCPGDRSALR
PSGLRLGTPALTSRGLLEKDFQKVAHFIHRGIELTLQIQSDTGVRATLKEFKERLAGDKYQAAVQALREEVESFASLFPL
PGLPDF
;
_entity_poly.pdbx_strand_id   A,B,C,D
#
loop_
_chem_comp.id
_chem_comp.type
_chem_comp.name
_chem_comp.formula
PLP non-polymer PYRIDOXAL-5'-PHOSPHATE 'C8 H10 N O6 P'
#
# COMPACT_ATOMS: atom_id res chain seq x y z
N SER A 19 -4.06 34.72 -49.21
CA SER A 19 -4.30 33.36 -49.67
C SER A 19 -3.21 32.41 -49.21
N SER A 20 -2.51 32.80 -48.14
CA SER A 20 -1.43 31.97 -47.62
C SER A 20 -1.96 30.73 -46.92
N HIS A 21 -3.16 30.81 -46.33
CA HIS A 21 -3.73 29.65 -45.65
C HIS A 21 -4.14 28.56 -46.64
N ASP A 22 -4.43 28.93 -47.89
CA ASP A 22 -4.83 27.94 -48.89
C ASP A 22 -3.66 27.02 -49.24
N LYS A 23 -2.50 27.60 -49.54
CA LYS A 23 -1.32 26.81 -49.88
C LYS A 23 -0.65 26.18 -48.67
N MET A 24 -1.02 26.58 -47.46
CA MET A 24 -0.42 26.03 -46.25
C MET A 24 -1.12 24.75 -45.81
N LEU A 25 -2.44 24.80 -45.62
CA LEU A 25 -3.18 23.62 -45.19
C LEU A 25 -3.39 22.65 -46.35
N ALA A 26 -3.99 23.12 -47.44
CA ALA A 26 -4.25 22.29 -48.61
C ALA A 26 -2.97 22.17 -49.45
N GLN A 27 -2.03 21.39 -48.91
CA GLN A 27 -0.74 21.16 -49.55
C GLN A 27 -0.40 19.68 -49.42
N PRO A 28 -0.01 19.03 -50.51
CA PRO A 28 0.33 17.60 -50.43
C PRO A 28 1.53 17.37 -49.52
N LEU A 29 1.64 16.12 -49.05
CA LEU A 29 2.76 15.76 -48.17
C LEU A 29 4.09 15.81 -48.90
N LYS A 30 4.10 15.52 -50.20
CA LYS A 30 5.35 15.56 -50.95
C LYS A 30 5.89 16.97 -51.11
N ASP A 31 5.00 17.95 -51.26
CA ASP A 31 5.44 19.34 -51.42
C ASP A 31 5.79 19.97 -50.08
N SER A 32 5.06 19.60 -49.02
CA SER A 32 5.34 20.18 -47.71
C SER A 32 6.63 19.63 -47.13
N ASP A 33 6.74 18.32 -47.00
CA ASP A 33 7.93 17.67 -46.46
C ASP A 33 8.55 16.76 -47.52
N VAL A 34 9.85 16.48 -47.35
CA VAL A 34 10.61 15.64 -48.27
C VAL A 34 11.26 14.47 -47.55
N GLU A 35 11.88 14.72 -46.39
CA GLU A 35 12.55 13.64 -45.66
C GLU A 35 11.56 12.56 -45.21
N VAL A 36 10.39 12.97 -44.70
CA VAL A 36 9.43 11.96 -44.26
C VAL A 36 8.91 11.16 -45.45
N TYR A 37 8.76 11.83 -46.60
CA TYR A 37 8.30 11.13 -47.80
C TYR A 37 9.32 10.10 -48.25
N ASN A 38 10.61 10.48 -48.22
CA ASN A 38 11.66 9.55 -48.61
C ASN A 38 11.74 8.39 -47.64
N ILE A 39 11.55 8.66 -46.34
CA ILE A 39 11.59 7.59 -45.34
C ILE A 39 10.44 6.62 -45.57
N ILE A 40 9.24 7.15 -45.84
CA ILE A 40 8.09 6.28 -46.09
C ILE A 40 8.33 5.44 -47.34
N LYS A 41 8.88 6.05 -48.39
CA LYS A 41 9.15 5.31 -49.62
C LYS A 41 10.18 4.22 -49.38
N LYS A 42 11.23 4.52 -48.60
CA LYS A 42 12.24 3.52 -48.32
C LYS A 42 11.65 2.37 -47.50
N GLU A 43 10.77 2.69 -46.54
CA GLU A 43 10.15 1.64 -45.74
C GLU A 43 9.27 0.75 -46.60
N SER A 44 8.50 1.37 -47.51
CA SER A 44 7.64 0.58 -48.39
C SER A 44 8.47 -0.30 -49.32
N ASN A 45 9.59 0.23 -49.82
CA ASN A 45 10.45 -0.56 -50.69
C ASN A 45 11.09 -1.71 -49.94
N ARG A 46 11.47 -1.49 -48.69
CA ARG A 46 12.07 -2.56 -47.90
C ARG A 46 11.04 -3.63 -47.58
N GLN A 47 9.81 -3.23 -47.28
CA GLN A 47 8.77 -4.20 -46.98
C GLN A 47 8.28 -4.92 -48.23
N ARG A 48 8.48 -4.35 -49.41
CA ARG A 48 8.04 -4.98 -50.64
C ARG A 48 8.98 -6.12 -51.06
N VAL A 49 10.29 -5.88 -50.98
CA VAL A 49 11.27 -6.89 -51.35
C VAL A 49 11.84 -7.63 -50.14
N GLY A 50 11.18 -7.51 -48.98
CA GLY A 50 11.63 -8.17 -47.77
C GLY A 50 10.68 -9.27 -47.35
N LEU A 51 11.21 -10.25 -46.62
CA LEU A 51 10.42 -11.37 -46.14
C LEU A 51 9.92 -11.09 -44.73
N GLU A 52 8.66 -11.45 -44.49
CA GLU A 52 8.02 -11.25 -43.19
C GLU A 52 7.68 -12.60 -42.59
N LEU A 53 8.20 -12.86 -41.38
CA LEU A 53 7.96 -14.10 -40.68
C LEU A 53 7.53 -13.91 -39.23
N ILE A 54 7.36 -12.67 -38.79
CA ILE A 54 6.95 -12.40 -37.41
C ILE A 54 5.49 -12.82 -37.23
N ALA A 55 5.21 -13.54 -36.16
CA ALA A 55 3.85 -13.99 -35.86
C ALA A 55 2.95 -12.88 -35.34
N SER A 56 3.49 -11.68 -35.12
CA SER A 56 2.72 -10.54 -34.63
C SER A 56 2.75 -9.38 -35.61
N GLU A 57 2.86 -9.68 -36.90
CA GLU A 57 2.89 -8.68 -37.95
C GLU A 57 1.98 -9.09 -39.09
N ASN A 58 1.21 -8.14 -39.60
CA ASN A 58 0.28 -8.40 -40.70
C ASN A 58 -0.05 -7.08 -41.38
N PHE A 59 -0.54 -7.18 -42.61
CA PHE A 59 -0.91 -6.03 -43.42
C PHE A 59 -2.42 -5.90 -43.45
N ALA A 60 -2.94 -4.72 -43.13
CA ALA A 60 -4.37 -4.48 -43.13
C ALA A 60 -4.86 -4.16 -44.53
N SER A 61 -6.17 -4.22 -44.71
CA SER A 61 -6.78 -3.93 -45.99
C SER A 61 -6.75 -2.43 -46.29
N ARG A 62 -7.08 -2.08 -47.52
CA ARG A 62 -7.08 -0.68 -47.92
C ARG A 62 -8.22 0.09 -47.26
N ALA A 63 -9.31 -0.59 -46.91
CA ALA A 63 -10.43 0.09 -46.28
C ALA A 63 -10.04 0.63 -44.91
N VAL A 64 -9.26 -0.13 -44.15
CA VAL A 64 -8.83 0.32 -42.82
C VAL A 64 -7.94 1.54 -42.94
N LEU A 65 -6.99 1.51 -43.88
CA LEU A 65 -6.10 2.65 -44.06
C LEU A 65 -6.87 3.87 -44.57
N GLU A 66 -7.92 3.65 -45.35
CA GLU A 66 -8.70 4.77 -45.86
C GLU A 66 -9.55 5.39 -44.77
N ALA A 67 -10.13 4.55 -43.91
CA ALA A 67 -10.96 5.04 -42.82
C ALA A 67 -10.13 5.61 -41.66
N LEU A 68 -8.84 5.27 -41.59
CA LEU A 68 -8.02 5.79 -40.51
C LEU A 68 -7.82 7.30 -40.63
N GLY A 69 -7.58 7.79 -41.84
CA GLY A 69 -7.38 9.21 -42.05
C GLY A 69 -8.59 9.85 -42.72
N SER A 70 -9.38 10.57 -41.94
CA SER A 70 -10.57 11.24 -42.45
C SER A 70 -10.94 12.35 -41.48
N CYS A 71 -12.16 12.89 -41.62
CA CYS A 71 -12.62 13.95 -40.74
C CYS A 71 -12.83 13.48 -39.31
N LEU A 72 -12.88 12.16 -39.09
CA LEU A 72 -13.07 11.63 -37.74
C LEU A 72 -12.00 12.10 -36.77
N ASN A 73 -10.81 12.43 -37.27
CA ASN A 73 -9.72 12.89 -36.41
C ASN A 73 -9.96 14.30 -35.89
N ASN A 74 -10.91 15.04 -36.47
CA ASN A 74 -11.22 16.39 -36.04
C ASN A 74 -12.39 16.45 -35.06
N LYS A 75 -12.96 15.31 -34.69
CA LYS A 75 -14.09 15.25 -33.76
C LYS A 75 -13.61 14.83 -32.39
N TYR A 76 -14.14 15.47 -31.36
CA TYR A 76 -13.79 15.17 -29.98
C TYR A 76 -15.04 15.18 -29.12
N SER A 77 -15.28 14.09 -28.40
CA SER A 77 -16.45 13.97 -27.54
C SER A 77 -16.16 12.95 -26.46
N GLU A 78 -16.20 13.38 -25.20
CA GLU A 78 -15.94 12.50 -24.07
C GLU A 78 -17.26 12.04 -23.47
N GLY A 79 -17.32 10.75 -23.13
CA GLY A 79 -18.50 10.15 -22.55
C GLY A 79 -18.85 8.85 -23.22
N TYR A 80 -20.01 8.32 -22.86
CA TYR A 80 -20.54 7.07 -23.38
C TYR A 80 -21.83 7.34 -24.14
N PRO A 81 -22.24 6.43 -25.04
CA PRO A 81 -23.49 6.64 -25.79
C PRO A 81 -24.67 6.81 -24.85
N GLY A 82 -25.25 8.00 -24.87
CA GLY A 82 -26.39 8.36 -24.03
C GLY A 82 -26.06 9.34 -22.94
N GLN A 83 -24.77 9.50 -22.60
CA GLN A 83 -24.31 10.42 -21.58
C GLN A 83 -23.18 11.27 -22.11
N ARG A 84 -23.31 11.75 -23.34
CA ARG A 84 -22.28 12.58 -23.96
C ARG A 84 -22.23 13.94 -23.28
N TYR A 85 -21.03 14.37 -22.92
CA TYR A 85 -20.86 15.67 -22.26
C TYR A 85 -21.02 16.82 -23.24
N TYR A 86 -20.70 16.61 -24.51
CA TYR A 86 -20.82 17.63 -25.54
C TYR A 86 -22.01 17.32 -26.45
N GLY A 87 -22.59 18.38 -27.01
CA GLY A 87 -23.72 18.23 -27.89
C GLY A 87 -23.32 18.00 -29.34
N GLY A 88 -24.32 17.67 -30.15
CA GLY A 88 -24.08 17.42 -31.56
C GLY A 88 -23.31 16.14 -31.84
N THR A 89 -23.55 15.10 -31.05
CA THR A 89 -22.87 13.82 -31.21
C THR A 89 -23.83 12.71 -31.66
N GLU A 90 -24.87 13.09 -32.41
CA GLU A 90 -25.83 12.09 -32.88
C GLU A 90 -25.21 11.17 -33.92
N PHE A 91 -24.27 11.67 -34.71
CA PHE A 91 -23.64 10.84 -35.73
C PHE A 91 -22.63 9.87 -35.13
N ILE A 92 -22.05 10.21 -33.97
CA ILE A 92 -21.08 9.33 -33.34
C ILE A 92 -21.78 8.16 -32.65
N ASP A 93 -22.98 8.38 -32.11
CA ASP A 93 -23.70 7.31 -31.44
C ASP A 93 -24.07 6.20 -32.43
N GLU A 94 -24.40 6.58 -33.66
CA GLU A 94 -24.75 5.58 -34.67
C GLU A 94 -23.55 4.70 -34.98
N LEU A 95 -22.38 5.30 -35.18
CA LEU A 95 -21.18 4.52 -35.46
C LEU A 95 -20.81 3.66 -34.26
N GLU A 96 -21.01 4.18 -33.05
CA GLU A 96 -20.69 3.41 -31.85
C GLU A 96 -21.58 2.17 -31.74
N THR A 97 -22.89 2.35 -31.88
CA THR A 97 -23.79 1.21 -31.80
C THR A 97 -23.56 0.23 -32.96
N LEU A 98 -23.17 0.75 -34.13
CA LEU A 98 -22.89 -0.14 -35.26
C LEU A 98 -21.67 -0.99 -34.98
N CYS A 99 -20.60 -0.38 -34.44
CA CYS A 99 -19.41 -1.14 -34.12
C CYS A 99 -19.70 -2.15 -33.01
N GLN A 100 -20.54 -1.77 -32.04
CA GLN A 100 -20.88 -2.70 -30.98
C GLN A 100 -21.66 -3.89 -31.51
N LYS A 101 -22.61 -3.64 -32.42
CA LYS A 101 -23.37 -4.74 -33.00
C LYS A 101 -22.47 -5.65 -33.83
N ARG A 102 -21.54 -5.05 -34.58
CA ARG A 102 -20.62 -5.85 -35.39
C ARG A 102 -19.73 -6.71 -34.51
N ALA A 103 -19.28 -6.15 -33.38
CA ALA A 103 -18.43 -6.93 -32.47
C ALA A 103 -19.21 -8.04 -31.81
N LEU A 104 -20.49 -7.78 -31.49
CA LEU A 104 -21.31 -8.80 -30.85
C LEU A 104 -21.67 -9.92 -31.83
N GLN A 105 -21.84 -9.59 -33.11
CA GLN A 105 -22.19 -10.59 -34.12
C GLN A 105 -20.97 -11.20 -34.79
N ALA A 106 -19.76 -10.72 -34.50
CA ALA A 106 -18.57 -11.28 -35.12
C ALA A 106 -18.26 -12.67 -34.58
N TYR A 107 -18.25 -12.83 -33.26
CA TYR A 107 -17.97 -14.11 -32.63
C TYR A 107 -19.23 -14.86 -32.24
N LYS A 108 -20.38 -14.44 -32.76
CA LYS A 108 -21.68 -15.08 -32.47
C LYS A 108 -21.99 -15.07 -30.98
N LEU A 109 -22.02 -13.88 -30.40
CA LEU A 109 -22.32 -13.69 -28.99
C LEU A 109 -23.72 -13.14 -28.80
N ASP A 110 -24.34 -13.49 -27.69
CA ASP A 110 -25.69 -13.03 -27.41
C ASP A 110 -25.66 -11.55 -27.06
N PRO A 111 -26.57 -10.74 -27.61
CA PRO A 111 -26.57 -9.29 -27.31
C PRO A 111 -26.91 -8.97 -25.87
N GLN A 112 -28.01 -9.53 -25.37
CA GLN A 112 -28.45 -9.27 -24.00
C GLN A 112 -27.70 -10.11 -22.96
N CYS A 113 -26.58 -10.72 -23.32
CA CYS A 113 -25.80 -11.53 -22.40
C CYS A 113 -24.34 -11.12 -22.30
N TRP A 114 -23.80 -10.43 -23.29
CA TRP A 114 -22.41 -10.01 -23.28
C TRP A 114 -22.32 -8.57 -23.78
N GLY A 115 -21.34 -7.84 -23.26
CA GLY A 115 -21.11 -6.46 -23.63
C GLY A 115 -19.72 -6.28 -24.21
N VAL A 116 -19.62 -5.44 -25.24
CA VAL A 116 -18.36 -5.16 -25.91
C VAL A 116 -17.92 -3.73 -25.61
N ASN A 117 -16.62 -3.52 -25.66
CA ASN A 117 -16.02 -2.21 -25.40
C ASN A 117 -14.82 -2.03 -26.31
N VAL A 118 -14.82 -0.95 -27.09
CA VAL A 118 -13.74 -0.64 -28.01
C VAL A 118 -13.11 0.72 -27.73
N GLN A 119 -13.31 1.24 -26.51
CA GLN A 119 -12.78 2.53 -26.11
C GLN A 119 -11.27 2.52 -25.85
N PRO A 120 -10.70 1.47 -25.24
CA PRO A 120 -9.25 1.47 -25.00
C PRO A 120 -8.45 1.66 -26.28
N TYR A 121 -7.22 2.17 -26.11
CA TYR A 121 -6.36 2.43 -27.26
C TYR A 121 -5.64 1.17 -27.72
N SER A 122 -5.01 0.44 -26.79
CA SER A 122 -4.28 -0.77 -27.15
C SER A 122 -4.55 -1.83 -26.10
N GLY A 123 -3.76 -2.91 -26.13
CA GLY A 123 -3.94 -4.00 -25.19
C GLY A 123 -3.49 -3.64 -23.78
N SER A 124 -2.39 -2.90 -23.67
CA SER A 124 -1.89 -2.53 -22.34
C SER A 124 -2.86 -1.65 -21.58
N PRO A 125 -3.40 -0.55 -22.14
CA PRO A 125 -4.36 0.25 -21.36
C PRO A 125 -5.63 -0.52 -21.04
N ALA A 126 -6.07 -1.38 -21.96
CA ALA A 126 -7.26 -2.18 -21.72
C ALA A 126 -7.05 -3.13 -20.55
N ASN A 127 -5.90 -3.80 -20.53
CA ASN A 127 -5.60 -4.73 -19.44
C ASN A 127 -5.46 -3.97 -18.12
N PHE A 128 -4.87 -2.77 -18.16
CA PHE A 128 -4.73 -1.99 -16.94
C PHE A 128 -6.10 -1.58 -16.41
N ALA A 129 -7.01 -1.18 -17.30
CA ALA A 129 -8.34 -0.79 -16.87
C ALA A 129 -9.10 -1.98 -16.31
N VAL A 130 -8.96 -3.15 -16.95
CA VAL A 130 -9.63 -4.35 -16.46
C VAL A 130 -9.12 -4.71 -15.08
N TYR A 131 -7.80 -4.57 -14.87
CA TYR A 131 -7.21 -4.88 -13.57
C TYR A 131 -7.73 -3.92 -12.51
N THR A 132 -7.72 -2.61 -12.82
CA THR A 132 -8.21 -1.63 -11.85
C THR A 132 -9.70 -1.76 -11.58
N ALA A 133 -10.46 -2.35 -12.51
CA ALA A 133 -11.89 -2.51 -12.32
C ALA A 133 -12.26 -3.80 -11.61
N LEU A 134 -11.45 -4.85 -11.75
CA LEU A 134 -11.75 -6.13 -11.11
C LEU A 134 -10.98 -6.36 -9.82
N VAL A 135 -9.66 -6.23 -9.85
CA VAL A 135 -8.82 -6.45 -8.68
C VAL A 135 -8.56 -5.12 -7.98
N GLU A 136 -8.75 -5.11 -6.66
CA GLU A 136 -8.52 -3.92 -5.87
C GLU A 136 -7.01 -3.63 -5.82
N PRO A 137 -6.62 -2.36 -5.75
CA PRO A 137 -5.19 -2.02 -5.70
C PRO A 137 -4.46 -2.84 -4.64
N HIS A 138 -3.22 -3.23 -4.96
CA HIS A 138 -2.37 -4.04 -4.08
C HIS A 138 -3.00 -5.40 -3.82
N GLY A 139 -3.73 -5.92 -4.80
CA GLY A 139 -4.39 -7.20 -4.68
C GLY A 139 -3.45 -8.36 -5.01
N ARG A 140 -4.05 -9.51 -5.28
CA ARG A 140 -3.32 -10.72 -5.61
C ARG A 140 -3.86 -11.29 -6.92
N ILE A 141 -2.97 -11.51 -7.89
CA ILE A 141 -3.32 -12.04 -9.20
C ILE A 141 -2.30 -13.12 -9.56
N MET A 142 -2.69 -13.97 -10.52
CA MET A 142 -1.85 -15.06 -10.99
C MET A 142 -1.90 -15.11 -12.51
N GLY A 143 -0.72 -15.06 -13.14
CA GLY A 143 -0.64 -15.11 -14.58
C GLY A 143 0.55 -15.93 -15.02
N LEU A 144 0.68 -16.08 -16.34
CA LEU A 144 1.78 -16.84 -16.91
C LEU A 144 3.08 -16.05 -16.80
N ASP A 145 4.18 -16.76 -16.51
CA ASP A 145 5.47 -16.10 -16.39
C ASP A 145 6.00 -15.68 -17.75
N LEU A 146 6.76 -14.58 -17.75
CA LEU A 146 7.31 -14.07 -19.01
C LEU A 146 8.35 -15.00 -19.63
N PRO A 147 9.35 -15.53 -18.90
CA PRO A 147 10.32 -16.41 -19.57
C PRO A 147 9.79 -17.80 -19.90
N ASP A 148 8.50 -18.03 -19.66
CA ASP A 148 7.88 -19.32 -19.94
C ASP A 148 6.74 -19.21 -20.94
N GLY A 149 6.72 -18.16 -21.75
CA GLY A 149 5.68 -17.97 -22.75
C GLY A 149 4.57 -17.00 -22.39
N GLY A 150 4.75 -16.18 -21.35
CA GLY A 150 3.73 -15.23 -20.95
C GLY A 150 4.07 -13.82 -21.40
N HIS A 151 3.03 -12.99 -21.47
CA HIS A 151 3.21 -11.61 -21.89
C HIS A 151 3.74 -10.75 -20.73
N LEU A 152 4.30 -9.60 -21.08
CA LEU A 152 4.83 -8.71 -20.06
C LEU A 152 3.72 -8.03 -19.27
N THR A 153 2.58 -7.76 -19.91
CA THR A 153 1.46 -7.12 -19.23
C THR A 153 0.75 -8.06 -18.25
N HIS A 154 1.04 -9.37 -18.30
CA HIS A 154 0.39 -10.30 -17.40
C HIS A 154 1.04 -10.31 -16.02
N GLY A 155 2.33 -10.01 -15.93
CA GLY A 155 3.02 -9.99 -14.66
C GLY A 155 4.45 -10.47 -14.75
N PHE A 156 5.38 -9.72 -14.17
CA PHE A 156 6.79 -10.09 -14.18
C PHE A 156 7.50 -9.29 -13.10
N MET A 157 8.28 -9.99 -12.27
CA MET A 157 9.02 -9.34 -11.20
C MET A 157 10.16 -10.25 -10.76
N THR A 158 11.19 -9.64 -10.18
CA THR A 158 12.37 -10.35 -9.70
C THR A 158 12.67 -9.90 -8.27
N ASP A 159 13.70 -10.50 -7.68
CA ASP A 159 14.08 -10.16 -6.32
C ASP A 159 14.81 -8.81 -6.24
N LYS A 160 15.38 -8.35 -7.35
CA LYS A 160 16.11 -7.09 -7.35
C LYS A 160 15.14 -5.91 -7.37
N LYS A 161 14.33 -5.82 -8.42
CA LYS A 161 13.36 -4.74 -8.56
C LYS A 161 12.20 -5.23 -9.42
N LYS A 162 11.34 -4.30 -9.83
CA LYS A 162 10.19 -4.61 -10.66
C LYS A 162 10.30 -3.87 -12.00
N ILE A 163 9.63 -4.41 -13.01
CA ILE A 163 9.66 -3.82 -14.34
C ILE A 163 8.24 -3.51 -14.80
N SER A 164 7.37 -4.52 -14.80
CA SER A 164 5.99 -4.33 -15.23
C SER A 164 5.22 -3.52 -14.21
N ALA A 165 4.14 -2.88 -14.67
CA ALA A 165 3.31 -2.06 -13.80
C ALA A 165 2.41 -2.92 -12.92
N THR A 166 2.03 -4.11 -13.38
CA THR A 166 1.18 -4.98 -12.58
C THR A 166 1.89 -5.42 -11.30
N SER A 167 3.19 -5.70 -11.39
CA SER A 167 3.94 -6.10 -10.21
C SER A 167 4.24 -4.92 -9.30
N ILE A 168 4.16 -3.70 -9.82
CA ILE A 168 4.43 -2.50 -9.02
C ILE A 168 3.20 -2.06 -8.26
N PHE A 169 2.05 -1.99 -8.94
CA PHE A 169 0.80 -1.57 -8.29
C PHE A 169 0.04 -2.72 -7.65
N PHE A 170 0.36 -3.96 -8.00
CA PHE A 170 -0.32 -5.13 -7.44
C PHE A 170 0.71 -6.22 -7.19
N GLU A 171 0.24 -7.34 -6.62
CA GLU A 171 1.09 -8.49 -6.33
C GLU A 171 0.69 -9.63 -7.26
N SER A 172 1.64 -10.12 -8.05
CA SER A 172 1.39 -11.20 -8.99
C SER A 172 2.30 -12.38 -8.68
N MET A 173 1.75 -13.58 -8.80
CA MET A 173 2.48 -14.83 -8.55
C MET A 173 2.49 -15.65 -9.83
N PRO A 174 3.55 -15.58 -10.63
CA PRO A 174 3.59 -16.35 -11.88
C PRO A 174 3.97 -17.81 -11.65
N TYR A 175 3.45 -18.66 -12.53
CA TYR A 175 3.70 -20.10 -12.49
C TYR A 175 4.51 -20.50 -13.71
N LYS A 176 5.44 -21.44 -13.51
CA LYS A 176 6.29 -21.91 -14.59
C LYS A 176 5.56 -22.94 -15.45
N VAL A 177 6.25 -23.42 -16.48
CA VAL A 177 5.71 -24.41 -17.42
C VAL A 177 6.56 -25.67 -17.34
N ASN A 178 5.92 -26.81 -17.57
CA ASN A 178 6.61 -28.09 -17.53
C ASN A 178 7.57 -28.17 -18.71
N PRO A 179 8.87 -28.39 -18.48
CA PRO A 179 9.81 -28.46 -19.61
C PRO A 179 9.83 -29.77 -20.37
N ASP A 180 9.56 -30.89 -19.68
CA ASP A 180 9.58 -32.19 -20.35
C ASP A 180 8.39 -32.35 -21.28
N THR A 181 7.17 -32.18 -20.76
CA THR A 181 5.99 -32.32 -21.60
C THR A 181 5.71 -31.08 -22.46
N GLY A 182 6.19 -29.92 -22.04
CA GLY A 182 5.96 -28.70 -22.79
C GLY A 182 4.61 -28.06 -22.57
N TYR A 183 3.80 -28.57 -21.65
CA TYR A 183 2.49 -28.04 -21.36
C TYR A 183 2.52 -27.33 -20.01
N ILE A 184 1.52 -26.46 -19.80
CA ILE A 184 1.43 -25.72 -18.55
C ILE A 184 1.19 -26.68 -17.40
N ASN A 185 1.92 -26.48 -16.31
CA ASN A 185 1.79 -27.33 -15.12
C ASN A 185 0.51 -26.94 -14.40
N TYR A 186 -0.61 -27.45 -14.92
CA TYR A 186 -1.91 -27.16 -14.33
C TYR A 186 -2.10 -27.83 -12.97
N ASP A 187 -1.32 -28.88 -12.67
CA ASP A 187 -1.46 -29.55 -11.38
C ASP A 187 -0.96 -28.67 -10.24
N GLN A 188 -0.04 -27.74 -10.52
CA GLN A 188 0.48 -26.87 -9.48
C GLN A 188 -0.40 -25.64 -9.27
N LEU A 189 -1.12 -25.21 -10.31
CA LEU A 189 -1.98 -24.03 -10.18
C LEU A 189 -3.12 -24.25 -9.19
N GLU A 190 -3.75 -25.42 -9.24
CA GLU A 190 -4.87 -25.70 -8.33
C GLU A 190 -4.38 -25.75 -6.88
N GLU A 191 -3.16 -26.22 -6.65
CA GLU A 191 -2.64 -26.29 -5.29
C GLU A 191 -2.14 -24.94 -4.81
N ASN A 192 -1.65 -24.10 -5.73
CA ASN A 192 -1.15 -22.78 -5.35
C ASN A 192 -2.27 -21.77 -5.17
N ALA A 193 -3.43 -21.98 -5.82
CA ALA A 193 -4.53 -21.04 -5.68
C ALA A 193 -5.11 -21.08 -4.27
N ARG A 194 -5.12 -22.24 -3.63
CA ARG A 194 -5.66 -22.34 -2.27
C ARG A 194 -4.76 -21.68 -1.23
N LEU A 195 -3.47 -21.55 -1.52
CA LEU A 195 -2.54 -20.92 -0.59
C LEU A 195 -2.32 -19.45 -0.89
N PHE A 196 -2.42 -19.05 -2.15
CA PHE A 196 -2.22 -17.65 -2.53
C PHE A 196 -3.53 -16.86 -2.52
N HIS A 197 -4.66 -17.50 -2.83
CA HIS A 197 -5.98 -16.88 -2.86
C HIS A 197 -5.99 -15.70 -3.83
N PRO A 198 -5.91 -15.94 -5.14
CA PRO A 198 -5.92 -14.83 -6.10
C PRO A 198 -7.33 -14.32 -6.36
N LYS A 199 -7.39 -13.09 -6.85
CA LYS A 199 -8.65 -12.44 -7.16
C LYS A 199 -9.04 -12.54 -8.63
N LEU A 200 -8.07 -12.74 -9.52
CA LEU A 200 -8.33 -12.84 -10.95
C LEU A 200 -7.30 -13.77 -11.58
N ILE A 201 -7.76 -14.73 -12.37
CA ILE A 201 -6.91 -15.68 -13.05
C ILE A 201 -6.68 -15.18 -14.48
N ILE A 202 -5.42 -14.92 -14.81
CA ILE A 202 -5.04 -14.43 -16.13
C ILE A 202 -4.70 -15.61 -17.02
N ALA A 203 -5.51 -15.84 -18.04
CA ALA A 203 -5.32 -16.92 -19.01
C ALA A 203 -4.76 -16.27 -20.26
N GLY A 204 -3.44 -16.09 -20.30
CA GLY A 204 -2.79 -15.47 -21.44
C GLY A 204 -1.46 -16.14 -21.71
N THR A 205 -0.88 -15.81 -22.86
CA THR A 205 0.39 -16.37 -23.27
C THR A 205 0.94 -15.56 -24.44
N SER A 206 2.20 -15.84 -24.80
CA SER A 206 2.86 -15.16 -25.91
C SER A 206 2.71 -15.96 -27.20
N CYS A 207 3.23 -17.19 -27.21
CA CYS A 207 3.14 -18.05 -28.38
C CYS A 207 2.28 -19.28 -28.10
N TYR A 208 2.66 -20.12 -27.14
CA TYR A 208 1.91 -21.32 -26.76
C TYR A 208 1.35 -22.09 -27.95
N SER A 209 2.23 -22.67 -28.78
CA SER A 209 1.84 -23.43 -29.96
C SER A 209 0.69 -24.41 -29.71
N ARG A 210 0.56 -24.93 -28.49
CA ARG A 210 -0.49 -25.86 -28.16
C ARG A 210 -1.78 -25.13 -27.77
N ASN A 211 -2.79 -25.89 -27.34
CA ASN A 211 -4.07 -25.34 -26.94
C ASN A 211 -4.23 -25.40 -25.43
N LEU A 212 -5.29 -24.74 -24.94
CA LEU A 212 -5.60 -24.68 -23.52
C LEU A 212 -6.95 -25.32 -23.25
N GLU A 213 -7.24 -25.49 -21.96
CA GLU A 213 -8.50 -26.08 -21.48
C GLU A 213 -9.11 -25.09 -20.49
N TYR A 214 -10.12 -24.36 -20.93
CA TYR A 214 -10.78 -23.36 -20.09
C TYR A 214 -11.79 -23.96 -19.13
N ALA A 215 -12.19 -25.22 -19.30
CA ALA A 215 -13.16 -25.82 -18.40
C ALA A 215 -12.61 -25.93 -16.98
N ARG A 216 -11.46 -26.58 -16.82
CA ARG A 216 -10.86 -26.72 -15.50
C ARG A 216 -10.47 -25.37 -14.94
N LEU A 217 -10.03 -24.44 -15.79
CA LEU A 217 -9.65 -23.11 -15.32
C LEU A 217 -10.87 -22.39 -14.74
N ARG A 218 -12.01 -22.45 -15.43
CA ARG A 218 -13.21 -21.83 -14.92
C ARG A 218 -13.68 -22.52 -13.64
N LYS A 219 -13.52 -23.83 -13.57
CA LYS A 219 -13.92 -24.56 -12.37
C LYS A 219 -13.10 -24.10 -11.17
N ILE A 220 -11.78 -24.01 -11.34
CA ILE A 220 -10.92 -23.55 -10.25
C ILE A 220 -11.24 -22.10 -9.90
N ALA A 221 -11.54 -21.28 -10.91
CA ALA A 221 -11.85 -19.88 -10.66
C ALA A 221 -13.12 -19.74 -9.82
N ASP A 222 -14.17 -20.50 -10.15
CA ASP A 222 -15.40 -20.38 -9.38
C ASP A 222 -15.25 -21.04 -8.01
N GLU A 223 -14.37 -22.04 -7.89
CA GLU A 223 -14.18 -22.69 -6.60
C GLU A 223 -13.40 -21.78 -5.65
N ASN A 224 -12.50 -20.96 -6.19
CA ASN A 224 -11.71 -20.04 -5.39
C ASN A 224 -12.39 -18.69 -5.20
N GLY A 225 -13.54 -18.48 -5.82
CA GLY A 225 -14.24 -17.22 -5.68
C GLY A 225 -13.58 -16.06 -6.39
N ALA A 226 -12.97 -16.30 -7.54
CA ALA A 226 -12.28 -15.28 -8.31
C ALA A 226 -12.88 -15.21 -9.72
N TYR A 227 -12.37 -14.27 -10.51
CA TYR A 227 -12.79 -14.06 -11.88
C TYR A 227 -11.75 -14.62 -12.84
N LEU A 228 -12.13 -14.68 -14.12
CA LEU A 228 -11.25 -15.20 -15.16
C LEU A 228 -11.14 -14.18 -16.30
N MET A 229 -9.91 -13.84 -16.66
CA MET A 229 -9.64 -12.89 -17.74
C MET A 229 -8.76 -13.59 -18.76
N ALA A 230 -9.33 -13.86 -19.95
CA ALA A 230 -8.62 -14.53 -21.02
C ALA A 230 -8.11 -13.52 -22.04
N ASP A 231 -6.83 -13.64 -22.39
CA ASP A 231 -6.17 -12.77 -23.36
C ASP A 231 -5.90 -13.59 -24.62
N MET A 232 -6.86 -13.57 -25.55
CA MET A 232 -6.79 -14.29 -26.82
C MET A 232 -6.46 -13.37 -27.98
N ALA A 233 -5.59 -12.36 -27.75
CA ALA A 233 -5.23 -11.43 -28.80
C ALA A 233 -4.44 -12.11 -29.91
N HIS A 234 -3.64 -13.12 -29.57
CA HIS A 234 -2.85 -13.81 -30.58
C HIS A 234 -3.69 -14.73 -31.45
N ILE A 235 -4.67 -15.41 -30.87
CA ILE A 235 -5.52 -16.33 -31.61
C ILE A 235 -6.90 -15.75 -31.92
N SER A 236 -7.06 -14.43 -31.80
CA SER A 236 -8.34 -13.78 -32.06
C SER A 236 -8.93 -14.25 -33.40
N GLY A 237 -8.18 -14.06 -34.48
CA GLY A 237 -8.65 -14.49 -35.79
C GLY A 237 -9.06 -15.95 -35.80
N LEU A 238 -8.26 -16.81 -35.16
CA LEU A 238 -8.60 -18.22 -35.11
C LEU A 238 -9.95 -18.43 -34.45
N VAL A 239 -10.20 -17.74 -33.34
CA VAL A 239 -11.48 -17.85 -32.65
C VAL A 239 -12.61 -17.38 -33.55
N ALA A 240 -12.32 -16.45 -34.45
CA ALA A 240 -13.35 -15.96 -35.36
C ALA A 240 -13.62 -16.93 -36.50
N ALA A 241 -12.74 -17.93 -36.69
CA ALA A 241 -12.91 -18.91 -37.75
C ALA A 241 -13.50 -20.23 -37.27
N GLY A 242 -13.48 -20.49 -35.96
CA GLY A 242 -14.01 -21.73 -35.42
C GLY A 242 -13.02 -22.87 -35.33
N VAL A 243 -11.76 -22.64 -35.71
CA VAL A 243 -10.76 -23.71 -35.63
C VAL A 243 -10.21 -23.86 -34.23
N VAL A 244 -10.40 -22.89 -33.36
CA VAL A 244 -9.93 -22.93 -31.98
C VAL A 244 -11.13 -22.76 -31.07
N PRO A 245 -11.29 -23.56 -30.03
CA PRO A 245 -12.44 -23.42 -29.14
C PRO A 245 -12.50 -22.02 -28.53
N SER A 246 -13.64 -21.37 -28.71
CA SER A 246 -13.81 -20.02 -28.17
C SER A 246 -13.96 -20.07 -26.66
N PRO A 247 -13.24 -19.23 -25.93
CA PRO A 247 -13.33 -19.22 -24.46
C PRO A 247 -14.43 -18.33 -23.90
N PHE A 248 -15.38 -17.89 -24.71
CA PHE A 248 -16.44 -17.02 -24.21
C PHE A 248 -17.38 -17.77 -23.27
N GLU A 249 -17.73 -19.01 -23.60
CA GLU A 249 -18.62 -19.80 -22.75
C GLU A 249 -17.94 -20.34 -21.50
N HIS A 250 -16.69 -19.96 -21.23
CA HIS A 250 -15.98 -20.43 -20.05
C HIS A 250 -15.30 -19.33 -19.25
N CYS A 251 -14.99 -18.18 -19.84
CA CYS A 251 -14.34 -17.09 -19.13
C CYS A 251 -15.30 -15.93 -18.92
N HIS A 252 -14.94 -15.07 -17.97
CA HIS A 252 -15.77 -13.90 -17.65
C HIS A 252 -15.39 -12.69 -18.50
N VAL A 253 -14.11 -12.31 -18.48
CA VAL A 253 -13.62 -11.17 -19.24
C VAL A 253 -12.71 -11.70 -20.34
N VAL A 254 -12.82 -11.11 -21.53
CA VAL A 254 -12.01 -11.50 -22.68
C VAL A 254 -11.44 -10.26 -23.32
N THR A 255 -10.11 -10.16 -23.38
CA THR A 255 -9.44 -9.02 -23.97
C THR A 255 -8.75 -9.44 -25.26
N THR A 256 -8.71 -8.53 -26.24
CA THR A 256 -8.07 -8.82 -27.51
C THR A 256 -7.75 -7.52 -28.23
N THR A 257 -7.03 -7.64 -29.34
CA THR A 257 -6.63 -6.51 -30.16
C THR A 257 -7.03 -6.80 -31.60
N THR A 258 -6.73 -5.85 -32.50
CA THR A 258 -7.06 -6.00 -33.90
C THR A 258 -5.88 -5.65 -34.80
N HIS A 259 -4.67 -5.65 -34.26
CA HIS A 259 -3.48 -5.35 -35.05
C HIS A 259 -2.64 -6.61 -35.24
N LYS A 260 -2.80 -7.56 -34.33
CA LYS A 260 -2.06 -8.82 -34.40
C LYS A 260 -2.69 -9.67 -35.45
N THR A 261 -4.01 -9.69 -35.45
CA THR A 261 -4.79 -10.46 -36.42
C THR A 261 -5.97 -9.64 -36.92
N LEU A 262 -6.90 -10.31 -37.60
CA LEU A 262 -8.12 -9.75 -38.18
C LEU A 262 -7.87 -8.75 -39.30
N ARG A 263 -6.60 -8.48 -39.65
CA ARG A 263 -6.24 -7.54 -40.71
C ARG A 263 -6.87 -6.17 -40.47
N GLY A 264 -6.58 -5.62 -39.30
CA GLY A 264 -7.10 -4.31 -38.92
C GLY A 264 -6.06 -3.38 -38.35
N CYS A 265 -6.50 -2.24 -37.83
CA CYS A 265 -5.60 -1.26 -37.25
C CYS A 265 -5.35 -1.58 -35.78
N ARG A 266 -4.48 -0.77 -35.17
CA ARG A 266 -4.13 -0.95 -33.76
C ARG A 266 -5.27 -0.43 -32.88
N ALA A 267 -5.93 -1.34 -32.16
CA ALA A 267 -7.03 -0.99 -31.28
C ALA A 267 -7.19 -2.11 -30.26
N GLY A 268 -8.25 -2.02 -29.45
CA GLY A 268 -8.52 -3.02 -28.44
C GLY A 268 -9.99 -3.37 -28.40
N MET A 269 -10.29 -4.50 -27.77
CA MET A 269 -11.66 -4.97 -27.65
C MET A 269 -11.80 -5.79 -26.38
N ILE A 270 -12.80 -5.44 -25.57
CA ILE A 270 -13.08 -6.11 -24.31
C ILE A 270 -14.49 -6.68 -24.35
N PHE A 271 -14.64 -7.91 -23.85
CA PHE A 271 -15.91 -8.61 -23.79
C PHE A 271 -16.17 -8.96 -22.33
N TYR A 272 -17.25 -8.42 -21.78
CA TYR A 272 -17.61 -8.66 -20.39
C TYR A 272 -18.97 -9.37 -20.32
N ARG A 273 -19.15 -10.15 -19.25
CA ARG A 273 -20.38 -10.89 -19.04
C ARG A 273 -21.39 -10.05 -18.27
N LYS A 274 -22.65 -10.09 -18.70
CA LYS A 274 -23.73 -9.35 -18.07
C LYS A 274 -24.97 -10.23 -18.03
N GLY A 275 -25.45 -10.51 -16.83
CA GLY A 275 -26.62 -11.35 -16.68
C GLY A 275 -26.79 -11.83 -15.26
N VAL A 276 -27.43 -13.00 -15.13
CA VAL A 276 -27.67 -13.62 -13.83
C VAL A 276 -26.46 -14.48 -13.47
N LYS A 277 -25.77 -14.11 -12.39
CA LYS A 277 -24.60 -14.88 -11.96
C LYS A 277 -25.01 -16.13 -11.19
N SER A 278 -25.79 -15.97 -10.13
CA SER A 278 -26.24 -17.09 -9.33
C SER A 278 -27.51 -16.68 -8.61
N VAL A 279 -28.18 -17.67 -8.02
CA VAL A 279 -29.41 -17.46 -7.28
C VAL A 279 -29.18 -17.84 -5.82
N ASP A 280 -29.89 -17.17 -4.92
CA ASP A 280 -29.77 -17.42 -3.49
C ASP A 280 -31.05 -18.04 -2.97
N PRO A 281 -31.02 -19.30 -2.50
CA PRO A 281 -32.26 -19.91 -1.99
C PRO A 281 -32.69 -19.37 -0.64
N LYS A 282 -31.80 -18.74 0.12
CA LYS A 282 -32.17 -18.21 1.42
C LYS A 282 -33.06 -16.99 1.29
N THR A 283 -32.62 -16.00 0.51
CA THR A 283 -33.42 -14.79 0.32
C THR A 283 -34.47 -14.96 -0.77
N GLY A 284 -34.10 -15.60 -1.88
CA GLY A 284 -35.01 -15.83 -2.97
C GLY A 284 -34.84 -14.91 -4.16
N LYS A 285 -33.88 -13.99 -4.11
CA LYS A 285 -33.64 -13.07 -5.21
C LYS A 285 -32.61 -13.65 -6.17
N GLU A 286 -32.35 -12.92 -7.25
CA GLU A 286 -31.39 -13.32 -8.27
C GLU A 286 -30.25 -12.31 -8.32
N ILE A 287 -29.02 -12.79 -8.22
CA ILE A 287 -27.85 -11.92 -8.25
C ILE A 287 -27.50 -11.62 -9.71
N LEU A 288 -27.38 -10.34 -10.04
CA LEU A 288 -27.05 -9.90 -11.38
C LEU A 288 -25.60 -9.44 -11.45
N TYR A 289 -25.04 -9.51 -12.66
CA TYR A 289 -23.66 -9.09 -12.87
C TYR A 289 -23.53 -7.58 -12.69
N ASN A 290 -22.32 -7.15 -12.31
CA ASN A 290 -22.07 -5.73 -12.10
C ASN A 290 -20.73 -5.30 -12.68
N LEU A 291 -20.07 -6.15 -13.47
CA LEU A 291 -18.78 -5.79 -14.06
C LEU A 291 -18.91 -4.71 -15.13
N GLU A 292 -20.11 -4.54 -15.70
CA GLU A 292 -20.30 -3.53 -16.73
C GLU A 292 -20.03 -2.13 -16.18
N SER A 293 -20.63 -1.79 -15.04
CA SER A 293 -20.42 -0.47 -14.45
C SER A 293 -18.97 -0.29 -14.04
N LEU A 294 -18.34 -1.35 -13.52
CA LEU A 294 -16.94 -1.27 -13.11
C LEU A 294 -16.03 -0.97 -14.30
N ILE A 295 -16.21 -1.70 -15.40
CA ILE A 295 -15.35 -1.44 -16.55
C ILE A 295 -15.67 -0.09 -17.17
N ASN A 296 -16.94 0.34 -17.13
CA ASN A 296 -17.28 1.65 -17.70
C ASN A 296 -16.65 2.77 -16.88
N SER A 297 -16.59 2.60 -15.55
CA SER A 297 -15.99 3.63 -14.71
C SER A 297 -14.47 3.58 -14.77
N ALA A 298 -13.88 2.40 -14.97
CA ALA A 298 -12.43 2.30 -15.05
C ALA A 298 -11.90 2.78 -16.40
N VAL A 299 -12.69 2.65 -17.46
CA VAL A 299 -12.22 3.10 -18.77
C VAL A 299 -12.35 4.62 -18.89
N PHE A 300 -13.48 5.17 -18.42
CA PHE A 300 -13.68 6.62 -18.49
C PHE A 300 -14.57 7.09 -17.34
N PRO A 301 -14.09 8.03 -16.51
CA PRO A 301 -12.75 8.61 -16.63
C PRO A 301 -11.69 7.77 -15.91
N GLY A 302 -10.86 7.07 -16.68
CA GLY A 302 -9.82 6.24 -16.10
C GLY A 302 -8.42 6.64 -16.50
N LEU A 303 -7.78 5.80 -17.32
CA LEU A 303 -6.43 6.04 -17.80
C LEU A 303 -6.40 6.71 -19.17
N GLN A 304 -7.56 6.93 -19.79
CA GLN A 304 -7.65 7.56 -21.10
C GLN A 304 -8.65 8.70 -21.05
N GLY A 305 -8.61 9.54 -22.09
CA GLY A 305 -9.51 10.67 -22.17
C GLY A 305 -10.54 10.51 -23.27
N GLY A 306 -10.37 11.25 -24.37
CA GLY A 306 -11.27 11.19 -25.48
C GLY A 306 -11.01 9.98 -26.37
N PRO A 307 -12.07 9.33 -26.82
CA PRO A 307 -11.91 8.15 -27.68
C PRO A 307 -11.50 8.53 -29.09
N HIS A 308 -10.88 7.58 -29.77
CA HIS A 308 -10.40 7.76 -31.14
C HIS A 308 -11.45 7.21 -32.09
N ASN A 309 -12.12 8.11 -32.82
CA ASN A 309 -13.15 7.69 -33.76
C ASN A 309 -12.56 6.91 -34.93
N HIS A 310 -11.35 7.26 -35.36
CA HIS A 310 -10.71 6.55 -36.47
C HIS A 310 -10.47 5.09 -36.12
N ALA A 311 -10.00 4.82 -34.90
CA ALA A 311 -9.76 3.45 -34.48
C ALA A 311 -11.06 2.66 -34.41
N ILE A 312 -12.14 3.32 -33.97
CA ILE A 312 -13.43 2.65 -33.89
C ILE A 312 -13.93 2.30 -35.28
N ALA A 313 -13.80 3.23 -36.23
CA ALA A 313 -14.24 2.96 -37.60
C ALA A 313 -13.40 1.85 -38.21
N GLY A 314 -12.10 1.83 -37.92
CA GLY A 314 -11.24 0.80 -38.46
C GLY A 314 -11.59 -0.58 -37.92
N VAL A 315 -11.79 -0.68 -36.60
CA VAL A 315 -12.14 -1.99 -36.03
C VAL A 315 -13.52 -2.41 -36.51
N ALA A 316 -14.43 -1.46 -36.72
CA ALA A 316 -15.77 -1.81 -37.20
C ALA A 316 -15.71 -2.37 -38.62
N VAL A 317 -14.98 -1.68 -39.52
CA VAL A 317 -14.89 -2.17 -40.89
C VAL A 317 -14.13 -3.49 -40.93
N ALA A 318 -13.15 -3.69 -40.03
CA ALA A 318 -12.42 -4.94 -40.02
C ALA A 318 -13.32 -6.09 -39.57
N LEU A 319 -14.11 -5.87 -38.51
CA LEU A 319 -15.01 -6.91 -38.04
C LEU A 319 -16.08 -7.21 -39.08
N LYS A 320 -16.49 -6.18 -39.84
CA LYS A 320 -17.50 -6.41 -40.87
C LYS A 320 -16.92 -7.20 -42.03
N GLN A 321 -15.67 -6.90 -42.42
CA GLN A 321 -15.04 -7.63 -43.51
C GLN A 321 -14.72 -9.07 -43.11
N ALA A 322 -14.47 -9.31 -41.82
CA ALA A 322 -14.15 -10.65 -41.36
C ALA A 322 -15.37 -11.56 -41.28
N MET A 323 -16.56 -11.04 -41.58
CA MET A 323 -17.78 -11.84 -41.52
C MET A 323 -18.03 -12.65 -42.78
N THR A 324 -17.32 -12.37 -43.88
CA THR A 324 -17.51 -13.10 -45.12
C THR A 324 -16.71 -14.40 -45.09
N LEU A 325 -16.85 -15.19 -46.16
CA LEU A 325 -16.15 -16.46 -46.27
C LEU A 325 -14.65 -16.28 -46.52
N GLU A 326 -14.24 -15.08 -46.96
CA GLU A 326 -12.84 -14.83 -47.23
C GLU A 326 -12.00 -15.01 -45.96
N PHE A 327 -12.54 -14.62 -44.81
CA PHE A 327 -11.81 -14.76 -43.56
C PHE A 327 -11.58 -16.24 -43.24
N LYS A 328 -12.62 -17.06 -43.40
CA LYS A 328 -12.49 -18.49 -43.13
C LYS A 328 -11.50 -19.13 -44.10
N VAL A 329 -11.55 -18.74 -45.37
CA VAL A 329 -10.62 -19.30 -46.35
C VAL A 329 -9.20 -18.91 -46.00
N TYR A 330 -8.99 -17.66 -45.61
CA TYR A 330 -7.66 -17.19 -45.24
C TYR A 330 -7.14 -17.94 -44.02
N GLN A 331 -8.01 -18.16 -43.03
CA GLN A 331 -7.58 -18.88 -41.83
C GLN A 331 -7.22 -20.32 -42.16
N HIS A 332 -8.03 -20.98 -43.01
CA HIS A 332 -7.72 -22.36 -43.39
C HIS A 332 -6.40 -22.41 -44.13
N GLN A 333 -6.17 -21.45 -45.03
CA GLN A 333 -4.90 -21.42 -45.76
C GLN A 333 -3.73 -21.17 -44.82
N VAL A 334 -3.94 -20.35 -43.78
CA VAL A 334 -2.88 -20.08 -42.81
C VAL A 334 -2.53 -21.35 -42.05
N VAL A 335 -3.55 -22.10 -41.62
CA VAL A 335 -3.28 -23.34 -40.90
C VAL A 335 -2.56 -24.34 -41.81
N ALA A 336 -2.99 -24.43 -43.07
CA ALA A 336 -2.34 -25.35 -44.00
C ALA A 336 -0.89 -24.94 -44.22
N ASN A 337 -0.63 -23.63 -44.34
CA ASN A 337 0.73 -23.15 -44.54
C ASN A 337 1.59 -23.44 -43.33
N CYS A 338 1.01 -23.29 -42.12
CA CYS A 338 1.77 -23.57 -40.91
C CYS A 338 2.12 -25.05 -40.83
N ARG A 339 1.17 -25.92 -41.17
CA ARG A 339 1.43 -27.35 -41.15
C ARG A 339 2.52 -27.72 -42.15
N ALA A 340 2.44 -27.13 -43.36
CA ALA A 340 3.45 -27.41 -44.38
C ALA A 340 4.82 -26.92 -43.93
N LEU A 341 4.89 -25.74 -43.32
CA LEU A 341 6.17 -25.22 -42.85
C LEU A 341 6.74 -26.10 -41.76
N SER A 342 5.89 -26.57 -40.84
CA SER A 342 6.37 -27.42 -39.76
C SER A 342 6.91 -28.74 -40.31
N GLU A 343 6.17 -29.37 -41.22
CA GLU A 343 6.65 -30.65 -41.77
C GLU A 343 7.91 -30.45 -42.61
N ALA A 344 8.01 -29.33 -43.32
CA ALA A 344 9.20 -29.09 -44.14
C ALA A 344 10.41 -28.84 -43.25
N LEU A 345 10.23 -28.11 -42.16
CA LEU A 345 11.35 -27.84 -41.26
C LEU A 345 11.76 -29.11 -40.52
N THR A 346 10.80 -29.98 -40.20
CA THR A 346 11.11 -31.22 -39.50
C THR A 346 11.80 -32.20 -40.45
N GLU A 347 11.46 -32.16 -41.74
CA GLU A 347 12.09 -33.07 -42.69
C GLU A 347 13.57 -32.76 -42.88
N LEU A 348 13.96 -31.49 -42.77
CA LEU A 348 15.37 -31.13 -42.94
C LEU A 348 16.22 -31.69 -41.80
N GLY A 349 15.68 -31.72 -40.59
CA GLY A 349 16.42 -32.24 -39.46
C GLY A 349 16.22 -31.44 -38.19
N TYR A 350 15.46 -30.35 -38.29
CA TYR A 350 15.20 -29.51 -37.13
C TYR A 350 14.07 -30.07 -36.29
N LYS A 351 14.11 -29.80 -34.99
CA LYS A 351 13.12 -30.27 -34.04
C LYS A 351 12.24 -29.12 -33.58
N ILE A 352 10.94 -29.37 -33.49
CA ILE A 352 9.96 -28.38 -33.06
C ILE A 352 9.49 -28.75 -31.66
N VAL A 353 9.19 -27.72 -30.86
CA VAL A 353 8.74 -27.93 -29.49
C VAL A 353 7.40 -28.65 -29.51
N THR A 354 7.21 -29.58 -28.58
CA THR A 354 6.01 -30.40 -28.41
C THR A 354 5.69 -31.24 -29.64
N GLY A 355 6.62 -31.37 -30.57
CA GLY A 355 6.40 -32.17 -31.77
C GLY A 355 5.29 -31.64 -32.67
N GLY A 356 5.39 -30.38 -33.07
CA GLY A 356 4.41 -29.77 -33.93
C GLY A 356 3.85 -28.50 -33.30
N SER A 357 2.69 -28.09 -33.81
CA SER A 357 2.03 -26.89 -33.31
C SER A 357 0.56 -26.95 -33.71
N ASP A 358 -0.27 -26.25 -32.95
CA ASP A 358 -1.71 -26.20 -33.20
C ASP A 358 -2.18 -24.87 -33.78
N ASN A 359 -1.53 -23.77 -33.44
CA ASN A 359 -1.90 -22.45 -33.94
C ASN A 359 -1.08 -22.12 -35.18
N HIS A 360 -1.19 -20.87 -35.64
CA HIS A 360 -0.46 -20.45 -36.82
C HIS A 360 1.03 -20.28 -36.54
N LEU A 361 1.37 -19.79 -35.34
CA LEU A 361 2.76 -19.59 -34.98
C LEU A 361 3.44 -20.90 -34.62
N ILE A 362 4.77 -20.89 -34.68
CA ILE A 362 5.60 -22.04 -34.35
C ILE A 362 6.83 -21.55 -33.60
N LEU A 363 7.41 -22.46 -32.82
CA LEU A 363 8.60 -22.18 -32.02
C LEU A 363 9.67 -23.21 -32.37
N VAL A 364 10.67 -22.79 -33.13
CA VAL A 364 11.74 -23.68 -33.55
C VAL A 364 12.84 -23.67 -32.50
N ASP A 365 13.41 -24.84 -32.24
CA ASP A 365 14.48 -25.01 -31.25
C ASP A 365 15.78 -25.33 -31.98
N LEU A 366 16.89 -24.79 -31.46
CA LEU A 366 18.21 -25.01 -32.04
C LEU A 366 19.22 -25.52 -31.02
N ARG A 367 18.76 -25.94 -29.83
CA ARG A 367 19.69 -26.45 -28.82
C ARG A 367 20.46 -27.65 -29.34
N SER A 368 19.81 -28.50 -30.13
CA SER A 368 20.50 -29.68 -30.67
C SER A 368 21.55 -29.29 -31.69
N LYS A 369 21.43 -28.09 -32.29
CA LYS A 369 22.41 -27.66 -33.28
C LYS A 369 23.64 -27.06 -32.63
N GLY A 370 23.45 -26.24 -31.59
CA GLY A 370 24.57 -25.62 -30.91
C GLY A 370 24.73 -24.16 -31.23
N THR A 371 23.64 -23.50 -31.62
CA THR A 371 23.65 -22.08 -31.97
C THR A 371 22.63 -21.34 -31.12
N ASP A 372 23.06 -20.23 -30.52
CA ASP A 372 22.16 -19.45 -29.69
C ASP A 372 21.11 -18.74 -30.54
N GLY A 373 20.03 -18.33 -29.88
CA GLY A 373 18.96 -17.65 -30.59
C GLY A 373 19.36 -16.28 -31.11
N GLY A 374 20.20 -15.57 -30.35
CA GLY A 374 20.63 -14.25 -30.77
C GLY A 374 21.47 -14.28 -32.03
N ARG A 375 22.44 -15.19 -32.10
CA ARG A 375 23.28 -15.29 -33.29
C ARG A 375 22.47 -15.64 -34.53
N ALA A 376 21.58 -16.63 -34.40
CA ALA A 376 20.75 -17.02 -35.53
C ALA A 376 19.82 -15.89 -35.94
N GLU A 377 19.28 -15.16 -34.96
CA GLU A 377 18.39 -14.04 -35.27
C GLU A 377 19.14 -12.95 -36.03
N LYS A 378 20.36 -12.62 -35.58
CA LYS A 378 21.14 -11.59 -36.26
C LYS A 378 21.52 -12.04 -37.66
N VAL A 379 21.87 -13.31 -37.83
CA VAL A 379 22.24 -13.82 -39.15
C VAL A 379 21.03 -13.76 -40.10
N LEU A 380 19.85 -14.13 -39.60
CA LEU A 380 18.66 -14.08 -40.44
C LEU A 380 18.29 -12.65 -40.79
N GLU A 381 18.41 -11.73 -39.83
CA GLU A 381 18.09 -10.33 -40.10
C GLU A 381 19.08 -9.72 -41.07
N ALA A 382 20.32 -10.21 -41.08
CA ALA A 382 21.33 -9.68 -41.99
C ALA A 382 21.12 -10.15 -43.42
N CYS A 383 20.43 -11.26 -43.64
CA CYS A 383 20.16 -11.80 -44.97
C CYS A 383 18.75 -11.50 -45.44
N SER A 384 18.16 -10.39 -44.97
CA SER A 384 16.81 -9.97 -45.35
C SER A 384 15.76 -11.04 -45.00
N ILE A 385 15.78 -11.48 -43.75
CA ILE A 385 14.83 -12.48 -43.26
C ILE A 385 14.41 -12.07 -41.85
N ALA A 386 13.11 -11.87 -41.66
CA ALA A 386 12.57 -11.46 -40.37
C ALA A 386 12.39 -12.66 -39.45
N CYS A 387 12.66 -12.46 -38.17
CA CYS A 387 12.54 -13.48 -37.14
C CYS A 387 12.77 -12.82 -35.79
N ASN A 388 12.34 -13.51 -34.73
CA ASN A 388 12.49 -13.00 -33.37
C ASN A 388 12.77 -14.15 -32.41
N LYS A 389 13.80 -13.98 -31.59
CA LYS A 389 14.17 -14.99 -30.62
C LYS A 389 13.20 -15.00 -29.44
N ASN A 390 13.26 -16.08 -28.67
CA ASN A 390 12.42 -16.27 -27.51
C ASN A 390 12.98 -17.42 -26.68
N THR A 391 12.72 -17.37 -25.37
CA THR A 391 13.21 -18.40 -24.48
C THR A 391 12.45 -19.70 -24.68
N CYS A 392 13.19 -20.80 -24.76
CA CYS A 392 12.66 -22.15 -24.95
C CYS A 392 12.35 -22.79 -23.60
N PRO A 393 11.25 -23.54 -23.51
CA PRO A 393 10.90 -24.18 -22.23
C PRO A 393 12.01 -25.11 -21.77
N GLY A 394 12.56 -24.82 -20.58
CA GLY A 394 13.63 -25.61 -20.01
C GLY A 394 14.94 -24.87 -19.85
N ASP A 395 15.04 -23.63 -20.30
CA ASP A 395 16.27 -22.86 -20.19
C ASP A 395 16.46 -22.36 -18.76
N ARG A 396 17.71 -22.15 -18.38
CA ARG A 396 18.05 -21.65 -17.05
C ARG A 396 17.75 -20.18 -16.88
N SER A 397 17.72 -19.40 -17.96
CA SER A 397 17.44 -17.98 -17.88
C SER A 397 16.99 -17.48 -19.24
N ALA A 398 16.61 -16.21 -19.30
CA ALA A 398 16.15 -15.57 -20.52
C ALA A 398 17.20 -14.65 -21.12
N LEU A 399 18.43 -14.67 -20.61
CA LEU A 399 19.47 -13.80 -21.15
C LEU A 399 19.91 -14.26 -22.54
N ARG A 400 20.14 -15.57 -22.70
CA ARG A 400 20.57 -16.15 -23.97
C ARG A 400 19.50 -17.16 -24.41
N PRO A 401 18.46 -16.70 -25.10
CA PRO A 401 17.40 -17.62 -25.53
C PRO A 401 17.92 -18.60 -26.57
N SER A 402 17.17 -19.70 -26.73
CA SER A 402 17.51 -20.75 -27.68
C SER A 402 16.37 -21.07 -28.64
N GLY A 403 15.26 -20.33 -28.57
CA GLY A 403 14.14 -20.60 -29.46
C GLY A 403 13.88 -19.45 -30.42
N LEU A 404 13.23 -19.75 -31.54
CA LEU A 404 12.91 -18.74 -32.55
C LEU A 404 11.44 -18.84 -32.88
N ARG A 405 10.71 -17.73 -32.77
CA ARG A 405 9.28 -17.71 -33.07
C ARG A 405 9.07 -17.35 -34.53
N LEU A 406 8.33 -18.18 -35.25
CA LEU A 406 8.05 -17.96 -36.65
C LEU A 406 6.55 -18.02 -36.90
N GLY A 407 6.14 -17.42 -38.01
CA GLY A 407 4.75 -17.39 -38.40
C GLY A 407 4.62 -17.00 -39.86
N THR A 408 3.43 -17.22 -40.41
CA THR A 408 3.22 -16.87 -41.81
C THR A 408 1.92 -16.13 -42.09
N PRO A 409 1.55 -15.10 -41.29
CA PRO A 409 0.29 -14.38 -41.59
C PRO A 409 0.46 -13.47 -42.79
N ALA A 410 1.58 -12.74 -42.82
CA ALA A 410 1.84 -11.82 -43.92
C ALA A 410 2.08 -12.57 -45.22
N LEU A 411 2.81 -13.69 -45.17
CA LEU A 411 3.07 -14.46 -46.38
C LEU A 411 1.78 -14.99 -46.97
N THR A 412 0.87 -15.48 -46.12
CA THR A 412 -0.41 -15.99 -46.62
C THR A 412 -1.29 -14.84 -47.14
N SER A 413 -1.25 -13.69 -46.46
CA SER A 413 -2.06 -12.56 -46.90
C SER A 413 -1.53 -11.98 -48.21
N ARG A 414 -0.25 -12.16 -48.51
CA ARG A 414 0.31 -11.64 -49.74
C ARG A 414 0.02 -12.55 -50.93
N GLY A 415 -0.01 -13.86 -50.71
CA GLY A 415 -0.28 -14.78 -51.79
C GLY A 415 0.60 -16.01 -51.82
N LEU A 416 1.45 -16.17 -50.80
CA LEU A 416 2.33 -17.33 -50.75
C LEU A 416 1.53 -18.61 -50.54
N LEU A 417 1.93 -19.67 -51.23
CA LEU A 417 1.28 -20.97 -51.15
C LEU A 417 2.22 -21.99 -50.53
N GLU A 418 1.72 -23.22 -50.37
CA GLU A 418 2.51 -24.28 -49.78
C GLU A 418 3.68 -24.69 -50.66
N LYS A 419 3.61 -24.42 -51.97
CA LYS A 419 4.70 -24.79 -52.87
C LYS A 419 5.97 -23.97 -52.63
N ASP A 420 5.84 -22.76 -52.10
CA ASP A 420 6.99 -21.92 -51.82
C ASP A 420 7.55 -22.13 -50.43
N PHE A 421 6.82 -22.83 -49.56
CA PHE A 421 7.33 -23.07 -48.20
C PHE A 421 8.55 -23.97 -48.22
N GLN A 422 8.63 -24.89 -49.18
CA GLN A 422 9.81 -25.75 -49.26
C GLN A 422 11.04 -24.91 -49.62
N LYS A 423 10.85 -23.94 -50.51
CA LYS A 423 11.96 -23.07 -50.90
C LYS A 423 12.38 -22.18 -49.75
N VAL A 424 11.41 -21.63 -49.01
CA VAL A 424 11.79 -20.78 -47.87
C VAL A 424 12.45 -21.63 -46.80
N ALA A 425 12.06 -22.90 -46.67
CA ALA A 425 12.69 -23.78 -45.70
C ALA A 425 14.12 -24.07 -46.10
N HIS A 426 14.36 -24.26 -47.41
CA HIS A 426 15.72 -24.49 -47.89
C HIS A 426 16.58 -23.25 -47.64
N PHE A 427 15.99 -22.06 -47.82
CA PHE A 427 16.73 -20.83 -47.57
C PHE A 427 17.08 -20.72 -46.09
N ILE A 428 16.13 -21.08 -45.22
CA ILE A 428 16.38 -21.03 -43.79
C ILE A 428 17.48 -22.02 -43.41
N HIS A 429 17.48 -23.19 -44.06
CA HIS A 429 18.52 -24.19 -43.79
C HIS A 429 19.88 -23.67 -44.23
N ARG A 430 19.93 -22.97 -45.37
CA ARG A 430 21.20 -22.41 -45.83
C ARG A 430 21.69 -21.35 -44.85
N GLY A 431 20.76 -20.53 -44.34
CA GLY A 431 21.14 -19.52 -43.38
C GLY A 431 21.64 -20.14 -42.08
N ILE A 432 21.03 -21.26 -41.69
CA ILE A 432 21.47 -21.95 -40.48
C ILE A 432 22.86 -22.52 -40.68
N GLU A 433 23.14 -23.06 -41.87
CA GLU A 433 24.47 -23.58 -42.14
C GLU A 433 25.50 -22.45 -42.11
N LEU A 434 25.13 -21.29 -42.65
CA LEU A 434 26.03 -20.15 -42.67
C LEU A 434 26.31 -19.68 -41.24
N THR A 435 25.27 -19.56 -40.41
CA THR A 435 25.50 -19.14 -39.03
C THR A 435 26.31 -20.17 -38.26
N LEU A 436 26.15 -21.46 -38.59
CA LEU A 436 26.92 -22.49 -37.92
C LEU A 436 28.40 -22.36 -38.28
N GLN A 437 28.69 -22.13 -39.56
CA GLN A 437 30.08 -21.96 -39.98
C GLN A 437 30.68 -20.71 -39.35
N ILE A 438 29.88 -19.63 -39.26
CA ILE A 438 30.38 -18.40 -38.66
C ILE A 438 30.69 -18.62 -37.19
N GLN A 439 29.79 -19.32 -36.47
CA GLN A 439 30.02 -19.60 -35.06
C GLN A 439 31.25 -20.47 -34.87
N SER A 440 31.45 -21.45 -35.75
CA SER A 440 32.62 -22.31 -35.65
C SER A 440 33.89 -21.58 -36.02
N ASP A 441 33.78 -20.48 -36.77
CA ASP A 441 34.95 -19.69 -37.16
C ASP A 441 35.27 -18.58 -36.18
N THR A 442 34.24 -17.97 -35.57
CA THR A 442 34.48 -16.88 -34.62
C THR A 442 35.06 -17.41 -33.31
N GLY A 443 34.57 -18.55 -32.84
CA GLY A 443 35.07 -19.12 -31.60
C GLY A 443 34.01 -19.85 -30.80
N VAL A 444 34.40 -20.40 -29.65
CA VAL A 444 33.45 -21.13 -28.81
C VAL A 444 32.58 -20.18 -28.01
N ARG A 445 33.18 -19.13 -27.44
CA ARG A 445 32.48 -18.14 -26.65
C ARG A 445 32.74 -16.74 -27.18
N ALA A 446 32.59 -16.58 -28.49
CA ALA A 446 32.81 -15.28 -29.10
C ALA A 446 31.71 -14.31 -28.72
N THR A 447 32.07 -13.03 -28.60
CA THR A 447 31.12 -11.99 -28.23
C THR A 447 30.32 -11.54 -29.46
N LEU A 448 29.38 -10.62 -29.22
CA LEU A 448 28.56 -10.13 -30.32
C LEU A 448 29.35 -9.22 -31.26
N LYS A 449 30.37 -8.54 -30.74
CA LYS A 449 31.19 -7.66 -31.58
C LYS A 449 31.91 -8.46 -32.66
N GLU A 450 32.61 -9.52 -32.27
CA GLU A 450 33.32 -10.33 -33.25
C GLU A 450 32.35 -10.98 -34.22
N PHE A 451 31.15 -11.36 -33.74
CA PHE A 451 30.16 -11.97 -34.61
C PHE A 451 29.70 -11.00 -35.69
N LYS A 452 29.29 -9.79 -35.28
CA LYS A 452 28.85 -8.80 -36.26
C LYS A 452 29.98 -8.37 -37.17
N GLU A 453 31.22 -8.43 -36.69
CA GLU A 453 32.35 -8.06 -37.54
C GLU A 453 32.63 -9.13 -38.58
N ARG A 454 32.49 -10.40 -38.20
CA ARG A 454 32.71 -11.50 -39.13
C ARG A 454 31.52 -11.73 -40.05
N LEU A 455 30.35 -11.15 -39.74
CA LEU A 455 29.19 -11.32 -40.59
C LEU A 455 29.45 -10.81 -42.00
N ALA A 456 30.18 -9.70 -42.12
CA ALA A 456 30.51 -9.11 -43.41
C ALA A 456 31.93 -9.44 -43.85
N GLY A 457 32.52 -10.50 -43.31
CA GLY A 457 33.87 -10.87 -43.68
C GLY A 457 33.97 -11.32 -45.13
N ASP A 458 35.20 -11.28 -45.64
CA ASP A 458 35.44 -11.68 -47.03
C ASP A 458 35.03 -13.13 -47.28
N LYS A 459 35.19 -13.99 -46.29
CA LYS A 459 34.81 -15.40 -46.45
C LYS A 459 33.31 -15.61 -46.34
N TYR A 460 32.56 -14.60 -45.90
CA TYR A 460 31.12 -14.72 -45.76
C TYR A 460 30.33 -13.63 -46.47
N GLN A 461 31.00 -12.62 -47.05
CA GLN A 461 30.27 -11.55 -47.72
C GLN A 461 29.58 -12.05 -48.98
N ALA A 462 30.25 -12.91 -49.75
CA ALA A 462 29.65 -13.43 -50.98
C ALA A 462 28.41 -14.28 -50.68
N ALA A 463 28.48 -15.11 -49.64
CA ALA A 463 27.36 -15.97 -49.29
C ALA A 463 26.14 -15.14 -48.88
N VAL A 464 26.33 -14.21 -47.95
CA VAL A 464 25.20 -13.38 -47.50
C VAL A 464 24.69 -12.51 -48.64
N GLN A 465 25.58 -12.04 -49.53
CA GLN A 465 25.14 -11.22 -50.64
C GLN A 465 24.28 -12.02 -51.60
N ALA A 466 24.70 -13.24 -51.93
CA ALA A 466 23.93 -14.09 -52.83
C ALA A 466 22.59 -14.44 -52.20
N LEU A 467 22.58 -14.75 -50.90
CA LEU A 467 21.32 -15.08 -50.24
C LEU A 467 20.38 -13.90 -50.23
N ARG A 468 20.90 -12.70 -49.96
CA ARG A 468 20.06 -11.51 -49.95
C ARG A 468 19.49 -11.23 -51.34
N GLU A 469 20.32 -11.38 -52.38
CA GLU A 469 19.84 -11.15 -53.73
C GLU A 469 18.77 -12.17 -54.10
N GLU A 470 18.96 -13.43 -53.71
CA GLU A 470 17.99 -14.47 -54.04
C GLU A 470 16.66 -14.21 -53.34
N VAL A 471 16.70 -13.92 -52.03
CA VAL A 471 15.45 -13.66 -51.32
C VAL A 471 14.78 -12.39 -51.84
N GLU A 472 15.58 -11.40 -52.26
CA GLU A 472 14.98 -10.17 -52.79
C GLU A 472 14.29 -10.44 -54.12
N SER A 473 14.93 -11.20 -55.00
CA SER A 473 14.32 -11.52 -56.29
C SER A 473 13.09 -12.41 -56.11
N PHE A 474 13.09 -13.24 -55.08
CA PHE A 474 11.94 -14.11 -54.84
C PHE A 474 10.78 -13.37 -54.20
N ALA A 475 11.07 -12.34 -53.39
CA ALA A 475 10.02 -11.57 -52.73
C ALA A 475 9.50 -10.42 -53.59
N SER A 476 10.27 -9.96 -54.57
CA SER A 476 9.84 -8.87 -55.43
C SER A 476 8.84 -9.30 -56.50
N LEU A 477 8.34 -10.53 -56.45
CA LEU A 477 7.39 -11.05 -57.42
C LEU A 477 5.94 -10.94 -56.96
N PHE A 478 5.70 -11.15 -55.67
CA PHE A 478 4.34 -11.08 -55.13
C PHE A 478 4.01 -9.63 -54.74
N PRO A 479 2.77 -9.21 -54.96
CA PRO A 479 2.38 -7.83 -54.60
C PRO A 479 2.23 -7.67 -53.10
N LEU A 480 2.02 -6.42 -52.69
CA LEU A 480 1.86 -6.06 -51.29
C LEU A 480 0.57 -5.25 -51.15
N PRO A 481 -0.39 -5.70 -50.34
CA PRO A 481 -1.63 -4.94 -50.19
C PRO A 481 -1.38 -3.59 -49.54
N GLY A 482 -2.12 -2.59 -49.99
CA GLY A 482 -1.99 -1.25 -49.46
C GLY A 482 -2.41 -0.22 -50.50
N LEU A 483 -2.38 1.03 -50.08
CA LEU A 483 -2.76 2.14 -50.95
C LEU A 483 -1.75 2.28 -52.08
N PRO A 484 -2.17 2.18 -53.34
CA PRO A 484 -1.23 2.31 -54.46
C PRO A 484 -0.68 3.73 -54.55
N ASP A 485 0.64 3.85 -54.45
CA ASP A 485 1.33 5.14 -54.51
C ASP A 485 0.80 6.12 -53.46
N LEU B 17 -11.18 -19.00 -56.55
CA LEU B 17 -11.85 -18.56 -55.33
C LEU B 17 -11.01 -17.52 -54.60
N TRP B 18 -9.72 -17.83 -54.39
CA TRP B 18 -8.84 -16.90 -53.70
C TRP B 18 -8.55 -15.67 -54.56
N SER B 19 -8.56 -15.82 -55.89
CA SER B 19 -8.28 -14.68 -56.75
C SER B 19 -9.40 -13.66 -56.70
N SER B 20 -10.65 -14.12 -56.54
CA SER B 20 -11.78 -13.20 -56.48
C SER B 20 -11.75 -12.37 -55.20
N HIS B 21 -11.21 -12.93 -54.11
CA HIS B 21 -11.15 -12.20 -52.85
C HIS B 21 -10.01 -11.19 -52.83
N ASP B 22 -8.93 -11.46 -53.56
CA ASP B 22 -7.82 -10.52 -53.59
C ASP B 22 -8.22 -9.21 -54.25
N LYS B 23 -9.11 -9.26 -55.23
CA LYS B 23 -9.55 -8.04 -55.91
C LYS B 23 -10.36 -7.16 -54.97
N MET B 24 -11.27 -7.76 -54.18
CA MET B 24 -12.07 -6.99 -53.26
C MET B 24 -11.30 -6.60 -52.00
N LEU B 25 -10.18 -7.28 -51.72
CA LEU B 25 -9.40 -6.94 -50.53
C LEU B 25 -8.78 -5.55 -50.69
N ALA B 26 -8.34 -5.21 -51.90
CA ALA B 26 -7.74 -3.92 -52.19
C ALA B 26 -8.75 -2.94 -52.80
N GLN B 27 -10.03 -3.19 -52.63
CA GLN B 27 -11.09 -2.35 -53.15
C GLN B 27 -11.31 -1.15 -52.23
N PRO B 28 -11.58 0.03 -52.79
CA PRO B 28 -11.82 1.21 -51.94
C PRO B 28 -12.97 1.00 -50.98
N LEU B 29 -12.95 1.79 -49.90
CA LEU B 29 -13.98 1.69 -48.87
C LEU B 29 -15.36 2.04 -49.43
N LYS B 30 -15.42 2.87 -50.48
CA LYS B 30 -16.70 3.25 -51.06
C LYS B 30 -17.46 2.04 -51.59
N ASP B 31 -16.75 1.05 -52.12
CA ASP B 31 -17.38 -0.15 -52.66
C ASP B 31 -17.44 -1.29 -51.66
N SER B 32 -16.54 -1.31 -50.67
CA SER B 32 -16.54 -2.39 -49.69
C SER B 32 -17.70 -2.24 -48.70
N ASP B 33 -17.73 -1.13 -47.97
CA ASP B 33 -18.77 -0.86 -47.00
C ASP B 33 -19.37 0.52 -47.28
N VAL B 34 -20.68 0.55 -47.52
CA VAL B 34 -21.35 1.81 -47.81
C VAL B 34 -21.93 2.48 -46.57
N GLU B 35 -22.14 1.73 -45.49
CA GLU B 35 -22.70 2.34 -44.27
C GLU B 35 -21.72 3.33 -43.66
N VAL B 36 -20.48 2.90 -43.40
CA VAL B 36 -19.50 3.80 -42.83
C VAL B 36 -19.18 4.92 -43.80
N TYR B 37 -19.24 4.66 -45.10
CA TYR B 37 -18.98 5.70 -46.09
C TYR B 37 -20.04 6.79 -46.01
N ASN B 38 -21.31 6.39 -45.94
CA ASN B 38 -22.39 7.36 -45.83
C ASN B 38 -22.31 8.11 -44.51
N ILE B 39 -21.90 7.42 -43.44
CA ILE B 39 -21.78 8.07 -42.13
C ILE B 39 -20.69 9.14 -42.18
N ILE B 40 -19.55 8.81 -42.78
CA ILE B 40 -18.45 9.77 -42.89
C ILE B 40 -18.87 10.95 -43.76
N LYS B 41 -19.59 10.68 -44.86
CA LYS B 41 -20.03 11.76 -45.73
C LYS B 41 -21.00 12.68 -45.01
N LYS B 42 -21.94 12.10 -44.24
CA LYS B 42 -22.89 12.92 -43.49
C LYS B 42 -22.18 13.75 -42.43
N GLU B 43 -21.19 13.17 -41.75
CA GLU B 43 -20.45 13.91 -40.73
C GLU B 43 -19.68 15.06 -41.36
N SER B 44 -19.07 14.82 -42.52
CA SER B 44 -18.32 15.87 -43.20
C SER B 44 -19.25 16.98 -43.67
N ASN B 45 -20.43 16.61 -44.19
CA ASN B 45 -21.39 17.61 -44.65
C ASN B 45 -21.91 18.44 -43.47
N ARG B 46 -22.10 17.79 -42.32
CA ARG B 46 -22.59 18.51 -41.15
C ARG B 46 -21.53 19.46 -40.60
N GLN B 47 -20.28 19.00 -40.51
CA GLN B 47 -19.22 19.86 -40.01
C GLN B 47 -18.84 20.96 -41.01
N ARG B 48 -19.16 20.77 -42.29
CA ARG B 48 -18.84 21.79 -43.29
C ARG B 48 -19.84 22.93 -43.26
N VAL B 49 -21.14 22.60 -43.25
CA VAL B 49 -22.18 23.63 -43.22
C VAL B 49 -22.46 24.14 -41.81
N GLY B 50 -21.86 23.55 -40.79
CA GLY B 50 -22.05 23.95 -39.42
C GLY B 50 -20.79 24.56 -38.83
N LEU B 51 -20.98 25.48 -37.88
CA LEU B 51 -19.88 26.16 -37.21
C LEU B 51 -19.88 25.79 -35.74
N GLU B 52 -18.68 25.71 -35.16
CA GLU B 52 -18.52 25.36 -33.75
C GLU B 52 -17.63 26.39 -33.08
N LEU B 53 -17.76 26.47 -31.74
CA LEU B 53 -16.97 27.41 -30.95
C LEU B 53 -16.22 26.68 -29.84
N ILE B 54 -15.94 25.39 -30.00
CA ILE B 54 -15.24 24.62 -29.00
C ILE B 54 -13.74 24.94 -29.07
N ALA B 55 -13.12 25.07 -27.91
CA ALA B 55 -11.69 25.38 -27.82
C ALA B 55 -10.81 24.14 -27.77
N SER B 56 -11.41 22.95 -27.66
CA SER B 56 -10.64 21.70 -27.60
C SER B 56 -10.65 20.95 -28.92
N GLU B 57 -10.99 21.62 -30.02
CA GLU B 57 -11.02 20.99 -31.33
C GLU B 57 -10.41 21.94 -32.36
N ASN B 58 -9.72 21.37 -33.34
CA ASN B 58 -9.09 22.16 -34.39
C ASN B 58 -8.90 21.28 -35.61
N PHE B 59 -9.11 21.87 -36.79
CA PHE B 59 -8.96 21.12 -38.03
C PHE B 59 -7.49 20.88 -38.34
N ALA B 60 -7.18 19.69 -38.82
CA ALA B 60 -5.82 19.31 -39.16
C ALA B 60 -5.62 19.33 -40.67
N SER B 61 -4.40 19.63 -41.08
CA SER B 61 -4.08 19.68 -42.51
C SER B 61 -4.05 18.26 -43.09
N ARG B 62 -3.96 18.21 -44.42
CA ARG B 62 -3.92 16.93 -45.12
C ARG B 62 -2.59 16.19 -44.95
N ALA B 63 -1.55 16.87 -44.47
CA ALA B 63 -0.25 16.21 -44.28
C ALA B 63 -0.36 15.09 -43.25
N VAL B 64 -0.90 15.41 -42.07
CA VAL B 64 -1.03 14.39 -41.03
C VAL B 64 -2.01 13.32 -41.47
N LEU B 65 -3.03 13.67 -42.24
CA LEU B 65 -4.00 12.68 -42.72
C LEU B 65 -3.34 11.69 -43.66
N GLU B 66 -2.47 12.17 -44.55
CA GLU B 66 -1.79 11.28 -45.48
C GLU B 66 -0.70 10.49 -44.76
N ALA B 67 -0.12 11.05 -43.70
CA ALA B 67 0.92 10.34 -42.97
C ALA B 67 0.34 9.23 -42.10
N LEU B 68 -0.86 9.44 -41.55
CA LEU B 68 -1.47 8.41 -40.71
C LEU B 68 -1.88 7.20 -41.54
N GLY B 69 -2.34 7.41 -42.76
CA GLY B 69 -2.76 6.31 -43.62
C GLY B 69 -1.64 5.75 -44.47
N SER B 70 -0.40 5.92 -44.02
CA SER B 70 0.76 5.41 -44.75
C SER B 70 0.94 3.92 -44.44
N CYS B 71 2.07 3.36 -44.89
CA CYS B 71 2.37 1.95 -44.66
C CYS B 71 3.01 1.69 -43.31
N LEU B 72 3.17 2.72 -42.47
CA LEU B 72 3.77 2.56 -41.16
C LEU B 72 2.83 1.93 -40.13
N ASN B 73 1.57 1.71 -40.49
CA ASN B 73 0.61 1.12 -39.57
C ASN B 73 0.78 -0.38 -39.42
N ASN B 74 1.68 -1.01 -40.18
CA ASN B 74 1.91 -2.44 -40.09
C ASN B 74 3.23 -2.82 -39.44
N LYS B 75 4.17 -1.89 -39.35
CA LYS B 75 5.46 -2.20 -38.73
C LYS B 75 5.30 -2.30 -37.22
N TYR B 76 5.93 -3.32 -36.64
CA TYR B 76 5.90 -3.57 -35.20
C TYR B 76 7.34 -3.56 -34.70
N SER B 77 7.79 -2.38 -34.25
CA SER B 77 9.15 -2.20 -33.74
C SER B 77 9.07 -1.70 -32.31
N GLU B 78 9.38 -2.57 -31.35
CA GLU B 78 9.34 -2.22 -29.94
C GLU B 78 10.72 -1.71 -29.48
N GLY B 79 10.71 -0.98 -28.38
CA GLY B 79 11.92 -0.43 -27.80
C GLY B 79 12.28 0.94 -28.35
N TYR B 80 13.32 1.51 -27.76
CA TYR B 80 13.84 2.82 -28.10
C TYR B 80 14.97 2.69 -29.13
N PRO B 81 15.29 3.77 -29.84
CA PRO B 81 16.38 3.69 -30.83
C PRO B 81 17.70 3.32 -30.17
N GLY B 82 18.39 2.35 -30.78
CA GLY B 82 19.65 1.87 -30.27
C GLY B 82 19.55 0.66 -29.37
N GLN B 83 18.37 0.40 -28.80
CA GLN B 83 18.12 -0.73 -27.92
C GLN B 83 16.89 -1.49 -28.36
N ARG B 84 16.69 -1.60 -29.68
CA ARG B 84 15.55 -2.30 -30.22
C ARG B 84 15.63 -3.80 -29.95
N TYR B 85 14.49 -4.46 -30.05
CA TYR B 85 14.41 -5.90 -29.81
C TYR B 85 14.34 -6.71 -31.09
N TYR B 86 13.94 -6.10 -32.20
CA TYR B 86 13.84 -6.78 -33.49
C TYR B 86 14.91 -6.25 -34.43
N GLY B 87 14.88 -6.74 -35.67
CA GLY B 87 15.85 -6.33 -36.67
C GLY B 87 15.23 -5.59 -37.84
N GLY B 88 16.05 -4.85 -38.57
CA GLY B 88 15.58 -4.09 -39.71
C GLY B 88 14.67 -2.93 -39.33
N THR B 89 15.07 -2.18 -38.31
CA THR B 89 14.31 -1.03 -37.83
C THR B 89 15.13 0.25 -37.92
N GLU B 90 15.90 0.39 -39.01
CA GLU B 90 16.72 1.59 -39.17
C GLU B 90 15.86 2.80 -39.54
N PHE B 91 14.86 2.60 -40.40
CA PHE B 91 14.00 3.70 -40.81
C PHE B 91 13.19 4.22 -39.62
N ILE B 92 12.72 3.31 -38.76
CA ILE B 92 11.95 3.72 -37.59
C ILE B 92 12.82 4.54 -36.65
N ASP B 93 14.07 4.09 -36.44
CA ASP B 93 14.97 4.83 -35.57
C ASP B 93 15.29 6.21 -36.15
N GLU B 94 15.49 6.28 -37.46
CA GLU B 94 15.78 7.57 -38.09
C GLU B 94 14.59 8.51 -37.96
N LEU B 95 13.37 8.00 -38.17
CA LEU B 95 12.18 8.84 -38.04
C LEU B 95 12.01 9.31 -36.61
N GLU B 96 12.26 8.44 -35.64
CA GLU B 96 12.12 8.84 -34.24
C GLU B 96 13.15 9.90 -33.88
N THR B 97 14.39 9.74 -34.37
CA THR B 97 15.43 10.73 -34.09
C THR B 97 15.07 12.07 -34.73
N LEU B 98 14.53 12.04 -35.95
CA LEU B 98 14.14 13.28 -36.61
C LEU B 98 13.01 13.96 -35.84
N CYS B 99 12.04 13.18 -35.36
CA CYS B 99 10.95 13.76 -34.59
C CYS B 99 11.45 14.37 -33.29
N GLN B 100 12.39 13.68 -32.64
CA GLN B 100 12.95 14.20 -31.39
C GLN B 100 13.70 15.50 -31.64
N LYS B 101 14.48 15.56 -32.73
CA LYS B 101 15.21 16.78 -33.04
C LYS B 101 14.25 17.92 -33.35
N ARG B 102 13.18 17.63 -34.11
CA ARG B 102 12.21 18.66 -34.43
C ARG B 102 11.52 19.18 -33.18
N ALA B 103 11.20 18.28 -32.24
CA ALA B 103 10.54 18.71 -31.01
C ALA B 103 11.50 19.52 -30.14
N LEU B 104 12.78 19.16 -30.13
CA LEU B 104 13.75 19.90 -29.32
C LEU B 104 14.03 21.26 -29.92
N GLN B 105 13.97 21.40 -31.25
CA GLN B 105 14.21 22.67 -31.91
C GLN B 105 12.97 23.54 -32.02
N ALA B 106 11.78 22.97 -31.82
CA ALA B 106 10.56 23.75 -31.90
C ALA B 106 10.40 24.73 -30.76
N TYR B 107 11.05 24.48 -29.63
CA TYR B 107 10.98 25.38 -28.46
C TYR B 107 12.32 26.00 -28.12
N LYS B 108 13.30 25.91 -29.01
CA LYS B 108 14.64 26.48 -28.79
C LYS B 108 15.27 25.92 -27.51
N LEU B 109 15.10 24.62 -27.29
CA LEU B 109 15.63 23.93 -26.12
C LEU B 109 16.97 23.30 -26.47
N ASP B 110 17.91 23.39 -25.54
CA ASP B 110 19.25 22.83 -25.75
C ASP B 110 19.18 21.31 -25.66
N PRO B 111 19.65 20.57 -26.67
CA PRO B 111 19.58 19.11 -26.60
C PRO B 111 20.47 18.50 -25.52
N GLN B 112 21.50 19.21 -25.06
CA GLN B 112 22.38 18.69 -24.03
C GLN B 112 21.80 18.82 -22.63
N CYS B 113 20.83 19.71 -22.43
CA CYS B 113 20.22 19.91 -21.12
C CYS B 113 18.71 19.67 -21.13
N TRP B 114 18.17 19.11 -22.21
CA TRP B 114 16.74 18.86 -22.29
C TRP B 114 16.50 17.60 -23.12
N GLY B 115 15.43 16.88 -22.77
CA GLY B 115 15.05 15.66 -23.45
C GLY B 115 13.68 15.79 -24.10
N VAL B 116 13.26 14.68 -24.71
CA VAL B 116 11.97 14.63 -25.39
C VAL B 116 11.57 13.17 -25.54
N ASN B 117 10.27 12.91 -25.41
CA ASN B 117 9.73 11.56 -25.53
C ASN B 117 8.37 11.65 -26.21
N VAL B 118 8.23 10.94 -27.33
CA VAL B 118 6.99 10.94 -28.10
C VAL B 118 6.31 9.57 -28.07
N GLN B 119 6.75 8.67 -27.20
CA GLN B 119 6.20 7.33 -27.08
C GLN B 119 4.75 7.31 -26.56
N PRO B 120 4.37 8.14 -25.59
CA PRO B 120 2.98 8.11 -25.11
C PRO B 120 1.97 8.33 -26.22
N TYR B 121 0.77 7.79 -26.02
CA TYR B 121 -0.29 7.90 -27.01
C TYR B 121 -1.16 9.14 -26.82
N SER B 122 -1.31 9.62 -25.60
CA SER B 122 -2.13 10.81 -25.35
C SER B 122 -1.59 11.51 -24.11
N GLY B 123 -2.37 12.48 -23.61
CA GLY B 123 -1.95 13.21 -22.42
C GLY B 123 -2.07 12.39 -21.15
N SER B 124 -3.17 11.64 -21.01
CA SER B 124 -3.36 10.82 -19.81
C SER B 124 -2.28 9.76 -19.65
N PRO B 125 -1.90 8.99 -20.68
CA PRO B 125 -0.83 8.00 -20.47
C PRO B 125 0.49 8.64 -20.10
N ALA B 126 0.83 9.77 -20.72
CA ALA B 126 2.08 10.45 -20.40
C ALA B 126 2.07 10.95 -18.97
N ASN B 127 0.93 11.51 -18.52
CA ASN B 127 0.83 11.99 -17.16
C ASN B 127 0.96 10.85 -16.16
N PHE B 128 0.29 9.72 -16.44
CA PHE B 128 0.39 8.57 -15.54
C PHE B 128 1.81 8.03 -15.51
N ALA B 129 2.50 8.03 -16.66
CA ALA B 129 3.88 7.55 -16.70
C ALA B 129 4.78 8.45 -15.88
N VAL B 130 4.63 9.77 -16.01
CA VAL B 130 5.44 10.69 -15.23
C VAL B 130 5.15 10.52 -13.75
N TYR B 131 3.87 10.28 -13.40
CA TYR B 131 3.50 10.11 -12.01
C TYR B 131 4.16 8.86 -11.41
N THR B 132 4.04 7.72 -12.10
CA THR B 132 4.65 6.50 -11.59
C THR B 132 6.17 6.55 -11.66
N ALA B 133 6.75 7.43 -12.48
CA ALA B 133 8.20 7.54 -12.57
C ALA B 133 8.78 8.41 -11.48
N LEU B 134 8.09 9.48 -11.10
CA LEU B 134 8.58 10.38 -10.06
C LEU B 134 7.99 10.08 -8.68
N VAL B 135 6.70 9.78 -8.62
CA VAL B 135 6.03 9.48 -7.35
C VAL B 135 5.92 7.97 -7.19
N GLU B 136 6.55 7.44 -6.15
CA GLU B 136 6.53 6.02 -5.87
C GLU B 136 5.11 5.60 -5.48
N PRO B 137 4.81 4.29 -5.56
CA PRO B 137 3.46 3.82 -5.19
C PRO B 137 3.02 4.36 -3.83
N HIS B 138 1.78 4.86 -3.79
CA HIS B 138 1.19 5.42 -2.58
C HIS B 138 2.00 6.63 -2.09
N GLY B 139 2.29 7.56 -3.01
CA GLY B 139 3.03 8.75 -2.70
C GLY B 139 2.14 9.96 -2.54
N ARG B 140 2.77 11.11 -2.32
CA ARG B 140 2.09 12.38 -2.13
C ARG B 140 2.25 13.25 -3.37
N ILE B 141 1.12 13.68 -3.94
CA ILE B 141 1.10 14.53 -5.12
C ILE B 141 0.26 15.77 -4.82
N MET B 142 0.69 16.90 -5.35
CA MET B 142 0.00 18.18 -5.16
C MET B 142 -0.42 18.72 -6.51
N GLY B 143 -1.74 18.91 -6.70
CA GLY B 143 -2.25 19.43 -7.95
C GLY B 143 -3.44 20.35 -7.72
N LEU B 144 -3.89 20.96 -8.80
CA LEU B 144 -5.01 21.89 -8.76
C LEU B 144 -6.33 21.13 -8.81
N ASP B 145 -7.35 21.72 -8.20
CA ASP B 145 -8.67 21.10 -8.17
C ASP B 145 -9.33 21.19 -9.55
N LEU B 146 -10.40 20.42 -9.72
CA LEU B 146 -11.16 20.36 -10.97
C LEU B 146 -12.12 21.54 -11.13
N PRO B 147 -12.92 21.92 -10.11
CA PRO B 147 -13.83 23.05 -10.32
C PRO B 147 -13.14 24.38 -10.57
N ASP B 148 -12.00 24.63 -9.93
CA ASP B 148 -11.29 25.90 -10.13
C ASP B 148 -10.31 25.81 -11.32
N GLY B 149 -10.83 25.45 -12.48
CA GLY B 149 -10.01 25.34 -13.67
C GLY B 149 -9.08 24.15 -13.65
N GLY B 150 -9.63 22.94 -13.68
CA GLY B 150 -8.83 21.73 -13.65
C GLY B 150 -9.32 20.67 -14.61
N PHE B 156 -8.13 14.92 -8.68
CA PHE B 156 -9.58 14.99 -8.43
C PHE B 156 -10.03 13.87 -7.50
N MET B 157 -10.40 14.25 -6.27
CA MET B 157 -10.84 13.28 -5.28
C MET B 157 -11.74 13.98 -4.27
N THR B 158 -12.91 13.41 -4.01
CA THR B 158 -13.87 13.96 -3.07
C THR B 158 -13.82 13.15 -1.77
N ASP B 159 -14.69 13.52 -0.82
CA ASP B 159 -14.76 12.84 0.46
C ASP B 159 -15.77 11.70 0.48
N LYS B 160 -16.44 11.41 -0.63
CA LYS B 160 -17.42 10.36 -0.72
C LYS B 160 -16.96 9.17 -1.55
N LYS B 161 -16.57 9.41 -2.80
CA LYS B 161 -16.11 8.36 -3.70
C LYS B 161 -14.75 8.76 -4.29
N LYS B 162 -14.26 7.94 -5.21
CA LYS B 162 -12.97 8.19 -5.85
C LYS B 162 -13.06 7.74 -7.30
N ILE B 163 -12.87 8.67 -8.24
CA ILE B 163 -12.98 8.37 -9.66
C ILE B 163 -11.61 8.33 -10.34
N SER B 164 -10.88 9.45 -10.30
CA SER B 164 -9.58 9.54 -10.94
C SER B 164 -8.61 8.49 -10.40
N ALA B 165 -7.94 7.79 -11.34
CA ALA B 165 -6.98 6.76 -10.94
C ALA B 165 -5.74 7.38 -10.30
N THR B 166 -5.39 8.61 -10.68
CA THR B 166 -4.23 9.27 -10.10
C THR B 166 -4.39 9.40 -8.60
N SER B 167 -5.61 9.71 -8.15
CA SER B 167 -5.88 9.83 -6.72
C SER B 167 -6.07 8.46 -6.07
N ILE B 168 -6.38 7.44 -6.86
CA ILE B 168 -6.57 6.10 -6.31
C ILE B 168 -5.22 5.47 -5.99
N PHE B 169 -4.26 5.59 -6.90
CA PHE B 169 -2.94 5.03 -6.68
C PHE B 169 -2.03 5.93 -5.87
N PHE B 170 -2.36 7.22 -5.73
CA PHE B 170 -1.54 8.15 -4.97
C PHE B 170 -2.45 9.11 -4.23
N GLU B 171 -2.16 9.35 -2.95
CA GLU B 171 -2.96 10.27 -2.17
C GLU B 171 -2.57 11.70 -2.56
N SER B 172 -3.56 12.48 -3.00
CA SER B 172 -3.33 13.86 -3.43
C SER B 172 -4.07 14.84 -2.53
N MET B 173 -3.42 15.97 -2.27
CA MET B 173 -3.98 17.04 -1.43
C MET B 173 -4.04 18.31 -2.26
N PRO B 174 -5.19 18.67 -2.82
CA PRO B 174 -5.28 19.90 -3.62
C PRO B 174 -5.29 21.15 -2.76
N TYR B 175 -4.94 22.26 -3.39
CA TYR B 175 -4.89 23.56 -2.74
C TYR B 175 -5.95 24.47 -3.35
N LYS B 176 -6.47 25.37 -2.52
CA LYS B 176 -7.49 26.32 -2.94
C LYS B 176 -6.87 27.66 -3.32
N VAL B 177 -7.61 28.42 -4.13
CA VAL B 177 -7.19 29.73 -4.59
C VAL B 177 -8.16 30.77 -4.07
N ASN B 178 -7.74 32.03 -4.11
CA ASN B 178 -8.58 33.13 -3.65
C ASN B 178 -9.71 33.36 -4.64
N PRO B 179 -10.97 33.21 -4.23
CA PRO B 179 -12.07 33.44 -5.18
C PRO B 179 -12.38 34.91 -5.45
N ASP B 180 -11.91 35.83 -4.60
CA ASP B 180 -12.20 37.23 -4.81
C ASP B 180 -11.39 37.78 -5.99
N THR B 181 -10.06 37.72 -5.90
CA THR B 181 -9.19 38.21 -6.97
C THR B 181 -8.96 37.19 -8.07
N GLY B 182 -9.20 35.91 -7.80
CA GLY B 182 -9.00 34.88 -8.81
C GLY B 182 -7.54 34.58 -9.08
N TYR B 183 -6.72 34.49 -8.03
CA TYR B 183 -5.31 34.20 -8.16
C TYR B 183 -4.92 33.09 -7.19
N ILE B 184 -3.78 32.46 -7.48
CA ILE B 184 -3.29 31.38 -6.63
C ILE B 184 -2.76 31.96 -5.33
N ASN B 185 -3.20 31.39 -4.21
CA ASN B 185 -2.77 31.84 -2.88
C ASN B 185 -1.44 31.19 -2.56
N TYR B 186 -0.35 31.90 -2.89
CA TYR B 186 0.98 31.36 -2.63
C TYR B 186 1.30 31.35 -1.13
N ASP B 187 0.75 32.30 -0.38
CA ASP B 187 1.00 32.35 1.06
C ASP B 187 0.53 31.07 1.74
N GLN B 188 -0.70 30.65 1.44
CA GLN B 188 -1.23 29.43 2.04
C GLN B 188 -0.57 28.19 1.42
N LEU B 189 -0.22 28.26 0.13
CA LEU B 189 0.43 27.14 -0.52
C LEU B 189 1.79 26.84 0.10
N GLU B 190 2.50 27.87 0.55
CA GLU B 190 3.80 27.66 1.17
C GLU B 190 3.68 26.80 2.42
N GLU B 191 2.80 27.20 3.35
CA GLU B 191 2.62 26.41 4.56
C GLU B 191 2.01 25.04 4.26
N ASN B 192 1.13 24.97 3.25
CA ASN B 192 0.55 23.67 2.90
C ASN B 192 1.62 22.70 2.44
N ALA B 193 2.56 23.17 1.61
CA ALA B 193 3.64 22.31 1.13
C ALA B 193 4.64 22.03 2.24
N ARG B 194 4.83 22.97 3.16
CA ARG B 194 5.78 22.75 4.24
C ARG B 194 5.24 21.73 5.25
N LEU B 195 3.93 21.67 5.44
CA LEU B 195 3.34 20.72 6.37
C LEU B 195 3.07 19.36 5.73
N PHE B 196 2.52 19.35 4.52
CA PHE B 196 2.21 18.10 3.83
C PHE B 196 3.45 17.43 3.24
N HIS B 197 4.50 18.20 2.93
CA HIS B 197 5.74 17.70 2.36
C HIS B 197 5.47 16.86 1.11
N PRO B 198 5.04 17.47 0.00
CA PRO B 198 4.77 16.69 -1.21
C PRO B 198 6.03 16.29 -1.95
N LYS B 199 5.87 15.62 -3.08
CA LYS B 199 7.00 15.18 -3.90
C LYS B 199 6.97 15.71 -5.32
N LEU B 200 5.78 15.90 -5.90
CA LEU B 200 5.64 16.39 -7.27
C LEU B 200 4.51 17.41 -7.30
N ILE B 201 4.85 18.65 -7.62
CA ILE B 201 3.87 19.74 -7.71
C ILE B 201 3.42 19.87 -9.15
N ILE B 202 2.12 19.80 -9.37
CA ILE B 202 1.55 19.91 -10.71
C ILE B 202 1.18 21.37 -10.97
N ALA B 203 1.53 21.86 -12.16
CA ALA B 203 1.24 23.22 -12.58
C ALA B 203 0.51 23.15 -13.91
N GLY B 204 -0.81 23.00 -13.84
CA GLY B 204 -1.62 22.92 -15.05
C GLY B 204 -3.05 23.32 -14.75
N THR B 205 -3.75 23.70 -15.82
CA THR B 205 -5.15 24.12 -15.68
C THR B 205 -5.82 24.00 -17.05
N SER B 206 -7.15 24.16 -17.03
CA SER B 206 -7.95 24.09 -18.24
C SER B 206 -8.89 25.27 -18.45
N CYS B 207 -9.24 26.00 -17.39
CA CYS B 207 -10.13 27.15 -17.50
C CYS B 207 -9.55 28.43 -16.93
N TYR B 208 -8.41 28.38 -16.24
CA TYR B 208 -7.79 29.57 -15.66
C TYR B 208 -7.31 30.48 -16.79
N SER B 209 -8.00 31.61 -16.97
CA SER B 209 -7.63 32.55 -18.02
C SER B 209 -6.37 33.34 -17.67
N ARG B 210 -6.14 33.60 -16.38
CA ARG B 210 -4.97 34.36 -15.98
C ARG B 210 -3.71 33.51 -16.12
N ASN B 211 -2.56 34.16 -15.94
CA ASN B 211 -1.28 33.48 -16.04
C ASN B 211 -0.88 32.89 -14.68
N LEU B 212 0.23 32.15 -14.68
CA LEU B 212 0.75 31.52 -13.49
C LEU B 212 2.18 31.98 -13.25
N GLU B 213 2.54 32.13 -11.97
CA GLU B 213 3.88 32.56 -11.57
C GLU B 213 4.71 31.31 -11.29
N TYR B 214 5.51 30.89 -12.27
CA TYR B 214 6.34 29.72 -12.11
C TYR B 214 7.51 29.95 -11.15
N ALA B 215 7.87 31.21 -10.90
CA ALA B 215 8.97 31.49 -9.98
C ALA B 215 8.64 31.05 -8.57
N ARG B 216 7.42 31.35 -8.10
CA ARG B 216 7.02 30.95 -6.75
C ARG B 216 6.96 29.43 -6.64
N LEU B 217 6.44 28.75 -7.67
CA LEU B 217 6.37 27.30 -7.64
C LEU B 217 7.77 26.69 -7.60
N ARG B 218 8.70 27.25 -8.39
CA ARG B 218 10.06 26.74 -8.39
C ARG B 218 10.72 26.95 -7.04
N LYS B 219 10.49 28.12 -6.43
CA LYS B 219 11.08 28.39 -5.12
C LYS B 219 10.52 27.43 -4.07
N ILE B 220 9.21 27.17 -4.12
CA ILE B 220 8.60 26.26 -3.15
C ILE B 220 9.14 24.85 -3.35
N ALA B 221 9.30 24.42 -4.60
CA ALA B 221 9.82 23.08 -4.88
C ALA B 221 11.27 22.96 -4.41
N ASP B 222 12.06 24.03 -4.57
CA ASP B 222 13.45 23.99 -4.13
C ASP B 222 13.55 24.00 -2.62
N GLU B 223 12.64 24.71 -1.95
CA GLU B 223 12.67 24.77 -0.49
C GLU B 223 12.23 23.44 0.11
N ASN B 224 11.14 22.86 -0.40
CA ASN B 224 10.64 21.59 0.11
C ASN B 224 11.36 20.39 -0.50
N GLY B 225 12.24 20.60 -1.48
CA GLY B 225 12.94 19.50 -2.09
C GLY B 225 12.10 18.64 -3.01
N ALA B 226 10.94 19.14 -3.45
CA ALA B 226 10.08 18.39 -4.33
C ALA B 226 10.33 18.77 -5.79
N TYR B 227 9.61 18.13 -6.70
CA TYR B 227 9.74 18.38 -8.13
C TYR B 227 8.59 19.25 -8.62
N LEU B 228 8.77 19.81 -9.81
CA LEU B 228 7.78 20.68 -10.44
C LEU B 228 7.39 20.09 -11.80
N MET B 229 6.08 19.99 -12.04
CA MET B 229 5.55 19.45 -13.28
C MET B 229 4.56 20.46 -13.87
N ALA B 230 4.70 20.72 -15.16
CA ALA B 230 3.83 21.66 -15.86
C ALA B 230 3.06 20.95 -16.97
N ASP B 231 1.89 21.49 -17.30
CA ASP B 231 1.03 20.94 -18.34
C ASP B 231 0.61 22.09 -19.24
N MET B 232 1.18 22.16 -20.44
CA MET B 232 0.89 23.20 -21.42
C MET B 232 0.07 22.64 -22.59
N ALA B 233 -0.86 21.74 -22.30
CA ALA B 233 -1.67 21.16 -23.36
C ALA B 233 -2.61 22.19 -23.98
N HIS B 234 -3.00 23.22 -23.22
CA HIS B 234 -3.90 24.23 -23.77
C HIS B 234 -3.15 25.33 -24.51
N ILE B 235 -1.90 25.59 -24.13
CA ILE B 235 -1.09 26.63 -24.77
C ILE B 235 0.06 26.02 -25.56
N SER B 236 -0.06 24.74 -25.96
CA SER B 236 1.00 24.07 -26.71
C SER B 236 1.49 24.89 -27.90
N GLY B 237 0.61 25.63 -28.55
CA GLY B 237 1.00 26.44 -29.67
C GLY B 237 1.39 27.85 -29.25
N LEU B 238 0.73 28.36 -28.20
CA LEU B 238 1.04 29.71 -27.74
C LEU B 238 2.51 29.83 -27.31
N VAL B 239 3.05 28.78 -26.71
CA VAL B 239 4.45 28.81 -26.30
C VAL B 239 5.36 28.70 -27.52
N ALA B 240 4.88 28.06 -28.59
CA ALA B 240 5.70 27.91 -29.79
C ALA B 240 5.82 29.23 -30.54
N ALA B 241 4.74 30.01 -30.61
CA ALA B 241 4.78 31.28 -31.30
C ALA B 241 5.52 32.35 -30.50
N GLY B 242 5.23 32.45 -29.21
CA GLY B 242 5.89 33.44 -28.37
C GLY B 242 4.92 34.43 -27.75
N VAL B 243 3.64 34.08 -27.70
CA VAL B 243 2.64 34.97 -27.13
C VAL B 243 2.70 34.92 -25.61
N VAL B 244 2.54 33.73 -25.03
CA VAL B 244 2.58 33.55 -23.59
C VAL B 244 4.01 33.20 -23.18
N PRO B 245 4.40 33.44 -21.93
CA PRO B 245 5.77 33.11 -21.51
C PRO B 245 6.03 31.61 -21.60
N SER B 246 7.30 31.26 -21.76
CA SER B 246 7.70 29.86 -21.86
C SER B 246 7.99 29.32 -20.46
N PRO B 247 7.29 28.27 -20.02
CA PRO B 247 7.54 27.71 -18.68
C PRO B 247 8.70 26.74 -18.60
N PHE B 248 9.56 26.68 -19.64
CA PHE B 248 10.69 25.77 -19.62
C PHE B 248 11.88 26.32 -18.86
N GLU B 249 11.90 27.62 -18.55
CA GLU B 249 13.02 28.22 -17.83
C GLU B 249 12.99 27.94 -16.33
N HIS B 250 11.87 27.45 -15.80
CA HIS B 250 11.78 27.17 -14.37
C HIS B 250 11.29 25.75 -14.07
N CYS B 251 10.38 25.21 -14.88
CA CYS B 251 9.87 23.88 -14.64
C CYS B 251 10.88 22.82 -15.08
N HIS B 252 10.78 21.64 -14.45
CA HIS B 252 11.67 20.53 -14.76
C HIS B 252 11.07 19.61 -15.80
N VAL B 253 9.88 19.07 -15.51
CA VAL B 253 9.18 18.16 -16.42
C VAL B 253 7.97 18.91 -16.99
N VAL B 254 7.93 19.03 -18.31
CA VAL B 254 6.84 19.72 -19.01
C VAL B 254 6.27 18.75 -20.04
N THR B 255 4.96 18.51 -19.95
CA THR B 255 4.26 17.63 -20.86
C THR B 255 3.11 18.37 -21.54
N THR B 256 2.78 17.91 -22.74
CA THR B 256 1.70 18.52 -23.53
C THR B 256 1.25 17.52 -24.59
N THR B 257 0.32 17.96 -25.41
CA THR B 257 -0.23 17.14 -26.50
C THR B 257 0.04 17.83 -27.83
N THR B 258 -0.43 17.19 -28.91
CA THR B 258 -0.25 17.71 -30.26
C THR B 258 -1.54 17.60 -31.05
N HIS B 259 -2.69 17.78 -30.39
CA HIS B 259 -3.97 17.69 -31.09
C HIS B 259 -4.95 18.78 -30.70
N LYS B 260 -4.50 19.86 -30.06
CA LYS B 260 -5.37 20.95 -29.65
C LYS B 260 -5.09 22.25 -30.40
N THR B 261 -3.83 22.69 -30.43
CA THR B 261 -3.45 23.92 -31.10
C THR B 261 -2.52 23.71 -32.28
N LEU B 262 -1.66 22.69 -32.24
CA LEU B 262 -0.73 22.44 -33.35
C LEU B 262 -1.42 21.85 -34.57
N ARG B 263 -2.72 21.57 -34.49
CA ARG B 263 -3.48 21.00 -35.61
C ARG B 263 -2.86 19.69 -36.09
N GLY B 264 -2.63 18.78 -35.15
CA GLY B 264 -2.05 17.50 -35.48
C GLY B 264 -2.91 16.32 -35.04
N CYS B 265 -2.28 15.19 -34.76
CA CYS B 265 -2.97 13.98 -34.32
C CYS B 265 -2.88 13.85 -32.81
N ARG B 266 -3.70 12.94 -32.28
CA ARG B 266 -3.73 12.69 -30.84
C ARG B 266 -2.44 12.01 -30.41
N ALA B 267 -1.59 12.74 -29.70
CA ALA B 267 -0.32 12.21 -29.22
C ALA B 267 0.10 13.00 -27.99
N GLY B 268 1.30 12.74 -27.50
CA GLY B 268 1.80 13.44 -26.32
C GLY B 268 3.31 13.53 -26.35
N MET B 269 3.83 14.58 -25.74
CA MET B 269 5.26 14.82 -25.66
C MET B 269 5.67 15.10 -24.22
N ILE B 270 6.79 14.52 -23.81
CA ILE B 270 7.32 14.66 -22.46
C ILE B 270 8.70 15.27 -22.55
N PHE B 271 8.92 16.37 -21.85
CA PHE B 271 10.19 17.07 -21.83
C PHE B 271 10.76 17.04 -20.41
N TYR B 272 12.01 16.60 -20.28
CA TYR B 272 12.67 16.50 -18.99
C TYR B 272 14.00 17.26 -19.03
N ARG B 273 14.44 17.69 -17.86
CA ARG B 273 15.70 18.42 -17.74
C ARG B 273 16.88 17.46 -17.71
N LYS B 274 18.03 17.96 -18.15
CA LYS B 274 19.26 17.18 -18.19
C LYS B 274 20.42 18.06 -17.77
N GLY B 275 21.50 17.41 -17.32
CA GLY B 275 22.67 18.12 -16.88
C GLY B 275 22.97 17.96 -15.40
N VAL B 276 23.45 19.03 -14.77
CA VAL B 276 23.79 19.02 -13.34
C VAL B 276 22.65 19.69 -12.57
N LYS B 277 22.11 18.98 -11.59
CA LYS B 277 21.02 19.52 -10.78
C LYS B 277 21.54 20.54 -9.76
N SER B 278 22.42 20.10 -8.86
CA SER B 278 22.97 20.97 -7.84
C SER B 278 24.37 20.48 -7.48
N VAL B 279 25.16 21.38 -6.92
CA VAL B 279 26.53 21.10 -6.50
C VAL B 279 26.57 21.01 -4.98
N ASP B 280 27.29 20.02 -4.47
CA ASP B 280 27.42 19.83 -3.02
C ASP B 280 28.80 20.27 -2.56
N PRO B 281 28.90 21.35 -1.77
CA PRO B 281 30.23 21.79 -1.32
C PRO B 281 30.91 20.82 -0.38
N LYS B 282 30.16 19.95 0.30
CA LYS B 282 30.77 18.99 1.23
C LYS B 282 31.53 17.92 0.47
N THR B 283 30.84 17.17 -0.40
CA THR B 283 31.50 16.13 -1.16
C THR B 283 32.39 16.70 -2.25
N GLY B 284 31.97 17.81 -2.86
CA GLY B 284 32.74 18.45 -3.91
C GLY B 284 32.35 18.04 -5.32
N LYS B 285 31.63 16.93 -5.48
CA LYS B 285 31.22 16.47 -6.80
C LYS B 285 29.95 17.20 -7.23
N GLU B 286 29.34 16.76 -8.32
CA GLU B 286 28.12 17.35 -8.85
C GLU B 286 27.09 16.25 -9.08
N ILE B 287 25.85 16.53 -8.70
CA ILE B 287 24.75 15.59 -8.86
C ILE B 287 24.13 15.78 -10.24
N LEU B 288 23.95 14.68 -10.96
CA LEU B 288 23.37 14.70 -12.29
C LEU B 288 21.91 14.26 -12.25
N TYR B 289 21.15 14.73 -13.24
CA TYR B 289 19.73 14.37 -13.31
C TYR B 289 19.56 12.91 -13.71
N ASN B 290 18.41 12.34 -13.31
CA ASN B 290 18.07 10.95 -13.61
C ASN B 290 16.68 10.85 -14.24
N LEU B 291 16.18 11.95 -14.82
CA LEU B 291 14.86 11.94 -15.43
C LEU B 291 14.80 11.07 -16.68
N GLU B 292 15.89 11.04 -17.45
CA GLU B 292 15.93 10.25 -18.68
C GLU B 292 15.69 8.77 -18.40
N SER B 293 16.48 8.19 -17.50
CA SER B 293 16.35 6.77 -17.18
C SER B 293 14.99 6.45 -16.58
N LEU B 294 14.50 7.31 -15.66
CA LEU B 294 13.21 7.07 -15.04
C LEU B 294 12.09 7.07 -16.06
N ILE B 295 12.07 8.07 -16.95
CA ILE B 295 11.03 8.16 -17.96
C ILE B 295 11.13 6.98 -18.93
N ASN B 296 12.36 6.62 -19.33
CA ASN B 296 12.52 5.51 -20.26
C ASN B 296 12.07 4.20 -19.66
N SER B 297 12.28 4.01 -18.34
CA SER B 297 11.87 2.77 -17.70
C SER B 297 10.38 2.76 -17.36
N ALA B 298 9.77 3.92 -17.18
CA ALA B 298 8.35 3.96 -16.84
C ALA B 298 7.45 3.94 -18.08
N VAL B 299 7.91 4.50 -19.20
CA VAL B 299 7.09 4.51 -20.40
C VAL B 299 7.05 3.14 -21.06
N PHE B 300 8.22 2.55 -21.29
CA PHE B 300 8.31 1.24 -21.93
C PHE B 300 9.35 0.38 -21.21
N PRO B 301 9.03 -0.85 -20.83
CA PRO B 301 7.71 -1.47 -21.04
C PRO B 301 6.78 -1.30 -19.84
N GLY B 302 6.72 -0.08 -19.30
CA GLY B 302 5.87 0.20 -18.15
C GLY B 302 4.40 -0.04 -18.39
N LEU B 303 3.78 0.78 -19.25
CA LEU B 303 2.35 0.63 -19.53
C LEU B 303 2.02 0.72 -21.02
N GLN B 304 3.01 0.67 -21.90
CA GLN B 304 2.77 0.75 -23.34
C GLN B 304 3.64 -0.27 -24.06
N GLY B 305 3.16 -0.72 -25.21
CA GLY B 305 3.89 -1.69 -26.01
C GLY B 305 4.53 -1.09 -27.24
N GLY B 306 4.01 -1.42 -28.41
CA GLY B 306 4.53 -0.91 -29.66
C GLY B 306 4.05 0.49 -29.97
N PRO B 307 4.96 1.39 -30.29
CA PRO B 307 4.57 2.76 -30.61
C PRO B 307 3.95 2.88 -31.99
N HIS B 308 3.03 3.84 -32.11
CA HIS B 308 2.34 4.09 -33.38
C HIS B 308 3.24 4.96 -34.26
N ASN B 309 3.83 4.36 -35.29
CA ASN B 309 4.70 5.11 -36.18
C ASN B 309 3.94 6.20 -36.94
N HIS B 310 2.67 5.95 -37.28
CA HIS B 310 1.89 6.94 -38.00
C HIS B 310 1.72 8.20 -37.16
N ALA B 311 1.50 8.03 -35.84
CA ALA B 311 1.34 9.20 -34.98
C ALA B 311 2.63 10.00 -34.91
N ILE B 312 3.78 9.31 -34.85
CA ILE B 312 5.06 10.01 -34.81
C ILE B 312 5.28 10.78 -36.09
N ALA B 313 4.96 10.16 -37.24
CA ALA B 313 5.13 10.85 -38.51
C ALA B 313 4.22 12.07 -38.60
N GLY B 314 2.98 11.92 -38.13
CA GLY B 314 2.05 13.04 -38.16
C GLY B 314 2.51 14.20 -37.30
N VAL B 315 2.91 13.91 -36.06
CA VAL B 315 3.36 14.99 -35.20
C VAL B 315 4.67 15.59 -35.73
N ALA B 316 5.49 14.79 -36.40
CA ALA B 316 6.74 15.31 -36.97
C ALA B 316 6.45 16.30 -38.08
N VAL B 317 5.56 15.92 -39.01
CA VAL B 317 5.24 16.84 -40.10
C VAL B 317 4.51 18.07 -39.56
N ALA B 318 3.71 17.91 -38.51
CA ALA B 318 3.01 19.05 -37.93
C ALA B 318 4.00 20.03 -37.33
N LEU B 319 4.96 19.51 -36.55
CA LEU B 319 5.97 20.38 -35.95
C LEU B 319 6.85 21.02 -37.01
N LYS B 320 7.11 20.31 -38.11
CA LYS B 320 7.92 20.88 -39.18
C LYS B 320 7.18 22.01 -39.87
N GLN B 321 5.87 21.85 -40.10
CA GLN B 321 5.10 22.89 -40.73
C GLN B 321 4.90 24.09 -39.81
N ALA B 322 4.85 23.85 -38.49
CA ALA B 322 4.66 24.93 -37.53
C ALA B 322 5.94 25.72 -37.27
N MET B 323 7.08 25.29 -37.82
CA MET B 323 8.33 26.00 -37.59
C MET B 323 8.43 27.29 -38.41
N THR B 324 7.70 27.38 -39.52
CA THR B 324 7.75 28.57 -40.36
C THR B 324 6.97 29.71 -39.71
N LEU B 325 6.96 30.86 -40.39
CA LEU B 325 6.26 32.04 -39.91
C LEU B 325 4.74 31.91 -40.01
N GLU B 326 4.25 30.88 -40.71
CA GLU B 326 2.82 30.69 -40.85
C GLU B 326 2.16 30.47 -39.49
N PHE B 327 2.80 29.70 -38.62
CA PHE B 327 2.22 29.47 -37.29
C PHE B 327 2.17 30.75 -36.48
N LYS B 328 3.23 31.57 -36.56
CA LYS B 328 3.24 32.83 -35.82
C LYS B 328 2.16 33.79 -36.32
N VAL B 329 2.04 33.92 -37.65
CA VAL B 329 1.00 34.82 -38.17
C VAL B 329 -0.38 34.27 -37.85
N TYR B 330 -0.52 32.93 -37.81
CA TYR B 330 -1.81 32.34 -37.47
C TYR B 330 -2.17 32.65 -36.03
N GLN B 331 -1.21 32.54 -35.11
CA GLN B 331 -1.48 32.85 -33.72
C GLN B 331 -1.80 34.33 -33.54
N HIS B 332 -1.11 35.19 -34.29
CA HIS B 332 -1.39 36.62 -34.20
C HIS B 332 -2.80 36.90 -34.68
N GLN B 333 -3.22 36.28 -35.79
CA GLN B 333 -4.56 36.46 -36.29
C GLN B 333 -5.58 35.91 -35.31
N VAL B 334 -5.24 34.83 -34.61
CA VAL B 334 -6.14 34.25 -33.62
C VAL B 334 -6.37 35.23 -32.48
N VAL B 335 -5.28 35.85 -32.01
CA VAL B 335 -5.40 36.83 -30.92
C VAL B 335 -6.22 38.03 -31.39
N ALA B 336 -5.97 38.50 -32.61
CA ALA B 336 -6.72 39.65 -33.11
C ALA B 336 -8.20 39.32 -33.25
N ASN B 337 -8.52 38.13 -33.75
CA ASN B 337 -9.92 37.73 -33.90
C ASN B 337 -10.58 37.59 -32.54
N CYS B 338 -9.84 37.08 -31.54
CA CYS B 338 -10.40 36.95 -30.21
C CYS B 338 -10.73 38.32 -29.61
N ARG B 339 -9.81 39.28 -29.78
CA ARG B 339 -10.06 40.62 -29.27
C ARG B 339 -11.24 41.26 -29.97
N ALA B 340 -11.34 41.07 -31.30
CA ALA B 340 -12.46 41.63 -32.05
C ALA B 340 -13.78 40.99 -31.60
N LEU B 341 -13.77 39.68 -31.35
CA LEU B 341 -14.98 39.01 -30.91
C LEU B 341 -15.41 39.51 -29.53
N SER B 342 -14.43 39.71 -28.63
CA SER B 342 -14.76 40.21 -27.30
C SER B 342 -15.34 41.62 -27.40
N GLU B 343 -14.76 42.46 -28.26
CA GLU B 343 -15.27 43.82 -28.41
C GLU B 343 -16.68 43.80 -28.99
N ALA B 344 -16.94 42.92 -29.97
CA ALA B 344 -18.26 42.83 -30.56
C ALA B 344 -19.28 42.34 -29.54
N LEU B 345 -18.89 41.39 -28.69
CA LEU B 345 -19.79 40.87 -27.67
C LEU B 345 -20.10 41.95 -26.63
N THR B 346 -19.09 42.74 -26.26
CA THR B 346 -19.33 43.81 -25.29
C THR B 346 -20.15 44.94 -25.88
N GLU B 347 -20.08 45.12 -27.21
CA GLU B 347 -20.85 46.18 -27.85
C GLU B 347 -22.34 45.84 -27.89
N LEU B 348 -22.67 44.57 -28.12
CA LEU B 348 -24.07 44.15 -28.18
C LEU B 348 -24.74 44.13 -26.82
N GLY B 349 -24.00 44.38 -25.74
CA GLY B 349 -24.58 44.38 -24.41
C GLY B 349 -24.48 43.05 -23.71
N TYR B 350 -23.29 42.47 -23.66
CA TYR B 350 -23.05 41.20 -23.02
C TYR B 350 -21.85 41.32 -22.09
N LYS B 351 -22.03 40.88 -20.84
CA LYS B 351 -20.96 40.96 -19.86
C LYS B 351 -19.96 39.82 -20.07
N ILE B 352 -18.67 40.16 -19.95
CA ILE B 352 -17.58 39.20 -20.11
C ILE B 352 -16.92 39.01 -18.75
N VAL B 353 -16.69 37.75 -18.38
CA VAL B 353 -16.06 37.45 -17.10
C VAL B 353 -14.61 37.89 -17.13
N THR B 354 -14.22 38.69 -16.14
CA THR B 354 -12.87 39.24 -15.98
C THR B 354 -12.42 40.07 -17.17
N GLY B 355 -13.33 40.47 -18.05
CA GLY B 355 -12.96 41.27 -19.21
C GLY B 355 -11.99 40.58 -20.15
N GLY B 356 -12.14 39.28 -20.34
CA GLY B 356 -11.25 38.55 -21.22
C GLY B 356 -9.87 38.36 -20.60
N SER B 357 -8.95 37.91 -21.45
CA SER B 357 -7.57 37.66 -21.04
C SER B 357 -6.70 37.63 -22.29
N ASP B 358 -5.44 37.22 -22.12
CA ASP B 358 -4.50 37.14 -23.23
C ASP B 358 -4.61 35.86 -24.03
N ASN B 359 -5.32 34.86 -23.52
CA ASN B 359 -5.47 33.59 -24.23
C ASN B 359 -6.56 33.72 -25.30
N HIS B 360 -6.96 32.59 -25.87
CA HIS B 360 -7.98 32.56 -26.91
C HIS B 360 -9.38 32.26 -26.37
N LEU B 361 -9.48 31.45 -25.33
CA LEU B 361 -10.79 31.11 -24.78
C LEU B 361 -11.39 32.30 -24.04
N ILE B 362 -12.70 32.46 -24.18
CA ILE B 362 -13.45 33.55 -23.54
C ILE B 362 -14.60 32.95 -22.75
N LEU B 363 -15.00 33.61 -21.67
CA LEU B 363 -16.09 33.17 -20.81
C LEU B 363 -17.19 34.21 -20.84
N VAL B 364 -18.29 33.89 -21.51
CA VAL B 364 -19.43 34.80 -21.62
C VAL B 364 -20.39 34.51 -20.49
N ASP B 365 -20.79 35.55 -19.75
CA ASP B 365 -21.70 35.41 -18.63
C ASP B 365 -23.11 35.83 -19.04
N LEU B 366 -24.10 35.02 -18.65
CA LEU B 366 -25.49 35.29 -18.98
C LEU B 366 -26.40 35.16 -17.76
N ARG B 367 -25.82 35.23 -16.55
CA ARG B 367 -26.63 35.11 -15.34
C ARG B 367 -27.63 36.25 -15.23
N SER B 368 -27.25 37.44 -15.67
CA SER B 368 -28.14 38.60 -15.61
C SER B 368 -29.24 38.55 -16.64
N LYS B 369 -29.14 37.66 -17.63
CA LYS B 369 -30.17 37.57 -18.67
C LYS B 369 -31.35 36.71 -18.23
N GLY B 370 -31.14 35.78 -17.29
CA GLY B 370 -32.21 34.93 -16.82
C GLY B 370 -31.80 33.47 -16.70
N THR B 371 -30.90 33.03 -17.57
CA THR B 371 -30.42 31.64 -17.57
C THR B 371 -28.90 31.65 -17.44
N ASP B 372 -28.39 30.95 -16.44
CA ASP B 372 -26.95 30.89 -16.23
C ASP B 372 -26.27 30.11 -17.35
N GLY B 373 -26.79 28.93 -17.69
CA GLY B 373 -26.20 28.13 -18.74
C GLY B 373 -27.03 26.90 -19.01
N GLY B 374 -26.61 26.16 -20.02
CA GLY B 374 -27.30 24.93 -20.43
C GLY B 374 -28.56 25.14 -21.23
N ARG B 375 -29.50 25.94 -20.73
CA ARG B 375 -30.74 26.19 -21.45
C ARG B 375 -30.46 26.78 -22.82
N ALA B 376 -29.58 27.77 -22.89
CA ALA B 376 -29.24 28.38 -24.18
C ALA B 376 -28.30 27.50 -24.98
N GLU B 377 -27.41 26.77 -24.30
CA GLU B 377 -26.47 25.91 -25.01
C GLU B 377 -27.19 24.80 -25.77
N LYS B 378 -28.26 24.25 -25.19
CA LYS B 378 -29.00 23.20 -25.87
C LYS B 378 -29.64 23.72 -27.15
N VAL B 379 -30.30 24.88 -27.07
CA VAL B 379 -30.93 25.46 -28.25
C VAL B 379 -29.87 25.83 -29.29
N LEU B 380 -28.71 26.29 -28.84
CA LEU B 380 -27.64 26.64 -29.77
C LEU B 380 -27.16 25.38 -30.51
N GLU B 381 -26.95 24.29 -29.77
CA GLU B 381 -26.52 23.05 -30.40
C GLU B 381 -27.57 22.53 -31.36
N ALA B 382 -28.85 22.77 -31.05
CA ALA B 382 -29.92 22.33 -31.94
C ALA B 382 -29.99 23.17 -33.20
N CYS B 383 -29.32 24.33 -33.23
CA CYS B 383 -29.32 25.22 -34.38
C CYS B 383 -27.97 25.24 -35.08
N SER B 384 -27.28 24.10 -35.11
CA SER B 384 -25.97 23.96 -35.76
C SER B 384 -24.93 24.91 -35.17
N ILE B 385 -24.96 25.07 -33.84
CA ILE B 385 -24.01 25.94 -33.15
C ILE B 385 -23.48 25.19 -31.94
N ALA B 386 -22.30 24.59 -32.06
CA ALA B 386 -21.69 23.83 -30.98
C ALA B 386 -20.95 24.75 -30.04
N CYS B 387 -21.18 24.57 -28.73
CA CYS B 387 -20.54 25.36 -27.69
C CYS B 387 -20.15 24.42 -26.56
N ASN B 388 -19.69 24.98 -25.45
CA ASN B 388 -19.28 24.20 -24.30
C ASN B 388 -19.72 24.91 -23.01
N LYS B 389 -19.85 24.12 -21.95
CA LYS B 389 -20.26 24.62 -20.65
C LYS B 389 -19.01 25.02 -19.85
N ASN B 390 -19.20 25.32 -18.56
CA ASN B 390 -18.10 25.72 -17.69
C ASN B 390 -18.29 25.06 -16.33
N THR B 391 -17.30 25.26 -15.45
CA THR B 391 -17.33 24.71 -14.11
C THR B 391 -16.97 25.78 -13.07
N CYS B 392 -17.31 27.03 -13.36
CA CYS B 392 -17.00 28.13 -12.45
C CYS B 392 -17.74 27.94 -11.13
N PRO B 393 -17.10 28.33 -10.01
CA PRO B 393 -17.76 28.18 -8.70
C PRO B 393 -19.08 28.94 -8.65
N GLY B 394 -20.03 28.35 -7.92
CA GLY B 394 -21.34 28.95 -7.78
C GLY B 394 -22.36 28.26 -8.66
N ASP B 395 -23.18 27.39 -8.06
CA ASP B 395 -24.19 26.65 -8.81
C ASP B 395 -25.37 26.35 -7.90
N ARG B 396 -26.57 26.67 -8.36
CA ARG B 396 -27.76 26.41 -7.55
C ARG B 396 -28.04 24.92 -7.46
N SER B 397 -28.00 24.22 -8.58
CA SER B 397 -28.25 22.78 -8.61
C SER B 397 -26.95 22.04 -8.30
N ALA B 398 -26.94 20.72 -8.57
CA ALA B 398 -25.74 19.93 -8.29
C ALA B 398 -24.55 20.44 -9.08
N LEU B 399 -24.75 20.82 -10.34
CA LEU B 399 -23.64 21.32 -11.16
C LEU B 399 -24.22 22.20 -12.26
N ARG B 400 -23.93 23.51 -12.19
CA ARG B 400 -24.40 24.46 -13.19
C ARG B 400 -23.23 25.12 -13.89
N PRO B 401 -23.30 25.28 -15.21
CA PRO B 401 -22.18 25.89 -15.93
C PRO B 401 -21.97 27.37 -15.58
N SER B 402 -23.06 28.14 -15.57
CA SER B 402 -23.07 29.57 -15.28
C SER B 402 -22.13 30.37 -16.17
N GLY B 403 -21.72 29.81 -17.31
CA GLY B 403 -20.82 30.49 -18.23
C GLY B 403 -20.69 29.74 -19.54
N LEU B 404 -20.55 30.48 -20.63
CA LEU B 404 -20.42 29.89 -21.97
C LEU B 404 -18.99 30.10 -22.46
N ARG B 405 -18.28 28.99 -22.66
CA ARG B 405 -16.89 29.04 -23.14
C ARG B 405 -16.89 28.94 -24.66
N LEU B 406 -16.17 29.85 -25.31
CA LEU B 406 -16.06 29.88 -26.75
C LEU B 406 -14.61 29.72 -27.16
N GLY B 407 -14.41 29.14 -28.34
CA GLY B 407 -13.07 28.92 -28.86
C GLY B 407 -12.83 29.58 -30.20
N THR B 408 -11.92 30.54 -30.23
CA THR B 408 -11.58 31.26 -31.46
C THR B 408 -10.72 30.46 -32.42
N PRO B 409 -9.74 29.65 -31.97
CA PRO B 409 -8.92 28.90 -32.94
C PRO B 409 -9.71 27.88 -33.77
N ALA B 410 -10.96 27.59 -33.40
CA ALA B 410 -11.74 26.63 -34.16
C ALA B 410 -12.23 27.20 -35.49
N LEU B 411 -12.90 28.36 -35.44
CA LEU B 411 -13.44 28.99 -36.65
C LEU B 411 -12.40 29.75 -37.47
N THR B 412 -11.31 30.22 -36.86
CA THR B 412 -10.33 30.97 -37.64
C THR B 412 -9.55 30.06 -38.59
N SER B 413 -9.56 28.74 -38.35
CA SER B 413 -8.85 27.82 -39.23
C SER B 413 -9.42 27.81 -40.64
N ARG B 414 -10.67 28.27 -40.80
CA ARG B 414 -11.30 28.31 -42.12
C ARG B 414 -10.96 29.58 -42.89
N GLY B 415 -10.61 30.66 -42.18
CA GLY B 415 -10.27 31.91 -42.85
C GLY B 415 -11.21 33.05 -42.52
N LEU B 416 -11.74 33.06 -41.29
CA LEU B 416 -12.66 34.11 -40.88
C LEU B 416 -11.91 35.41 -40.62
N LEU B 417 -12.66 36.51 -40.68
CA LEU B 417 -12.10 37.84 -40.47
C LEU B 417 -12.92 38.62 -39.45
N GLU B 418 -12.65 39.93 -39.32
CA GLU B 418 -13.38 40.76 -38.37
C GLU B 418 -14.87 40.78 -38.68
N LYS B 419 -15.22 40.99 -39.96
CA LYS B 419 -16.63 41.02 -40.34
C LYS B 419 -17.27 39.66 -40.08
N ASP B 420 -16.52 38.58 -40.29
CA ASP B 420 -17.05 37.25 -40.04
C ASP B 420 -17.38 37.06 -38.56
N PHE B 421 -16.46 37.51 -37.69
CA PHE B 421 -16.72 37.39 -36.25
C PHE B 421 -17.88 38.28 -35.84
N GLN B 422 -18.05 39.44 -36.50
CA GLN B 422 -19.18 40.31 -36.17
C GLN B 422 -20.48 39.63 -36.56
N LYS B 423 -20.51 38.98 -37.72
CA LYS B 423 -21.72 38.28 -38.13
C LYS B 423 -22.01 37.12 -37.19
N VAL B 424 -20.96 36.43 -36.74
CA VAL B 424 -21.15 35.33 -35.80
C VAL B 424 -21.71 35.85 -34.49
N ALA B 425 -21.23 37.02 -34.04
CA ALA B 425 -21.73 37.61 -32.82
C ALA B 425 -23.19 38.00 -32.97
N HIS B 426 -23.57 38.51 -34.15
CA HIS B 426 -24.96 38.87 -34.37
C HIS B 426 -25.85 37.63 -34.34
N PHE B 427 -25.36 36.53 -34.94
CA PHE B 427 -26.13 35.29 -34.92
C PHE B 427 -26.29 34.78 -33.50
N ILE B 428 -25.22 34.90 -32.70
CA ILE B 428 -25.26 34.46 -31.30
C ILE B 428 -26.26 35.32 -30.53
N HIS B 429 -26.30 36.62 -30.82
CA HIS B 429 -27.24 37.50 -30.13
C HIS B 429 -28.68 37.12 -30.48
N ARG B 430 -28.94 36.84 -31.76
CA ARG B 430 -30.28 36.44 -32.15
C ARG B 430 -30.67 35.12 -31.48
N GLY B 431 -29.73 34.18 -31.42
CA GLY B 431 -30.00 32.91 -30.77
C GLY B 431 -30.28 33.09 -29.29
N ILE B 432 -29.53 33.98 -28.63
CA ILE B 432 -29.74 34.23 -27.21
C ILE B 432 -31.11 34.85 -26.99
N GLU B 433 -31.52 35.76 -27.89
CA GLU B 433 -32.85 36.36 -27.76
C GLU B 433 -33.93 35.30 -27.90
N LEU B 434 -33.76 34.41 -28.88
CA LEU B 434 -34.74 33.34 -29.07
C LEU B 434 -34.80 32.42 -27.85
N THR B 435 -33.64 32.10 -27.28
CA THR B 435 -33.61 31.26 -26.09
C THR B 435 -34.32 31.94 -24.93
N LEU B 436 -34.07 33.24 -24.74
CA LEU B 436 -34.73 33.97 -23.67
C LEU B 436 -36.24 33.95 -23.85
N GLN B 437 -36.70 34.14 -25.09
CA GLN B 437 -38.13 34.12 -25.35
C GLN B 437 -38.71 32.74 -25.04
N ILE B 438 -37.98 31.68 -25.43
CA ILE B 438 -38.46 30.32 -25.17
C ILE B 438 -38.57 30.07 -23.68
N GLN B 439 -37.53 30.43 -22.92
CA GLN B 439 -37.57 30.22 -21.48
C GLN B 439 -38.65 31.06 -20.81
N SER B 440 -38.93 32.26 -21.33
CA SER B 440 -39.97 33.08 -20.74
C SER B 440 -41.35 32.53 -21.06
N ASP B 441 -41.50 31.84 -22.20
CA ASP B 441 -42.80 31.28 -22.55
C ASP B 441 -43.15 30.07 -21.69
N THR B 442 -42.14 29.28 -21.31
CA THR B 442 -42.40 28.10 -20.48
C THR B 442 -42.44 28.43 -19.00
N GLY B 443 -41.68 29.43 -18.56
CA GLY B 443 -41.66 29.82 -17.17
C GLY B 443 -40.34 29.47 -16.50
N VAL B 444 -40.14 30.05 -15.31
CA VAL B 444 -38.91 29.80 -14.55
C VAL B 444 -39.04 28.54 -13.70
N ARG B 445 -40.24 28.23 -13.22
CA ARG B 445 -40.46 27.05 -12.40
C ARG B 445 -40.34 25.74 -13.17
N ALA B 446 -40.13 25.80 -14.49
CA ALA B 446 -40.00 24.58 -15.28
C ALA B 446 -38.67 23.90 -15.00
N THR B 447 -38.67 22.56 -15.07
CA THR B 447 -37.48 21.78 -14.84
C THR B 447 -36.69 21.62 -16.14
N LEU B 448 -35.66 20.77 -16.10
CA LEU B 448 -34.82 20.55 -17.28
C LEU B 448 -35.47 19.60 -18.27
N LYS B 449 -36.02 18.48 -17.79
CA LYS B 449 -36.65 17.52 -18.71
C LYS B 449 -37.86 18.13 -19.41
N GLU B 450 -38.70 18.86 -18.67
CA GLU B 450 -39.86 19.48 -19.28
C GLU B 450 -39.45 20.53 -20.31
N PHE B 451 -38.37 21.26 -20.03
CA PHE B 451 -37.90 22.28 -20.97
C PHE B 451 -37.33 21.63 -22.22
N LYS B 452 -36.63 20.50 -22.07
CA LYS B 452 -36.05 19.83 -23.22
C LYS B 452 -37.13 19.13 -24.05
N GLU B 453 -38.23 18.72 -23.42
CA GLU B 453 -39.29 18.05 -24.16
C GLU B 453 -40.07 19.02 -25.02
N ARG B 454 -40.43 20.18 -24.47
CA ARG B 454 -41.19 21.20 -25.19
C ARG B 454 -40.28 22.16 -25.97
N LEU B 455 -38.99 21.84 -26.09
CA LEU B 455 -38.07 22.71 -26.82
C LEU B 455 -38.39 22.75 -28.31
N ALA B 456 -39.15 21.78 -28.82
CA ALA B 456 -39.52 21.70 -30.23
C ALA B 456 -40.77 22.50 -30.55
N GLY B 457 -41.08 23.54 -29.79
CA GLY B 457 -42.26 24.32 -30.06
C GLY B 457 -42.23 24.93 -31.45
N ASP B 458 -43.36 24.82 -32.16
CA ASP B 458 -43.44 25.35 -33.51
C ASP B 458 -43.29 26.87 -33.54
N LYS B 459 -43.82 27.55 -32.51
CA LYS B 459 -43.75 29.02 -32.44
C LYS B 459 -42.37 29.58 -32.76
N TYR B 460 -41.32 28.79 -32.58
CA TYR B 460 -39.97 29.23 -32.89
C TYR B 460 -39.25 28.31 -33.86
N GLN B 461 -39.77 27.10 -34.12
CA GLN B 461 -39.12 26.15 -35.02
C GLN B 461 -38.73 26.82 -36.34
N ALA B 462 -39.73 27.25 -37.12
CA ALA B 462 -39.44 27.91 -38.38
C ALA B 462 -38.40 29.01 -38.18
N ALA B 463 -38.55 29.78 -37.10
CA ALA B 463 -37.61 30.85 -36.79
C ALA B 463 -36.18 30.31 -36.77
N VAL B 464 -35.91 29.35 -35.86
CA VAL B 464 -34.56 28.81 -35.78
C VAL B 464 -34.17 28.21 -37.12
N GLN B 465 -35.15 27.64 -37.84
CA GLN B 465 -34.88 27.07 -39.15
C GLN B 465 -34.15 28.09 -40.01
N ALA B 466 -34.71 29.30 -40.10
CA ALA B 466 -34.06 30.35 -40.86
C ALA B 466 -32.64 30.54 -40.36
N LEU B 467 -32.50 30.78 -39.05
CA LEU B 467 -31.16 30.95 -38.47
C LEU B 467 -30.25 29.82 -38.92
N ARG B 468 -30.77 28.60 -38.91
CA ARG B 468 -29.97 27.46 -39.34
C ARG B 468 -29.43 27.69 -40.75
N GLU B 469 -30.35 27.82 -41.73
CA GLU B 469 -29.88 28.05 -43.09
C GLU B 469 -29.02 29.30 -43.14
N GLU B 470 -29.30 30.27 -42.27
CA GLU B 470 -28.50 31.49 -42.23
C GLU B 470 -27.03 31.14 -42.00
N VAL B 471 -26.74 30.42 -40.91
CA VAL B 471 -25.35 30.06 -40.66
C VAL B 471 -24.85 29.17 -41.78
N GLU B 472 -25.75 28.41 -42.41
CA GLU B 472 -25.34 27.57 -43.53
C GLU B 472 -24.81 28.45 -44.66
N SER B 473 -25.53 29.54 -44.95
CA SER B 473 -25.09 30.45 -46.01
C SER B 473 -23.76 31.08 -45.64
N PHE B 474 -23.42 31.08 -44.35
CA PHE B 474 -22.17 31.64 -43.89
C PHE B 474 -21.05 30.59 -43.87
N ALA B 475 -21.40 29.31 -43.94
CA ALA B 475 -20.40 28.25 -43.92
C ALA B 475 -20.00 27.80 -45.32
N SER B 476 -20.95 27.77 -46.26
CA SER B 476 -20.64 27.34 -47.62
C SER B 476 -19.73 28.33 -48.35
N LEU B 477 -19.70 29.59 -47.92
CA LEU B 477 -18.84 30.57 -48.58
C LEU B 477 -17.37 30.33 -48.28
N PHE B 478 -17.05 29.75 -47.13
CA PHE B 478 -15.66 29.51 -46.82
C PHE B 478 -15.30 28.04 -47.02
N PRO B 479 -14.14 27.76 -47.60
CA PRO B 479 -13.74 26.37 -47.83
C PRO B 479 -13.35 25.68 -46.52
N LEU B 480 -13.59 24.37 -46.47
CA LEU B 480 -13.27 23.58 -45.30
C LEU B 480 -11.95 22.86 -45.53
N PRO B 481 -10.95 23.05 -44.67
CA PRO B 481 -9.67 22.37 -44.85
C PRO B 481 -9.79 20.88 -44.61
N GLY B 482 -8.72 20.16 -44.95
CA GLY B 482 -8.68 18.73 -44.78
C GLY B 482 -8.08 17.99 -45.96
N LEU B 483 -8.51 16.75 -46.19
CA LEU B 483 -8.01 15.93 -47.29
C LEU B 483 -8.97 16.00 -48.46
N PRO B 484 -8.49 16.29 -49.67
CA PRO B 484 -9.39 16.36 -50.83
C PRO B 484 -9.93 14.98 -51.19
N ASP B 485 -10.98 15.01 -52.03
CA ASP B 485 -11.66 13.80 -52.51
C ASP B 485 -12.33 13.03 -51.38
N PHE B 486 -12.31 13.59 -50.18
CA PHE B 486 -12.93 12.94 -49.02
C PHE B 486 -13.75 13.94 -48.21
N LEU C 17 -4.35 14.36 56.08
CA LEU C 17 -3.15 14.79 56.79
C LEU C 17 -2.03 13.76 56.66
N TRP C 18 -0.97 13.94 57.44
CA TRP C 18 0.15 13.00 57.39
C TRP C 18 -0.27 11.61 57.86
N SER C 19 -1.11 11.55 58.90
CA SER C 19 -1.55 10.25 59.41
C SER C 19 -2.45 9.55 58.40
N SER C 20 -3.33 10.29 57.73
CA SER C 20 -4.23 9.67 56.76
C SER C 20 -3.48 9.24 55.51
N HIS C 21 -2.40 9.97 55.14
CA HIS C 21 -1.64 9.62 53.95
C HIS C 21 -0.83 8.34 54.17
N ASP C 22 -0.36 8.10 55.39
CA ASP C 22 0.41 6.90 55.68
C ASP C 22 -0.45 5.65 55.55
N LYS C 23 -1.67 5.69 56.07
CA LYS C 23 -2.57 4.55 56.00
C LYS C 23 -3.20 4.38 54.62
N MET C 24 -2.83 5.20 53.64
CA MET C 24 -3.36 5.13 52.29
C MET C 24 -2.41 4.46 51.31
N LEU C 25 -1.15 4.87 51.27
CA LEU C 25 -0.17 4.30 50.37
C LEU C 25 0.75 3.29 51.04
N ALA C 26 0.62 3.08 52.35
CA ALA C 26 1.45 2.14 53.10
C ALA C 26 0.58 1.23 53.96
N GLN C 27 -0.49 0.72 53.36
CA GLN C 27 -1.42 -0.17 54.04
C GLN C 27 -1.52 -1.49 53.28
N PRO C 28 -1.47 -2.63 53.96
CA PRO C 28 -1.56 -3.91 53.27
C PRO C 28 -2.91 -4.08 52.57
N LEU C 29 -2.91 -4.95 51.57
CA LEU C 29 -4.13 -5.23 50.80
C LEU C 29 -5.06 -6.20 51.50
N LYS C 30 -4.61 -6.87 52.56
CA LYS C 30 -5.45 -7.82 53.28
C LYS C 30 -6.69 -7.13 53.86
N ASP C 31 -6.53 -5.91 54.38
CA ASP C 31 -7.64 -5.18 54.96
C ASP C 31 -8.11 -4.00 54.11
N SER C 32 -7.29 -3.52 53.16
CA SER C 32 -7.70 -2.40 52.33
C SER C 32 -8.79 -2.81 51.35
N ASP C 33 -8.48 -3.77 50.48
CA ASP C 33 -9.43 -4.27 49.48
C ASP C 33 -9.60 -5.76 49.70
N VAL C 34 -10.79 -6.15 50.16
CA VAL C 34 -11.07 -7.56 50.42
C VAL C 34 -11.55 -8.31 49.19
N GLU C 35 -11.95 -7.62 48.13
CA GLU C 35 -12.43 -8.29 46.92
C GLU C 35 -11.27 -8.95 46.17
N VAL C 36 -10.25 -8.16 45.81
CA VAL C 36 -9.10 -8.72 45.10
C VAL C 36 -8.38 -9.74 45.96
N TYR C 37 -8.33 -9.51 47.28
CA TYR C 37 -7.67 -10.46 48.17
C TYR C 37 -8.37 -11.80 48.14
N ASN C 38 -9.71 -11.79 48.25
CA ASN C 38 -10.46 -13.04 48.21
C ASN C 38 -10.34 -13.71 46.85
N ILE C 39 -10.28 -12.91 45.78
CA ILE C 39 -10.14 -13.48 44.44
C ILE C 39 -8.80 -14.19 44.31
N ILE C 40 -7.73 -13.55 44.79
CA ILE C 40 -6.40 -14.17 44.71
C ILE C 40 -6.35 -15.43 45.59
N LYS C 41 -6.98 -15.38 46.76
CA LYS C 41 -7.00 -16.55 47.63
C LYS C 41 -7.74 -17.71 46.98
N LYS C 42 -8.89 -17.43 46.36
CA LYS C 42 -9.64 -18.49 45.69
C LYS C 42 -8.86 -19.05 44.50
N GLU C 43 -8.17 -18.18 43.76
CA GLU C 43 -7.38 -18.64 42.62
C GLU C 43 -6.25 -19.55 43.09
N SER C 44 -5.59 -19.17 44.19
CA SER C 44 -4.50 -19.99 44.71
C SER C 44 -5.02 -21.32 45.21
N ASN C 45 -6.18 -21.32 45.89
CA ASN C 45 -6.74 -22.56 46.38
C ASN C 45 -7.15 -23.47 45.23
N ARG C 46 -7.66 -22.89 44.14
CA ARG C 46 -8.05 -23.68 42.99
C ARG C 46 -6.84 -24.27 42.28
N GLN C 47 -5.78 -23.47 42.12
CA GLN C 47 -4.58 -23.96 41.45
C GLN C 47 -3.75 -24.88 42.35
N ARG C 48 -4.04 -24.92 43.65
CA ARG C 48 -3.27 -25.79 44.55
C ARG C 48 -3.76 -27.24 44.50
N VAL C 49 -5.07 -27.43 44.39
CA VAL C 49 -5.66 -28.76 44.34
C VAL C 49 -6.13 -29.12 42.93
N GLY C 50 -5.55 -28.50 41.92
CA GLY C 50 -5.93 -28.78 40.54
C GLY C 50 -4.73 -29.12 39.69
N LEU C 51 -4.91 -30.10 38.81
CA LEU C 51 -3.85 -30.55 37.91
C LEU C 51 -3.92 -29.77 36.60
N GLU C 52 -2.80 -29.17 36.22
CA GLU C 52 -2.70 -28.38 34.99
C GLU C 52 -1.87 -29.15 33.97
N LEU C 53 -2.40 -29.22 32.74
CA LEU C 53 -1.73 -29.91 31.65
C LEU C 53 -1.52 -29.01 30.43
N ILE C 54 -1.65 -27.70 30.60
CA ILE C 54 -1.47 -26.77 29.48
C ILE C 54 0.00 -26.72 29.11
N ALA C 55 0.28 -26.82 27.81
CA ALA C 55 1.66 -26.80 27.30
C ALA C 55 2.23 -25.39 27.18
N SER C 56 1.57 -24.38 27.76
CA SER C 56 2.06 -23.01 27.70
C SER C 56 1.92 -22.32 29.05
N GLU C 57 2.10 -23.09 30.12
CA GLU C 57 2.00 -22.56 31.48
C GLU C 57 3.06 -23.21 32.36
N ASN C 58 3.53 -22.45 33.35
CA ASN C 58 4.53 -22.94 34.27
C ASN C 58 4.57 -22.01 35.48
N PHE C 59 4.93 -22.58 36.63
CA PHE C 59 5.00 -21.81 37.87
C PHE C 59 6.34 -21.11 37.99
N ALA C 60 6.31 -19.88 38.47
CA ALA C 60 7.51 -19.07 38.65
C ALA C 60 8.06 -19.23 40.06
N SER C 61 9.34 -18.91 40.22
CA SER C 61 10.00 -19.02 41.51
C SER C 61 9.68 -17.79 42.37
N ARG C 62 10.01 -17.90 43.65
CA ARG C 62 9.77 -16.80 44.58
C ARG C 62 10.67 -15.60 44.27
N ALA C 63 11.88 -15.84 43.77
CA ALA C 63 12.78 -14.74 43.45
C ALA C 63 12.20 -13.85 42.36
N VAL C 64 11.58 -14.45 41.34
CA VAL C 64 11.00 -13.67 40.26
C VAL C 64 9.83 -12.84 40.79
N LEU C 65 9.00 -13.43 41.65
CA LEU C 65 7.87 -12.71 42.22
C LEU C 65 8.34 -11.54 43.07
N GLU C 66 9.43 -11.74 43.82
CA GLU C 66 9.96 -10.66 44.66
C GLU C 66 10.60 -9.57 43.81
N ALA C 67 11.23 -9.94 42.69
CA ALA C 67 11.85 -8.94 41.83
C ALA C 67 10.82 -8.16 41.05
N LEU C 68 9.67 -8.76 40.72
CA LEU C 68 8.64 -8.05 39.98
C LEU C 68 8.01 -6.95 40.81
N GLY C 69 7.83 -7.20 42.11
CA GLY C 69 7.25 -6.20 42.99
C GLY C 69 8.27 -5.32 43.67
N SER C 70 9.36 -5.04 42.98
CA SER C 70 10.43 -4.21 43.53
C SER C 70 10.06 -2.73 43.34
N CYS C 71 11.01 -1.84 43.64
CA CYS C 71 10.80 -0.41 43.52
C CYS C 71 11.12 0.12 42.12
N LEU C 72 11.39 -0.77 41.17
CA LEU C 72 11.70 -0.34 39.81
C LEU C 72 10.48 0.16 39.05
N ASN C 73 9.27 -0.03 39.59
CA ASN C 73 8.07 0.43 38.91
C ASN C 73 8.00 1.96 38.86
N ASN C 74 8.51 2.63 39.89
CA ASN C 74 8.50 4.09 39.95
C ASN C 74 9.74 4.69 39.31
N LYS C 75 10.01 4.30 38.06
CA LYS C 75 11.17 4.80 37.34
C LYS C 75 10.85 4.74 35.85
N TYR C 76 10.52 5.90 35.27
CA TYR C 76 10.17 6.00 33.86
C TYR C 76 11.39 6.54 33.11
N SER C 77 12.12 5.65 32.45
CA SER C 77 13.31 6.01 31.69
C SER C 77 13.15 5.57 30.24
N GLU C 78 13.82 6.29 29.34
CA GLU C 78 13.77 6.00 27.92
C GLU C 78 15.18 6.04 27.35
N GLY C 79 15.36 5.37 26.21
CA GLY C 79 16.64 5.32 25.55
C GLY C 79 17.48 4.13 25.97
N TYR C 80 18.50 3.85 25.16
CA TYR C 80 19.41 2.75 25.41
C TYR C 80 20.56 3.20 26.30
N PRO C 81 21.25 2.27 26.96
CA PRO C 81 22.38 2.66 27.83
C PRO C 81 23.45 3.41 27.06
N GLY C 82 23.63 4.69 27.40
CA GLY C 82 24.60 5.57 26.76
C GLY C 82 23.97 6.78 26.11
N GLN C 83 22.75 6.64 25.61
CA GLN C 83 22.01 7.73 24.96
C GLN C 83 20.63 7.86 25.58
N ARG C 84 20.59 7.83 26.93
CA ARG C 84 19.33 7.94 27.63
C ARG C 84 18.75 9.35 27.49
N TYR C 85 17.43 9.42 27.28
CA TYR C 85 16.78 10.71 27.12
C TYR C 85 16.75 11.48 28.44
N TYR C 86 16.57 10.77 29.55
CA TYR C 86 16.52 11.37 30.87
C TYR C 86 17.88 11.24 31.55
N GLY C 87 17.96 11.64 32.81
CA GLY C 87 19.19 11.58 33.57
C GLY C 87 19.03 10.74 34.83
N GLY C 88 20.17 10.37 35.40
CA GLY C 88 20.19 9.56 36.61
C GLY C 88 19.71 8.14 36.39
N THR C 89 20.22 7.49 35.35
CA THR C 89 19.85 6.13 35.01
C THR C 89 21.07 5.22 35.01
N GLU C 90 21.98 5.43 35.96
CA GLU C 90 23.18 4.59 36.04
C GLU C 90 22.82 3.17 36.46
N PHE C 91 21.99 3.03 37.50
CA PHE C 91 21.61 1.70 37.95
C PHE C 91 20.79 0.97 36.88
N ILE C 92 19.94 1.71 36.15
CA ILE C 92 19.16 1.08 35.09
C ILE C 92 20.07 0.57 33.99
N ASP C 93 21.07 1.37 33.60
CA ASP C 93 22.01 0.94 32.58
C ASP C 93 22.81 -0.27 33.03
N GLU C 94 23.24 -0.27 34.30
CA GLU C 94 24.00 -1.41 34.81
C GLU C 94 23.14 -2.68 34.82
N LEU C 95 21.87 -2.55 35.22
CA LEU C 95 20.99 -3.70 35.25
C LEU C 95 20.73 -4.21 33.84
N GLU C 96 20.56 -3.31 32.87
CA GLU C 96 20.33 -3.73 31.49
C GLU C 96 21.57 -4.43 30.94
N THR C 97 22.75 -3.91 31.25
CA THR C 97 23.98 -4.55 30.77
C THR C 97 24.14 -5.94 31.38
N LEU C 98 23.84 -6.06 32.67
CA LEU C 98 23.94 -7.37 33.33
C LEU C 98 22.94 -8.35 32.74
N CYS C 99 21.72 -7.88 32.44
CA CYS C 99 20.71 -8.75 31.85
C CYS C 99 21.15 -9.20 30.46
N GLN C 100 21.72 -8.29 29.66
CA GLN C 100 22.18 -8.65 28.33
C GLN C 100 23.31 -9.66 28.42
N LYS C 101 24.23 -9.47 29.37
CA LYS C 101 25.33 -10.42 29.52
C LYS C 101 24.82 -11.79 29.93
N ARG C 102 23.86 -11.84 30.86
CA ARG C 102 23.30 -13.11 31.29
C ARG C 102 22.56 -13.79 30.14
N ALA C 103 21.84 -13.02 29.33
CA ALA C 103 21.12 -13.61 28.21
C ALA C 103 22.08 -14.14 27.15
N LEU C 104 23.20 -13.45 26.95
CA LEU C 104 24.18 -13.90 25.96
C LEU C 104 24.96 -15.12 26.46
N GLN C 105 25.18 -15.22 27.77
CA GLN C 105 25.92 -16.35 28.34
C GLN C 105 25.03 -17.54 28.65
N ALA C 106 23.70 -17.37 28.68
CA ALA C 106 22.82 -18.49 28.99
C ALA C 106 22.79 -19.51 27.84
N TYR C 107 22.88 -19.04 26.60
CA TYR C 107 22.87 -19.92 25.44
C TYR C 107 24.26 -20.21 24.88
N LYS C 108 25.31 -19.76 25.58
CA LYS C 108 26.69 -19.96 25.16
C LYS C 108 26.93 -19.37 23.77
N LEU C 109 26.71 -18.06 23.67
CA LEU C 109 26.88 -17.32 22.43
C LEU C 109 28.08 -16.38 22.53
N ASP C 110 28.51 -15.87 21.37
CA ASP C 110 29.64 -14.96 21.30
C ASP C 110 29.13 -13.53 21.27
N PRO C 111 29.48 -12.68 22.23
CA PRO C 111 28.99 -11.29 22.21
C PRO C 111 29.47 -10.50 21.01
N GLN C 112 30.59 -10.89 20.39
CA GLN C 112 31.10 -10.18 19.23
C GLN C 112 30.31 -10.50 17.96
N CYS C 113 29.74 -11.71 17.88
CA CYS C 113 28.98 -12.13 16.72
C CYS C 113 27.50 -12.31 17.01
N TRP C 114 27.02 -11.85 18.16
CA TRP C 114 25.61 -11.99 18.50
C TRP C 114 25.18 -10.81 19.38
N GLY C 115 23.89 -10.53 19.34
CA GLY C 115 23.32 -9.44 20.13
C GLY C 115 21.99 -9.85 20.70
N VAL C 116 21.68 -9.30 21.87
CA VAL C 116 20.43 -9.59 22.56
C VAL C 116 19.78 -8.28 22.99
N ASN C 117 18.45 -8.29 23.04
CA ASN C 117 17.66 -7.13 23.43
C ASN C 117 16.43 -7.58 24.18
N VAL C 118 16.22 -7.04 25.37
CA VAL C 118 15.08 -7.40 26.21
C VAL C 118 14.10 -6.21 26.36
N GLN C 119 14.11 -5.30 25.40
CA GLN C 119 13.22 -4.14 25.43
C GLN C 119 11.76 -4.49 25.12
N PRO C 120 11.46 -5.37 24.17
CA PRO C 120 10.05 -5.69 23.90
C PRO C 120 9.31 -6.17 25.15
N TYR C 121 8.00 -5.97 25.13
CA TYR C 121 7.17 -6.35 26.27
C TYR C 121 6.85 -7.84 26.28
N SER C 122 6.49 -8.39 25.13
CA SER C 122 6.15 -9.81 25.04
C SER C 122 6.57 -10.33 23.67
N GLY C 123 6.06 -11.50 23.29
CA GLY C 123 6.40 -12.07 22.00
C GLY C 123 5.82 -11.28 20.83
N SER C 124 4.55 -10.88 20.93
CA SER C 124 3.93 -10.13 19.85
C SER C 124 4.63 -8.80 19.58
N PRO C 125 4.95 -7.97 20.59
CA PRO C 125 5.65 -6.72 20.26
C PRO C 125 7.03 -6.96 19.67
N ALA C 126 7.75 -7.97 20.16
CA ALA C 126 9.06 -8.28 19.60
C ALA C 126 8.95 -8.70 18.15
N ASN C 127 7.96 -9.54 17.83
CA ASN C 127 7.79 -9.98 16.45
C ASN C 127 7.42 -8.81 15.55
N PHE C 128 6.50 -7.94 16.01
CA PHE C 128 6.11 -6.80 15.20
C PHE C 128 7.29 -5.86 14.98
N ALA C 129 8.13 -5.70 16.00
CA ALA C 129 9.29 -4.82 15.88
C ALA C 129 10.30 -5.39 14.88
N VAL C 130 10.63 -6.68 15.01
CA VAL C 130 11.58 -7.29 14.09
C VAL C 130 11.02 -7.25 12.67
N TYR C 131 9.69 -7.34 12.53
CA TYR C 131 9.09 -7.26 11.21
C TYR C 131 9.29 -5.88 10.64
N THR C 132 8.74 -4.86 11.30
CA THR C 132 8.88 -3.48 10.85
C THR C 132 10.34 -3.11 10.59
N ALA C 133 11.27 -3.80 11.26
CA ALA C 133 12.69 -3.50 11.05
C ALA C 133 13.25 -4.23 9.84
N LEU C 134 12.77 -5.43 9.53
CA LEU C 134 13.29 -6.19 8.40
C LEU C 134 12.26 -6.77 7.43
N VAL C 135 10.95 -6.61 7.67
CA VAL C 135 9.98 -7.18 6.75
C VAL C 135 9.80 -6.36 5.49
N GLU C 136 10.41 -5.17 5.42
CA GLU C 136 10.28 -4.30 4.24
C GLU C 136 8.81 -4.06 3.96
N PRO C 137 8.15 -3.17 4.72
CA PRO C 137 6.71 -2.89 4.53
C PRO C 137 6.23 -2.96 3.08
N HIS C 138 5.08 -3.62 2.88
CA HIS C 138 4.47 -3.83 1.58
C HIS C 138 5.30 -4.81 0.75
N GLY C 139 5.80 -5.86 1.41
CA GLY C 139 6.60 -6.89 0.78
C GLY C 139 5.89 -8.22 0.79
N ARG C 140 6.64 -9.30 1.03
CA ARG C 140 6.07 -10.64 1.06
C ARG C 140 6.67 -11.43 2.21
N ILE C 141 5.84 -12.27 2.84
CA ILE C 141 6.26 -13.10 3.97
C ILE C 141 5.88 -14.54 3.67
N MET C 142 6.65 -15.48 4.22
CA MET C 142 6.42 -16.90 4.04
C MET C 142 6.71 -17.61 5.35
N GLY C 143 5.66 -18.17 5.96
CA GLY C 143 5.82 -18.88 7.22
C GLY C 143 4.89 -20.09 7.28
N LEU C 144 5.04 -20.85 8.35
CA LEU C 144 4.23 -22.05 8.54
C LEU C 144 2.78 -21.66 8.80
N ASP C 145 1.85 -22.46 8.28
CA ASP C 145 0.43 -22.20 8.45
C ASP C 145 0.06 -22.39 9.92
N LEU C 146 -1.14 -21.91 10.27
CA LEU C 146 -1.63 -21.99 11.65
C LEU C 146 -2.15 -23.38 12.06
N PRO C 147 -3.02 -24.04 11.27
CA PRO C 147 -3.51 -25.35 11.70
C PRO C 147 -2.45 -26.41 11.86
N ASP C 148 -1.40 -26.41 11.04
CA ASP C 148 -0.34 -27.41 11.15
C ASP C 148 0.77 -26.95 12.11
N GLY C 149 0.36 -26.66 13.33
CA GLY C 149 1.28 -26.22 14.37
C GLY C 149 1.95 -24.89 14.08
N GLY C 150 1.16 -23.82 14.00
CA GLY C 150 1.70 -22.51 13.74
C GLY C 150 1.05 -21.46 14.63
N HIS C 151 1.75 -20.34 14.78
CA HIS C 151 1.28 -19.24 15.60
C HIS C 151 0.42 -18.30 14.78
N LEU C 152 -0.38 -17.50 15.48
CA LEU C 152 -1.26 -16.54 14.80
C LEU C 152 -0.48 -15.36 14.23
N THR C 153 0.59 -14.95 14.90
CA THR C 153 1.41 -13.83 14.45
C THR C 153 2.30 -14.17 13.26
N HIS C 154 2.13 -15.36 12.68
CA HIS C 154 2.92 -15.79 11.52
C HIS C 154 2.13 -15.71 10.23
N GLY C 155 1.06 -14.93 10.19
CA GLY C 155 0.26 -14.78 8.99
C GLY C 155 -0.99 -15.62 8.98
N PHE C 156 -2.15 -14.97 8.86
CA PHE C 156 -3.44 -15.67 8.84
C PHE C 156 -4.36 -14.86 7.95
N MET C 157 -4.45 -15.24 6.68
CA MET C 157 -5.29 -14.56 5.71
C MET C 157 -6.36 -15.51 5.18
N THR C 158 -7.59 -15.00 5.08
CA THR C 158 -8.73 -15.76 4.60
C THR C 158 -9.20 -15.21 3.26
N ASP C 159 -10.20 -15.88 2.68
CA ASP C 159 -10.74 -15.44 1.40
C ASP C 159 -11.65 -14.24 1.54
N LYS C 160 -12.29 -14.07 2.70
CA LYS C 160 -13.19 -12.95 2.92
C LYS C 160 -12.45 -11.72 3.43
N LYS C 161 -11.69 -11.85 4.52
CA LYS C 161 -10.95 -10.74 5.09
C LYS C 161 -9.85 -11.28 5.98
N LYS C 162 -8.93 -10.40 6.35
CA LYS C 162 -7.82 -10.77 7.21
C LYS C 162 -8.15 -10.49 8.67
N ILE C 163 -7.40 -11.12 9.57
CA ILE C 163 -7.60 -10.96 11.00
C ILE C 163 -6.33 -10.46 11.66
N SER C 164 -5.24 -11.21 11.51
CA SER C 164 -3.97 -10.83 12.11
C SER C 164 -3.43 -9.54 11.49
N ALA C 165 -2.72 -8.77 12.31
CA ALA C 165 -2.15 -7.50 11.83
C ALA C 165 -1.13 -7.74 10.73
N THR C 166 -0.35 -8.81 10.84
CA THR C 166 0.66 -9.11 9.83
C THR C 166 0.00 -9.38 8.48
N SER C 167 -1.17 -10.02 8.49
CA SER C 167 -1.89 -10.31 7.26
C SER C 167 -2.63 -9.09 6.72
N ILE C 168 -2.98 -8.14 7.59
CA ILE C 168 -3.68 -6.94 7.15
C ILE C 168 -2.70 -5.95 6.53
N PHE C 169 -1.54 -5.76 7.16
CA PHE C 169 -0.55 -4.82 6.67
C PHE C 169 0.44 -5.43 5.68
N PHE C 170 0.57 -6.75 5.65
CA PHE C 170 1.51 -7.40 4.74
C PHE C 170 0.84 -8.62 4.11
N GLU C 171 1.47 -9.12 3.05
CA GLU C 171 1.00 -10.29 2.33
C GLU C 171 1.83 -11.50 2.75
N SER C 172 1.15 -12.59 3.11
CA SER C 172 1.82 -13.81 3.53
C SER C 172 1.17 -15.02 2.86
N MET C 173 2.00 -15.96 2.44
CA MET C 173 1.54 -17.19 1.79
C MET C 173 2.03 -18.38 2.60
N PRO C 174 1.20 -18.94 3.47
CA PRO C 174 1.62 -20.08 4.28
C PRO C 174 1.62 -21.37 3.49
N TYR C 175 2.39 -22.33 3.98
CA TYR C 175 2.53 -23.65 3.38
C TYR C 175 2.02 -24.71 4.36
N LYS C 176 1.44 -25.77 3.80
CA LYS C 176 0.90 -26.86 4.59
C LYS C 176 1.91 -28.01 4.66
N VAL C 177 1.57 -29.02 5.45
CA VAL C 177 2.41 -30.21 5.64
C VAL C 177 1.66 -31.43 5.11
N ASN C 178 2.38 -32.54 5.02
CA ASN C 178 1.78 -33.77 4.54
C ASN C 178 0.84 -34.34 5.59
N PRO C 179 -0.43 -34.59 5.26
CA PRO C 179 -1.35 -35.13 6.27
C PRO C 179 -1.09 -36.59 6.59
N ASP C 180 -0.47 -37.35 5.68
CA ASP C 180 -0.20 -38.77 5.93
C ASP C 180 1.05 -38.95 6.78
N THR C 181 2.18 -38.42 6.33
CA THR C 181 3.42 -38.56 7.08
C THR C 181 3.42 -37.69 8.34
N GLY C 182 2.90 -36.47 8.23
CA GLY C 182 2.84 -35.54 9.35
C GLY C 182 4.02 -34.61 9.45
N TYR C 183 5.03 -34.75 8.60
CA TYR C 183 6.19 -33.89 8.63
C TYR C 183 6.03 -32.73 7.66
N ILE C 184 6.82 -31.68 7.87
CA ILE C 184 6.77 -30.51 7.02
C ILE C 184 7.36 -30.83 5.66
N ASN C 185 6.66 -30.46 4.60
CA ASN C 185 7.12 -30.70 3.24
C ASN C 185 8.18 -29.68 2.86
N TYR C 186 9.27 -30.15 2.25
CA TYR C 186 10.36 -29.28 1.84
C TYR C 186 10.61 -29.25 0.34
N ASP C 187 10.13 -30.25 -0.42
CA ASP C 187 10.37 -30.25 -1.86
C ASP C 187 9.62 -29.10 -2.54
N GLN C 188 8.33 -28.98 -2.27
CA GLN C 188 7.54 -27.91 -2.89
C GLN C 188 7.82 -26.55 -2.26
N LEU C 189 8.42 -26.52 -1.06
CA LEU C 189 8.71 -25.26 -0.40
C LEU C 189 9.71 -24.43 -1.22
N GLU C 190 10.73 -25.08 -1.77
CA GLU C 190 11.72 -24.37 -2.57
C GLU C 190 11.08 -23.76 -3.82
N GLU C 191 10.21 -24.54 -4.48
CA GLU C 191 9.55 -24.02 -5.69
C GLU C 191 8.61 -22.87 -5.34
N ASN C 192 7.89 -22.99 -4.22
CA ASN C 192 6.99 -21.92 -3.82
C ASN C 192 7.77 -20.65 -3.48
N ALA C 193 8.94 -20.81 -2.85
CA ALA C 193 9.75 -19.64 -2.51
C ALA C 193 10.34 -19.01 -3.76
N ARG C 194 10.73 -19.84 -4.74
CA ARG C 194 11.29 -19.30 -5.97
C ARG C 194 10.24 -18.60 -6.82
N LEU C 195 9.00 -19.08 -6.77
CA LEU C 195 7.92 -18.47 -7.54
C LEU C 195 7.24 -17.31 -6.82
N PHE C 196 7.39 -17.21 -5.50
CA PHE C 196 6.79 -16.15 -4.72
C PHE C 196 7.75 -15.00 -4.43
N HIS C 197 9.05 -15.27 -4.37
CA HIS C 197 10.09 -14.28 -4.11
C HIS C 197 9.84 -13.56 -2.79
N PRO C 198 9.97 -14.24 -1.64
CA PRO C 198 9.73 -13.57 -0.36
C PRO C 198 10.98 -12.90 0.18
N LYS C 199 10.88 -12.29 1.36
CA LYS C 199 12.01 -11.62 1.99
C LYS C 199 12.31 -12.12 3.39
N LEU C 200 11.48 -13.00 3.95
CA LEU C 200 11.70 -13.53 5.29
C LEU C 200 11.00 -14.87 5.41
N ILE C 201 11.74 -15.89 5.83
CA ILE C 201 11.21 -17.23 6.00
C ILE C 201 10.98 -17.47 7.49
N ILE C 202 9.74 -17.78 7.86
CA ILE C 202 9.36 -18.02 9.25
C ILE C 202 9.13 -19.51 9.44
N ALA C 203 9.64 -20.04 10.55
CA ALA C 203 9.51 -21.45 10.89
C ALA C 203 8.92 -21.60 12.29
N GLY C 204 7.83 -20.87 12.54
CA GLY C 204 7.20 -20.93 13.85
C GLY C 204 6.60 -22.30 14.13
N THR C 205 6.65 -22.68 15.41
CA THR C 205 6.14 -23.96 15.87
C THR C 205 5.20 -23.73 17.06
N SER C 206 3.97 -24.23 16.93
CA SER C 206 2.98 -24.10 17.99
C SER C 206 2.43 -25.44 18.47
N CYS C 207 2.34 -26.43 17.58
CA CYS C 207 1.84 -27.75 17.94
C CYS C 207 2.70 -28.86 17.38
N TYR C 208 3.77 -28.53 16.65
CA TYR C 208 4.64 -29.55 16.07
C TYR C 208 5.39 -30.28 17.18
N SER C 209 5.40 -31.62 17.10
CA SER C 209 6.07 -32.45 18.09
C SER C 209 7.38 -33.04 17.57
N ARG C 210 7.94 -32.48 16.51
CA ARG C 210 9.19 -32.95 15.93
C ARG C 210 10.12 -31.76 15.71
N ASN C 211 11.34 -32.07 15.24
CA ASN C 211 12.34 -31.06 14.97
C ASN C 211 12.19 -30.53 13.55
N LEU C 212 13.04 -29.58 13.19
CA LEU C 212 13.03 -28.96 11.87
C LEU C 212 14.44 -28.93 11.30
N GLU C 213 14.53 -28.99 9.98
CA GLU C 213 15.82 -28.97 9.27
C GLU C 213 16.19 -27.51 9.03
N TYR C 214 17.00 -26.95 9.92
CA TYR C 214 17.41 -25.56 9.78
C TYR C 214 18.40 -25.38 8.64
N ALA C 215 19.15 -26.42 8.29
CA ALA C 215 20.11 -26.31 7.19
C ALA C 215 19.41 -26.05 5.87
N ARG C 216 18.36 -26.83 5.58
CA ARG C 216 17.63 -26.63 4.33
C ARG C 216 16.94 -25.27 4.30
N LEU C 217 16.43 -24.83 5.46
CA LEU C 217 15.79 -23.52 5.51
C LEU C 217 16.79 -22.41 5.23
N ARG C 218 17.99 -22.51 5.83
CA ARG C 218 19.00 -21.50 5.59
C ARG C 218 19.45 -21.51 4.13
N LYS C 219 19.55 -22.71 3.54
CA LYS C 219 19.95 -22.81 2.14
C LYS C 219 18.91 -22.16 1.23
N ILE C 220 17.63 -22.42 1.49
CA ILE C 220 16.57 -21.83 0.68
C ILE C 220 16.55 -20.32 0.86
N ALA C 221 16.79 -19.85 2.09
CA ALA C 221 16.80 -18.41 2.32
C ALA C 221 17.96 -17.74 1.60
N ASP C 222 19.13 -18.38 1.59
CA ASP C 222 20.28 -17.80 0.90
C ASP C 222 20.14 -17.90 -0.61
N GLU C 223 19.37 -18.86 -1.10
CA GLU C 223 19.19 -19.01 -2.55
C GLU C 223 18.48 -17.81 -3.14
N ASN C 224 17.57 -17.18 -2.39
CA ASN C 224 16.84 -16.02 -2.85
C ASN C 224 17.30 -14.72 -2.19
N GLY C 225 18.37 -14.77 -1.39
CA GLY C 225 18.86 -13.59 -0.72
C GLY C 225 17.95 -13.05 0.37
N ALA C 226 17.11 -13.90 0.94
CA ALA C 226 16.20 -13.50 2.01
C ALA C 226 16.81 -13.82 3.37
N TYR C 227 16.02 -13.63 4.43
CA TYR C 227 16.46 -13.89 5.79
C TYR C 227 15.65 -15.05 6.38
N LEU C 228 16.20 -15.65 7.43
CA LEU C 228 15.58 -16.76 8.13
C LEU C 228 15.22 -16.32 9.54
N MET C 229 13.99 -16.64 9.96
CA MET C 229 13.51 -16.29 11.29
C MET C 229 12.90 -17.51 11.95
N ALA C 230 13.25 -17.73 13.21
CA ALA C 230 12.75 -18.86 14.00
C ALA C 230 12.55 -18.41 15.43
N ASP C 231 11.41 -18.79 16.01
CA ASP C 231 11.07 -18.45 17.39
C ASP C 231 11.11 -19.70 18.24
N MET C 232 11.85 -19.64 19.35
CA MET C 232 12.00 -20.74 20.29
C MET C 232 11.18 -20.50 21.55
N ALA C 233 9.99 -19.92 21.41
CA ALA C 233 9.14 -19.67 22.57
C ALA C 233 8.63 -20.96 23.19
N HIS C 234 8.18 -21.90 22.35
CA HIS C 234 7.68 -23.16 22.87
C HIS C 234 8.80 -24.02 23.44
N ILE C 235 9.96 -24.03 22.79
CA ILE C 235 11.11 -24.80 23.23
C ILE C 235 12.19 -23.79 23.62
N SER C 236 12.23 -23.44 24.90
CA SER C 236 13.19 -22.48 25.43
C SER C 236 14.17 -23.12 26.42
N GLY C 237 13.66 -23.88 27.39
CA GLY C 237 14.53 -24.51 28.36
C GLY C 237 15.33 -25.66 27.79
N LEU C 238 14.67 -26.51 26.98
CA LEU C 238 15.35 -27.65 26.38
C LEU C 238 16.54 -27.21 25.54
N VAL C 239 16.45 -26.03 24.92
CA VAL C 239 17.55 -25.53 24.10
C VAL C 239 18.71 -25.12 25.00
N ALA C 240 18.41 -24.58 26.19
CA ALA C 240 19.47 -24.17 27.09
C ALA C 240 20.10 -25.35 27.82
N ALA C 241 19.35 -26.44 27.98
CA ALA C 241 19.89 -27.62 28.66
C ALA C 241 20.71 -28.48 27.72
N GLY C 242 20.29 -28.61 26.47
CA GLY C 242 21.02 -29.41 25.50
C GLY C 242 20.22 -30.58 24.98
N VAL C 243 18.93 -30.61 25.27
CA VAL C 243 18.08 -31.70 24.79
C VAL C 243 17.67 -31.47 23.34
N VAL C 244 17.40 -30.22 22.97
CA VAL C 244 17.00 -29.87 21.62
C VAL C 244 18.14 -29.09 20.98
N PRO C 245 18.50 -29.38 19.72
CA PRO C 245 19.59 -28.64 19.08
C PRO C 245 19.31 -27.15 19.04
N SER C 246 20.35 -26.37 19.35
CA SER C 246 20.22 -24.92 19.36
C SER C 246 20.10 -24.39 17.95
N PRO C 247 19.07 -23.60 17.63
CA PRO C 247 18.91 -23.06 16.28
C PRO C 247 19.71 -21.79 15.99
N PHE C 248 20.69 -21.46 16.84
CA PHE C 248 21.52 -20.28 16.65
C PHE C 248 22.67 -20.49 15.69
N GLU C 249 22.62 -21.52 14.85
CA GLU C 249 23.68 -21.81 13.90
C GLU C 249 23.25 -21.70 12.45
N HIS C 250 21.95 -21.54 12.17
CA HIS C 250 21.46 -21.43 10.81
C HIS C 250 20.48 -20.29 10.59
N CYS C 251 19.93 -19.69 11.65
CA CYS C 251 18.98 -18.60 11.52
C CYS C 251 19.68 -17.26 11.75
N HIS C 252 19.04 -16.20 11.25
CA HIS C 252 19.58 -14.85 11.38
C HIS C 252 19.03 -14.14 12.61
N VAL C 253 17.73 -14.24 12.85
CA VAL C 253 17.07 -13.62 14.00
C VAL C 253 16.33 -14.69 14.76
N VAL C 254 16.39 -14.63 16.09
CA VAL C 254 15.74 -15.59 16.97
C VAL C 254 15.01 -14.83 18.07
N THR C 255 13.75 -15.17 18.29
CA THR C 255 12.92 -14.55 19.31
C THR C 255 12.40 -15.64 20.26
N THR C 256 12.15 -15.26 21.50
CA THR C 256 11.66 -16.22 22.48
C THR C 256 10.95 -15.48 23.60
N THR C 257 10.20 -16.26 24.39
CA THR C 257 9.44 -15.75 25.53
C THR C 257 9.96 -16.43 26.79
N THR C 258 9.99 -15.68 27.89
CA THR C 258 10.47 -16.17 29.18
C THR C 258 9.33 -16.49 30.14
N HIS C 259 8.20 -16.95 29.62
CA HIS C 259 7.06 -17.29 30.47
C HIS C 259 6.47 -18.64 30.08
N LYS C 260 7.27 -19.49 29.47
CA LYS C 260 6.82 -20.82 29.03
C LYS C 260 7.53 -21.90 29.75
N THR C 261 8.83 -22.04 29.49
CA THR C 261 9.63 -23.07 30.13
C THR C 261 10.85 -22.50 30.85
N LEU C 262 11.04 -21.19 30.73
CA LEU C 262 12.18 -20.54 31.38
C LEU C 262 11.92 -20.20 32.85
N ARG C 263 10.68 -20.37 33.32
CA ARG C 263 10.30 -20.09 34.71
C ARG C 263 10.62 -18.64 35.07
N GLY C 264 9.96 -17.72 34.36
CA GLY C 264 10.16 -16.30 34.60
C GLY C 264 8.93 -15.48 34.30
N CYS C 265 9.06 -14.15 34.35
CA CYS C 265 7.94 -13.27 34.09
C CYS C 265 7.67 -13.18 32.59
N ARG C 266 6.59 -12.49 32.22
CA ARG C 266 6.22 -12.32 30.83
C ARG C 266 7.10 -11.24 30.20
N ALA C 267 8.01 -11.67 29.32
CA ALA C 267 8.93 -10.74 28.66
C ALA C 267 9.28 -11.31 27.29
N GLY C 268 9.99 -10.50 26.52
CA GLY C 268 10.40 -10.90 25.18
C GLY C 268 11.87 -10.63 24.96
N MET C 269 12.49 -11.50 24.16
CA MET C 269 13.90 -11.40 23.82
C MET C 269 14.07 -11.47 22.30
N ILE C 270 15.09 -10.78 21.81
CA ILE C 270 15.39 -10.74 20.37
C ILE C 270 16.88 -10.95 20.18
N PHE C 271 17.23 -11.95 19.36
CA PHE C 271 18.62 -12.28 19.06
C PHE C 271 18.89 -11.96 17.59
N TYR C 272 20.04 -11.35 17.32
CA TYR C 272 20.41 -10.99 15.96
C TYR C 272 21.91 -11.20 15.78
N ARG C 273 22.30 -11.34 14.51
CA ARG C 273 23.70 -11.54 14.14
C ARG C 273 24.37 -10.20 13.90
N LYS C 274 25.53 -10.00 14.51
CA LYS C 274 26.30 -8.77 14.38
C LYS C 274 27.70 -9.11 13.90
N GLY C 275 28.03 -8.67 12.69
CA GLY C 275 29.34 -8.94 12.12
C GLY C 275 29.31 -8.81 10.61
N VAL C 276 30.12 -9.64 9.95
CA VAL C 276 30.23 -9.66 8.51
C VAL C 276 29.27 -10.70 7.94
N LYS C 277 28.63 -10.38 6.82
CA LYS C 277 27.68 -11.26 6.16
C LYS C 277 28.30 -11.96 4.96
N SER C 278 28.92 -11.21 4.05
CA SER C 278 29.54 -11.77 2.86
C SER C 278 30.76 -10.93 2.52
N VAL C 279 31.42 -11.30 1.42
CA VAL C 279 32.62 -10.62 0.94
C VAL C 279 32.35 -10.09 -0.46
N ASP C 280 32.95 -8.96 -0.78
CA ASP C 280 32.77 -8.36 -2.09
C ASP C 280 33.77 -8.96 -3.08
N PRO C 281 33.30 -9.60 -4.17
CA PRO C 281 34.24 -10.19 -5.14
C PRO C 281 35.07 -9.18 -5.90
N LYS C 282 34.71 -7.88 -5.85
CA LYS C 282 35.47 -6.88 -6.58
C LYS C 282 36.80 -6.58 -5.89
N THR C 283 36.74 -6.13 -4.64
CA THR C 283 37.95 -5.82 -3.88
C THR C 283 38.08 -6.60 -2.59
N GLY C 284 36.97 -6.87 -1.90
CA GLY C 284 37.03 -7.62 -0.66
C GLY C 284 36.49 -6.89 0.55
N LYS C 285 35.63 -5.90 0.33
CA LYS C 285 35.06 -5.15 1.44
C LYS C 285 34.10 -6.02 2.24
N GLU C 286 34.26 -5.99 3.56
CA GLU C 286 33.41 -6.78 4.45
C GLU C 286 32.07 -6.09 4.62
N ILE C 287 31.00 -6.76 4.19
CA ILE C 287 29.65 -6.21 4.31
C ILE C 287 29.15 -6.45 5.73
N LEU C 288 29.12 -5.39 6.54
CA LEU C 288 28.67 -5.52 7.91
C LEU C 288 27.15 -5.71 7.95
N TYR C 289 26.69 -6.37 9.02
CA TYR C 289 25.26 -6.61 9.18
C TYR C 289 24.53 -5.32 9.49
N ASN C 290 23.35 -5.17 8.91
CA ASN C 290 22.51 -3.99 9.10
C ASN C 290 21.19 -4.36 9.79
N LEU C 291 21.28 -5.19 10.83
CA LEU C 291 20.12 -5.63 11.57
C LEU C 291 20.01 -5.01 12.96
N GLU C 292 21.13 -4.78 13.63
CA GLU C 292 21.11 -4.21 14.97
C GLU C 292 20.51 -2.80 14.96
N SER C 293 20.98 -1.96 14.05
CA SER C 293 20.47 -0.59 13.97
C SER C 293 18.99 -0.56 13.64
N LEU C 294 18.56 -1.40 12.69
CA LEU C 294 17.15 -1.44 12.31
C LEU C 294 16.28 -1.92 13.46
N ILE C 295 16.72 -2.98 14.16
CA ILE C 295 15.94 -3.50 15.28
C ILE C 295 15.86 -2.46 16.38
N ASN C 296 16.95 -1.75 16.65
CA ASN C 296 16.94 -0.73 17.70
C ASN C 296 16.03 0.43 17.33
N SER C 297 16.07 0.87 16.07
CA SER C 297 15.24 1.98 15.64
C SER C 297 13.76 1.60 15.55
N ALA C 298 13.46 0.31 15.36
CA ALA C 298 12.07 -0.11 15.25
C ALA C 298 11.45 -0.46 16.61
N VAL C 299 12.23 -1.01 17.54
CA VAL C 299 11.68 -1.36 18.84
C VAL C 299 11.44 -0.11 19.68
N PHE C 300 12.23 0.94 19.46
CA PHE C 300 12.07 2.19 20.21
C PHE C 300 12.73 3.34 19.48
N PRO C 301 12.01 4.44 19.20
CA PRO C 301 10.60 4.60 19.54
C PRO C 301 9.69 4.25 18.36
N GLY C 302 10.11 3.28 17.55
CA GLY C 302 9.32 2.90 16.39
C GLY C 302 8.01 2.24 16.76
N LEU C 303 8.02 1.35 17.76
CA LEU C 303 6.81 0.65 18.19
C LEU C 303 6.37 1.04 19.58
N GLN C 304 7.24 0.92 20.59
CA GLN C 304 6.91 1.26 21.96
C GLN C 304 7.85 2.34 22.48
N GLY C 305 7.54 2.81 23.68
CA GLY C 305 8.33 3.84 24.32
C GLY C 305 9.07 3.34 25.54
N GLY C 306 8.66 3.79 26.72
CA GLY C 306 9.28 3.38 27.96
C GLY C 306 9.08 1.91 28.27
N PRO C 307 10.17 1.17 28.42
CA PRO C 307 10.05 -0.26 28.72
C PRO C 307 9.61 -0.54 30.15
N HIS C 308 9.57 -1.81 30.53
CA HIS C 308 9.16 -2.23 31.86
C HIS C 308 10.42 -2.65 32.63
N ASN C 309 10.82 -1.84 33.61
CA ASN C 309 12.00 -2.15 34.40
C ASN C 309 11.74 -3.21 35.46
N HIS C 310 10.47 -3.43 35.84
CA HIS C 310 10.16 -4.43 36.85
C HIS C 310 10.36 -5.86 36.35
N ALA C 311 10.29 -6.08 35.04
CA ALA C 311 10.48 -7.41 34.48
C ALA C 311 11.93 -7.72 34.17
N ILE C 312 12.79 -6.70 34.10
CA ILE C 312 14.20 -6.93 33.79
C ILE C 312 14.84 -7.76 34.89
N ALA C 313 14.59 -7.41 36.14
CA ALA C 313 15.17 -8.15 37.26
C ALA C 313 14.67 -9.59 37.28
N GLY C 314 13.37 -9.78 37.01
CA GLY C 314 12.82 -11.12 37.01
C GLY C 314 13.41 -11.99 35.91
N VAL C 315 13.50 -11.45 34.70
CA VAL C 315 14.07 -12.23 33.60
C VAL C 315 15.55 -12.48 33.85
N ALA C 316 16.25 -11.54 34.48
CA ALA C 316 17.68 -11.76 34.76
C ALA C 316 17.86 -12.87 35.78
N VAL C 317 17.02 -12.88 36.83
CA VAL C 317 17.12 -13.93 37.84
C VAL C 317 16.77 -15.27 37.22
N ALA C 318 15.77 -15.30 36.33
CA ALA C 318 15.41 -16.56 35.69
C ALA C 318 16.54 -17.07 34.81
N LEU C 319 17.16 -16.18 34.03
CA LEU C 319 18.26 -16.59 33.17
C LEU C 319 19.45 -17.07 33.99
N LYS C 320 19.69 -16.45 35.14
CA LYS C 320 20.80 -16.88 35.98
C LYS C 320 20.51 -18.25 36.60
N GLN C 321 19.28 -18.47 37.05
CA GLN C 321 18.92 -19.75 37.64
C GLN C 321 18.89 -20.86 36.59
N ALA C 322 18.67 -20.51 35.33
CA ALA C 322 18.64 -21.52 34.27
C ALA C 322 20.02 -22.08 33.96
N MET C 323 21.08 -21.42 34.41
CA MET C 323 22.45 -21.88 34.15
C MET C 323 22.90 -22.97 35.12
N THR C 324 22.24 -23.12 36.26
CA THR C 324 22.62 -24.13 37.23
C THR C 324 22.25 -25.53 36.74
N LEU C 325 22.89 -26.53 37.36
CA LEU C 325 22.62 -27.92 36.99
C LEU C 325 21.19 -28.34 37.31
N GLU C 326 20.55 -27.66 38.27
CA GLU C 326 19.18 -28.00 38.62
C GLU C 326 18.25 -27.83 37.44
N PHE C 327 18.49 -26.80 36.61
CA PHE C 327 17.65 -26.59 35.44
C PHE C 327 17.82 -27.73 34.44
N LYS C 328 19.06 -28.20 34.25
CA LYS C 328 19.28 -29.32 33.34
C LYS C 328 18.63 -30.58 33.85
N VAL C 329 18.72 -30.82 35.16
CA VAL C 329 18.09 -32.01 35.74
C VAL C 329 16.57 -31.92 35.58
N TYR C 330 16.02 -30.72 35.75
CA TYR C 330 14.58 -30.54 35.60
C TYR C 330 14.15 -30.79 34.17
N GLN C 331 14.94 -30.31 33.19
CA GLN C 331 14.61 -30.55 31.79
C GLN C 331 14.68 -32.03 31.46
N HIS C 332 15.68 -32.72 32.00
CA HIS C 332 15.80 -34.16 31.75
C HIS C 332 14.62 -34.90 32.34
N GLN C 333 14.21 -34.53 33.55
CA GLN C 333 13.06 -35.17 34.17
C GLN C 333 11.78 -34.86 33.39
N VAL C 334 11.69 -33.65 32.82
CA VAL C 334 10.52 -33.27 32.04
C VAL C 334 10.42 -34.14 30.79
N VAL C 335 11.53 -34.26 30.05
CA VAL C 335 11.48 -35.08 28.84
C VAL C 335 11.25 -36.55 29.18
N ALA C 336 11.79 -37.02 30.31
CA ALA C 336 11.57 -38.42 30.69
C ALA C 336 10.10 -38.65 31.03
N ASN C 337 9.49 -37.75 31.79
CA ASN C 337 8.09 -37.88 32.14
C ASN C 337 7.22 -37.78 30.89
N CYS C 338 7.61 -36.93 29.94
CA CYS C 338 6.84 -36.80 28.72
C CYS C 338 6.89 -38.10 27.91
N ARG C 339 8.07 -38.70 27.81
CA ARG C 339 8.18 -39.96 27.08
C ARG C 339 7.38 -41.06 27.77
N ALA C 340 7.44 -41.10 29.10
CA ALA C 340 6.69 -42.12 29.85
C ALA C 340 5.19 -41.93 29.65
N LEU C 341 4.72 -40.68 29.69
CA LEU C 341 3.30 -40.41 29.51
C LEU C 341 2.85 -40.78 28.11
N SER C 342 3.68 -40.47 27.10
CA SER C 342 3.31 -40.82 25.74
C SER C 342 3.23 -42.33 25.56
N GLU C 343 4.20 -43.06 26.14
CA GLU C 343 4.17 -44.52 26.03
C GLU C 343 2.95 -45.09 26.75
N ALA C 344 2.62 -44.55 27.92
CA ALA C 344 1.46 -45.04 28.66
C ALA C 344 0.17 -44.77 27.89
N LEU C 345 0.07 -43.59 27.27
CA LEU C 345 -1.13 -43.26 26.50
C LEU C 345 -1.24 -44.14 25.27
N THR C 346 -0.11 -44.45 24.63
CA THR C 346 -0.13 -45.31 23.45
C THR C 346 -0.45 -46.75 23.83
N GLU C 347 -0.09 -47.17 25.04
CA GLU C 347 -0.38 -48.54 25.46
C GLU C 347 -1.87 -48.75 25.69
N LEU C 348 -2.59 -47.71 26.14
CA LEU C 348 -4.02 -47.85 26.38
C LEU C 348 -4.82 -48.03 25.10
N GLY C 349 -4.27 -47.65 23.95
CA GLY C 349 -4.97 -47.79 22.69
C GLY C 349 -5.29 -46.47 22.01
N TYR C 350 -4.44 -45.47 22.23
CA TYR C 350 -4.62 -44.15 21.64
C TYR C 350 -3.55 -43.91 20.58
N LYS C 351 -3.94 -43.28 19.49
CA LYS C 351 -3.03 -42.99 18.38
C LYS C 351 -2.38 -41.62 18.59
N ILE C 352 -1.06 -41.59 18.51
CA ILE C 352 -0.28 -40.37 18.68
C ILE C 352 0.30 -39.97 17.32
N VAL C 353 0.24 -38.68 17.02
CA VAL C 353 0.76 -38.18 15.74
C VAL C 353 2.27 -38.38 15.71
N THR C 354 2.76 -38.85 14.55
CA THR C 354 4.18 -39.12 14.30
C THR C 354 4.77 -40.12 15.30
N GLY C 355 3.93 -40.97 15.88
CA GLY C 355 4.39 -41.96 16.82
C GLY C 355 4.70 -41.40 18.20
N GLY C 356 5.78 -40.64 18.31
CA GLY C 356 6.16 -40.05 19.58
C GLY C 356 6.35 -38.55 19.50
N SER C 357 7.05 -37.98 20.49
CA SER C 357 7.28 -36.54 20.53
C SER C 357 8.61 -36.29 21.22
N ASP C 358 9.53 -35.61 20.53
CA ASP C 358 10.83 -35.31 21.11
C ASP C 358 10.76 -34.15 22.10
N ASN C 359 9.77 -33.29 21.97
CA ASN C 359 9.59 -32.14 22.85
C ASN C 359 8.69 -32.53 24.02
N HIS C 360 8.27 -31.53 24.82
CA HIS C 360 7.42 -31.81 25.98
C HIS C 360 5.94 -31.85 25.62
N LEU C 361 5.49 -31.05 24.66
CA LEU C 361 4.09 -31.04 24.28
C LEU C 361 3.82 -32.13 23.25
N ILE C 362 2.69 -32.83 23.41
CA ILE C 362 2.31 -33.90 22.52
C ILE C 362 0.97 -33.55 21.86
N LEU C 363 0.74 -34.13 20.70
CA LEU C 363 -0.47 -33.92 19.91
C LEU C 363 -1.22 -35.25 19.87
N VAL C 364 -2.18 -35.41 20.78
CA VAL C 364 -2.97 -36.64 20.86
C VAL C 364 -4.07 -36.58 19.81
N ASP C 365 -4.29 -37.69 19.12
CA ASP C 365 -5.32 -37.81 18.10
C ASP C 365 -6.42 -38.74 18.58
N LEU C 366 -7.66 -38.25 18.54
CA LEU C 366 -8.82 -39.01 18.98
C LEU C 366 -9.80 -39.28 17.82
N ARG C 367 -9.31 -39.23 16.58
CA ARG C 367 -10.19 -39.48 15.44
C ARG C 367 -10.59 -40.94 15.32
N SER C 368 -9.81 -41.86 15.89
CA SER C 368 -10.15 -43.28 15.79
C SER C 368 -11.41 -43.59 16.59
N LYS C 369 -11.59 -42.95 17.75
CA LYS C 369 -12.77 -43.19 18.56
C LYS C 369 -14.02 -42.53 18.00
N GLY C 370 -13.86 -41.46 17.23
CA GLY C 370 -14.99 -40.76 16.65
C GLY C 370 -15.46 -39.55 17.43
N THR C 371 -14.85 -39.27 18.57
CA THR C 371 -15.23 -38.13 19.40
C THR C 371 -14.36 -36.92 19.07
N ASP C 372 -15.00 -35.76 18.91
CA ASP C 372 -14.29 -34.53 18.60
C ASP C 372 -13.56 -34.02 19.84
N GLY C 373 -12.83 -32.91 19.67
CA GLY C 373 -12.07 -32.34 20.77
C GLY C 373 -12.86 -31.41 21.67
N GLY C 374 -13.94 -30.81 21.16
CA GLY C 374 -14.75 -29.90 21.95
C GLY C 374 -15.37 -30.52 23.19
N ARG C 375 -16.18 -31.56 22.99
CA ARG C 375 -16.84 -32.22 24.12
C ARG C 375 -15.81 -32.85 25.05
N ALA C 376 -14.75 -33.42 24.49
CA ALA C 376 -13.71 -34.04 25.32
C ALA C 376 -13.05 -33.00 26.22
N GLU C 377 -12.70 -31.84 25.65
CA GLU C 377 -12.08 -30.79 26.44
C GLU C 377 -13.05 -30.25 27.48
N LYS C 378 -14.34 -30.14 27.12
CA LYS C 378 -15.32 -29.63 28.08
C LYS C 378 -15.45 -30.57 29.28
N VAL C 379 -15.55 -31.88 29.03
CA VAL C 379 -15.67 -32.83 30.12
C VAL C 379 -14.39 -32.86 30.95
N LEU C 380 -13.23 -32.84 30.28
CA LEU C 380 -11.96 -32.86 31.00
C LEU C 380 -11.83 -31.63 31.88
N GLU C 381 -12.38 -30.50 31.42
CA GLU C 381 -12.34 -29.28 32.21
C GLU C 381 -13.29 -29.41 33.39
N ALA C 382 -14.45 -30.03 33.16
CA ALA C 382 -15.42 -30.22 34.23
C ALA C 382 -14.87 -31.10 35.34
N CYS C 383 -13.99 -32.06 34.99
CA CYS C 383 -13.39 -32.94 35.98
C CYS C 383 -12.12 -32.34 36.60
N SER C 384 -12.01 -31.00 36.60
CA SER C 384 -10.88 -30.26 37.16
C SER C 384 -9.54 -30.67 36.55
N ILE C 385 -9.49 -30.73 35.22
CA ILE C 385 -8.27 -31.06 34.48
C ILE C 385 -8.16 -30.13 33.29
N ALA C 386 -6.99 -29.51 33.11
CA ALA C 386 -6.76 -28.58 32.02
C ALA C 386 -6.23 -29.29 30.77
N CYS C 387 -6.55 -28.71 29.62
CA CYS C 387 -6.13 -29.24 28.33
C CYS C 387 -6.47 -28.21 27.26
N ASN C 388 -5.86 -28.38 26.09
CA ASN C 388 -6.07 -27.49 24.95
C ASN C 388 -6.39 -28.32 23.71
N LYS C 389 -7.43 -27.93 22.99
CA LYS C 389 -7.82 -28.63 21.77
C LYS C 389 -7.13 -28.04 20.56
N ASN C 390 -6.89 -28.88 19.55
CA ASN C 390 -6.23 -28.44 18.33
C ASN C 390 -6.67 -29.35 17.20
N THR C 391 -6.40 -28.90 15.97
CA THR C 391 -6.76 -29.65 14.78
C THR C 391 -5.60 -30.53 14.34
N CYS C 392 -5.94 -31.65 13.70
CA CYS C 392 -4.97 -32.61 13.19
C CYS C 392 -4.60 -32.29 11.74
N PRO C 393 -3.41 -32.67 11.31
CA PRO C 393 -3.01 -32.39 9.92
C PRO C 393 -3.91 -33.13 8.94
N GLY C 394 -4.63 -32.35 8.13
CA GLY C 394 -5.54 -32.93 7.16
C GLY C 394 -6.93 -33.19 7.69
N ASP C 395 -7.40 -32.41 8.64
CA ASP C 395 -8.73 -32.60 9.21
C ASP C 395 -9.78 -32.00 8.28
N ARG C 396 -10.72 -32.82 7.83
CA ARG C 396 -11.76 -32.34 6.94
C ARG C 396 -12.78 -31.49 7.69
N SER C 397 -13.23 -31.96 8.85
CA SER C 397 -14.19 -31.24 9.67
C SER C 397 -13.46 -30.18 10.47
N ALA C 398 -13.32 -28.99 9.90
CA ALA C 398 -12.63 -27.89 10.57
C ALA C 398 -13.46 -27.30 11.70
N LEU C 399 -14.77 -27.52 11.70
CA LEU C 399 -15.62 -26.97 12.75
C LEU C 399 -15.51 -27.74 14.06
N ARG C 400 -15.09 -29.01 14.02
CA ARG C 400 -14.94 -29.83 15.22
C ARG C 400 -13.54 -30.43 15.24
N PRO C 401 -12.64 -29.92 16.08
CA PRO C 401 -11.28 -30.48 16.13
C PRO C 401 -11.29 -31.90 16.66
N SER C 402 -10.28 -32.67 16.24
CA SER C 402 -10.14 -34.07 16.66
C SER C 402 -8.82 -34.31 17.39
N GLY C 403 -8.16 -33.26 17.86
CA GLY C 403 -6.90 -33.39 18.57
C GLY C 403 -6.98 -32.76 19.95
N LEU C 404 -6.37 -33.41 20.93
CA LEU C 404 -6.33 -32.95 22.30
C LEU C 404 -4.87 -32.81 22.70
N ARG C 405 -4.32 -31.60 22.50
CA ARG C 405 -2.92 -31.35 22.82
C ARG C 405 -2.71 -31.34 24.33
N LEU C 406 -1.60 -31.95 24.76
CA LEU C 406 -1.24 -32.03 26.16
C LEU C 406 0.22 -31.62 26.35
N GLY C 407 0.58 -31.32 27.59
CA GLY C 407 1.93 -30.90 27.91
C GLY C 407 2.16 -30.95 29.39
N THR C 408 3.41 -31.18 29.79
CA THR C 408 3.80 -31.27 31.19
C THR C 408 4.95 -30.30 31.49
N PRO C 409 4.72 -29.00 31.37
CA PRO C 409 5.80 -28.04 31.65
C PRO C 409 5.91 -27.65 33.12
N ALA C 410 4.79 -27.75 33.86
CA ALA C 410 4.77 -27.39 35.27
C ALA C 410 4.51 -28.55 36.21
N LEU C 411 4.00 -29.68 35.72
CA LEU C 411 3.73 -30.81 36.61
C LEU C 411 5.02 -31.35 37.22
N THR C 412 6.10 -31.41 36.43
CA THR C 412 7.37 -31.92 36.94
C THR C 412 7.92 -31.05 38.05
N SER C 413 7.68 -29.74 37.99
CA SER C 413 8.18 -28.84 39.04
C SER C 413 7.52 -29.07 40.38
N ARG C 414 6.33 -29.69 40.40
CA ARG C 414 5.65 -29.95 41.67
C ARG C 414 6.11 -31.24 42.33
N GLY C 415 6.55 -32.21 41.54
CA GLY C 415 7.00 -33.47 42.10
C GLY C 415 6.39 -34.68 41.42
N LEU C 416 5.78 -34.47 40.26
CA LEU C 416 5.16 -35.56 39.52
C LEU C 416 6.22 -36.58 39.09
N LEU C 417 5.85 -37.86 39.16
CA LEU C 417 6.78 -38.93 38.79
C LEU C 417 6.16 -39.87 37.76
N GLU C 418 6.85 -40.99 37.49
CA GLU C 418 6.35 -41.96 36.51
C GLU C 418 5.02 -42.57 36.94
N LYS C 419 4.95 -43.04 38.19
CA LYS C 419 3.71 -43.63 38.67
C LYS C 419 2.59 -42.59 38.73
N ASP C 420 2.92 -41.37 39.13
CA ASP C 420 1.93 -40.31 39.19
C ASP C 420 1.41 -39.99 37.79
N PHE C 421 2.31 -39.92 36.81
CA PHE C 421 1.87 -39.67 35.44
C PHE C 421 1.05 -40.83 34.90
N GLN C 422 1.36 -42.06 35.34
CA GLN C 422 0.57 -43.20 34.91
C GLN C 422 -0.84 -43.10 35.47
N LYS C 423 -0.96 -42.68 36.73
CA LYS C 423 -2.29 -42.50 37.32
C LYS C 423 -3.04 -41.39 36.60
N VAL C 424 -2.34 -40.33 36.21
CA VAL C 424 -2.98 -39.24 35.48
C VAL C 424 -3.46 -39.74 34.13
N ALA C 425 -2.67 -40.61 33.48
CA ALA C 425 -3.08 -41.16 32.20
C ALA C 425 -4.31 -42.05 32.38
N HIS C 426 -4.38 -42.79 33.48
CA HIS C 426 -5.55 -43.62 33.73
C HIS C 426 -6.77 -42.74 33.94
N PHE C 427 -6.60 -41.62 34.63
CA PHE C 427 -7.71 -40.69 34.84
C PHE C 427 -8.18 -40.11 33.51
N ILE C 428 -7.21 -39.80 32.62
CA ILE C 428 -7.56 -39.28 31.31
C ILE C 428 -8.32 -40.33 30.51
N HIS C 429 -7.93 -41.60 30.64
CA HIS C 429 -8.62 -42.66 29.94
C HIS C 429 -10.05 -42.79 30.46
N ARG C 430 -10.23 -42.66 31.77
CA ARG C 430 -11.57 -42.72 32.34
C ARG C 430 -12.41 -41.56 31.83
N GLY C 431 -11.80 -40.38 31.71
CA GLY C 431 -12.53 -39.23 31.19
C GLY C 431 -12.92 -39.44 29.74
N ILE C 432 -12.04 -40.09 28.96
CA ILE C 432 -12.34 -40.37 27.57
C ILE C 432 -13.51 -41.34 27.48
N GLU C 433 -13.53 -42.34 28.36
CA GLU C 433 -14.63 -43.29 28.37
C GLU C 433 -15.94 -42.58 28.73
N LEU C 434 -15.88 -41.65 29.68
CA LEU C 434 -17.06 -40.90 30.06
C LEU C 434 -17.56 -40.05 28.89
N THR C 435 -16.63 -39.44 28.15
CA THR C 435 -17.01 -38.64 27.00
C THR C 435 -17.68 -39.51 25.95
N LEU C 436 -17.14 -40.71 25.73
CA LEU C 436 -17.74 -41.62 24.76
C LEU C 436 -19.15 -42.02 25.19
N GLN C 437 -19.33 -42.27 26.49
CA GLN C 437 -20.66 -42.65 26.98
C GLN C 437 -21.65 -41.51 26.79
N ILE C 438 -21.25 -40.29 27.15
CA ILE C 438 -22.14 -39.13 27.00
C ILE C 438 -22.46 -38.91 25.52
N GLN C 439 -21.48 -39.08 24.65
CA GLN C 439 -21.71 -38.89 23.22
C GLN C 439 -22.68 -39.93 22.69
N SER C 440 -22.53 -41.18 23.12
CA SER C 440 -23.45 -42.22 22.67
C SER C 440 -24.85 -42.01 23.23
N ASP C 441 -24.95 -41.40 24.40
CA ASP C 441 -26.26 -41.15 25.00
C ASP C 441 -26.96 -39.98 24.32
N THR C 442 -26.21 -38.95 23.94
CA THR C 442 -26.79 -37.78 23.29
C THR C 442 -26.85 -37.90 21.77
N GLY C 443 -26.11 -38.84 21.18
CA GLY C 443 -26.11 -39.02 19.75
C GLY C 443 -24.99 -38.26 19.06
N VAL C 444 -24.61 -38.76 17.89
CA VAL C 444 -23.55 -38.12 17.12
C VAL C 444 -24.08 -36.97 16.29
N ARG C 445 -25.32 -37.08 15.79
CA ARG C 445 -25.90 -36.02 14.98
C ARG C 445 -26.19 -34.75 15.78
N ALA C 446 -26.18 -34.83 17.11
CA ALA C 446 -26.44 -33.67 17.94
C ALA C 446 -25.28 -32.69 17.87
N THR C 447 -25.58 -31.43 18.18
CA THR C 447 -24.59 -30.36 18.17
C THR C 447 -23.88 -30.30 19.52
N LEU C 448 -23.04 -29.28 19.70
CA LEU C 448 -22.32 -29.14 20.96
C LEU C 448 -23.24 -28.73 22.10
N LYS C 449 -24.30 -27.96 21.81
CA LYS C 449 -25.23 -27.53 22.85
C LYS C 449 -25.88 -28.73 23.52
N GLU C 450 -26.22 -29.76 22.74
CA GLU C 450 -26.84 -30.95 23.31
C GLU C 450 -25.88 -31.64 24.27
N PHE C 451 -24.59 -31.67 23.93
CA PHE C 451 -23.61 -32.29 24.81
C PHE C 451 -23.45 -31.48 26.08
N LYS C 452 -23.42 -30.14 25.96
CA LYS C 452 -23.29 -29.30 27.14
C LYS C 452 -24.49 -29.48 28.07
N GLU C 453 -25.68 -29.66 27.48
CA GLU C 453 -26.88 -29.85 28.30
C GLU C 453 -26.89 -31.22 28.95
N ARG C 454 -26.48 -32.25 28.21
CA ARG C 454 -26.47 -33.61 28.75
C ARG C 454 -25.37 -33.80 29.78
N LEU C 455 -24.34 -32.95 29.78
CA LEU C 455 -23.26 -33.08 30.76
C LEU C 455 -23.78 -32.87 32.19
N ALA C 456 -24.88 -32.15 32.34
CA ALA C 456 -25.45 -31.88 33.65
C ALA C 456 -26.36 -33.01 34.15
N GLY C 457 -26.29 -34.20 33.55
CA GLY C 457 -27.12 -35.29 34.00
C GLY C 457 -26.77 -35.74 35.40
N ASP C 458 -27.76 -36.31 36.09
CA ASP C 458 -27.54 -36.77 37.46
C ASP C 458 -26.40 -37.78 37.54
N LYS C 459 -26.46 -38.85 36.73
CA LYS C 459 -25.40 -39.84 36.74
C LYS C 459 -24.08 -39.23 36.32
N TYR C 460 -24.10 -38.41 35.26
CA TYR C 460 -22.87 -37.76 34.80
C TYR C 460 -22.35 -36.79 35.85
N GLN C 461 -23.24 -36.10 36.55
CA GLN C 461 -22.79 -35.17 37.60
C GLN C 461 -22.13 -35.92 38.73
N ALA C 462 -22.71 -37.05 39.14
CA ALA C 462 -22.10 -37.83 40.23
C ALA C 462 -20.76 -38.40 39.79
N ALA C 463 -20.66 -38.85 38.53
CA ALA C 463 -19.41 -39.41 38.03
C ALA C 463 -18.32 -38.34 37.98
N VAL C 464 -18.64 -37.17 37.43
CA VAL C 464 -17.64 -36.11 37.37
C VAL C 464 -17.29 -35.62 38.77
N GLN C 465 -18.24 -35.66 39.71
CA GLN C 465 -17.93 -35.24 41.08
C GLN C 465 -16.97 -36.21 41.73
N ALA C 466 -17.19 -37.52 41.56
CA ALA C 466 -16.28 -38.50 42.13
C ALA C 466 -14.90 -38.39 41.50
N LEU C 467 -14.86 -38.18 40.18
CA LEU C 467 -13.59 -38.06 39.48
C LEU C 467 -12.82 -36.83 39.95
N ARG C 468 -13.50 -35.68 40.09
CA ARG C 468 -12.82 -34.48 40.53
C ARG C 468 -12.37 -34.62 41.98
N GLU C 469 -13.16 -35.30 42.83
CA GLU C 469 -12.75 -35.48 44.21
C GLU C 469 -11.51 -36.37 44.28
N GLU C 470 -11.47 -37.43 43.48
CA GLU C 470 -10.31 -38.32 43.49
C GLU C 470 -9.08 -37.60 42.97
N VAL C 471 -9.21 -36.84 41.87
CA VAL C 471 -8.05 -36.14 41.35
C VAL C 471 -7.58 -35.06 42.32
N GLU C 472 -8.51 -34.43 43.05
CA GLU C 472 -8.11 -33.41 44.02
C GLU C 472 -7.38 -34.05 45.20
N SER C 473 -7.89 -35.19 45.67
CA SER C 473 -7.21 -35.88 46.78
C SER C 473 -5.85 -36.41 46.36
N PHE C 474 -5.68 -36.73 45.08
CA PHE C 474 -4.40 -37.23 44.61
C PHE C 474 -3.40 -36.11 44.35
N ALA C 475 -3.88 -34.94 43.90
CA ALA C 475 -3.00 -33.81 43.63
C ALA C 475 -2.72 -32.96 44.86
N SER C 476 -3.51 -33.10 45.92
CA SER C 476 -3.29 -32.31 47.13
C SER C 476 -2.02 -32.70 47.87
N LEU C 477 -1.41 -33.85 47.53
CA LEU C 477 -0.19 -34.27 48.21
C LEU C 477 1.01 -33.45 47.73
N PHE C 478 1.06 -33.15 46.44
CA PHE C 478 2.18 -32.37 45.91
C PHE C 478 2.07 -30.91 46.36
N PRO C 479 3.18 -30.29 46.74
CA PRO C 479 3.13 -28.89 47.17
C PRO C 479 2.98 -27.95 45.98
N LEU C 480 2.75 -26.68 46.30
CA LEU C 480 2.57 -25.64 45.28
C LEU C 480 3.59 -24.54 45.49
N PRO C 481 4.62 -24.43 44.65
CA PRO C 481 5.62 -23.36 44.83
C PRO C 481 5.06 -22.01 44.41
N GLY C 482 5.41 -20.99 45.19
CA GLY C 482 4.95 -19.64 44.91
C GLY C 482 5.36 -18.63 45.96
N LEU C 483 4.44 -17.76 46.34
CA LEU C 483 4.71 -16.74 47.35
C LEU C 483 4.01 -17.10 48.65
N PRO C 484 4.75 -17.22 49.76
CA PRO C 484 4.10 -17.58 51.03
C PRO C 484 3.36 -16.42 51.67
N ASP C 485 2.88 -16.64 52.90
CA ASP C 485 2.14 -15.67 53.72
C ASP C 485 0.71 -15.47 53.21
N PHE C 486 0.38 -16.07 52.08
CA PHE C 486 -0.97 -15.95 51.50
C PHE C 486 -1.14 -16.93 50.34
N SER D 19 16.32 -32.31 48.42
CA SER D 19 15.27 -31.32 48.23
C SER D 19 15.81 -30.07 47.54
N SER D 20 16.58 -30.29 46.47
CA SER D 20 17.15 -29.16 45.73
C SER D 20 16.09 -28.44 44.91
N HIS D 21 15.15 -29.19 44.33
CA HIS D 21 14.10 -28.57 43.53
C HIS D 21 13.21 -27.68 44.39
N ASP D 22 12.84 -28.15 45.59
CA ASP D 22 12.00 -27.34 46.46
C ASP D 22 12.76 -26.14 47.02
N LYS D 23 14.07 -26.29 47.24
CA LYS D 23 14.85 -25.18 47.77
C LYS D 23 15.08 -24.11 46.71
N MET D 24 15.27 -24.51 45.46
CA MET D 24 15.50 -23.54 44.39
C MET D 24 14.23 -22.73 44.10
N LEU D 25 13.07 -23.40 44.08
CA LEU D 25 11.82 -22.71 43.80
C LEU D 25 11.35 -21.85 44.97
N ALA D 26 11.97 -21.97 46.15
CA ALA D 26 11.61 -21.20 47.31
C ALA D 26 12.78 -20.41 47.89
N GLN D 27 13.87 -20.30 47.16
CA GLN D 27 15.03 -19.56 47.65
C GLN D 27 14.74 -18.06 47.63
N PRO D 28 15.02 -17.34 48.72
CA PRO D 28 14.75 -15.89 48.74
C PRO D 28 15.64 -15.15 47.75
N LEU D 29 15.28 -13.88 47.52
CA LEU D 29 16.04 -13.06 46.59
C LEU D 29 17.44 -12.77 47.11
N LYS D 30 17.59 -12.63 48.44
CA LYS D 30 18.91 -12.35 49.01
C LYS D 30 19.85 -13.54 48.91
N ASP D 31 19.32 -14.75 48.75
CA ASP D 31 20.15 -15.94 48.64
C ASP D 31 20.28 -16.46 47.21
N SER D 32 19.33 -16.14 46.34
CA SER D 32 19.41 -16.61 44.95
C SER D 32 20.44 -15.81 44.16
N ASP D 33 20.25 -14.50 44.08
CA ASP D 33 21.16 -13.63 43.34
C ASP D 33 21.40 -12.38 44.18
N VAL D 34 22.67 -12.13 44.52
CA VAL D 34 23.00 -10.95 45.33
C VAL D 34 23.24 -9.70 44.49
N GLU D 35 23.59 -9.86 43.20
CA GLU D 35 23.85 -8.70 42.35
C GLU D 35 22.57 -7.89 42.15
N VAL D 36 21.49 -8.56 41.74
CA VAL D 36 20.23 -7.86 41.53
C VAL D 36 19.71 -7.29 42.84
N TYR D 37 19.94 -8.00 43.95
CA TYR D 37 19.50 -7.51 45.25
C TYR D 37 20.21 -6.22 45.62
N ASN D 38 21.54 -6.18 45.42
CA ASN D 38 22.29 -4.97 45.73
C ASN D 38 21.89 -3.84 44.79
N ILE D 39 21.61 -4.15 43.53
CA ILE D 39 21.20 -3.11 42.58
C ILE D 39 19.87 -2.52 43.00
N ILE D 40 18.92 -3.38 43.39
CA ILE D 40 17.60 -2.90 43.82
C ILE D 40 17.74 -2.07 45.09
N LYS D 41 18.61 -2.51 46.01
CA LYS D 41 18.80 -1.76 47.24
C LYS D 41 19.38 -0.38 46.96
N LYS D 42 20.39 -0.31 46.08
CA LYS D 42 20.98 0.99 45.75
C LYS D 42 19.97 1.89 45.06
N GLU D 43 19.15 1.33 44.17
CA GLU D 43 18.14 2.12 43.48
C GLU D 43 17.11 2.65 44.47
N SER D 44 16.67 1.80 45.41
CA SER D 44 15.70 2.23 46.40
C SER D 44 16.27 3.32 47.29
N ASN D 45 17.55 3.18 47.68
CA ASN D 45 18.17 4.20 48.52
C ASN D 45 18.27 5.53 47.77
N ARG D 46 18.73 5.49 46.52
CA ARG D 46 18.85 6.71 45.73
C ARG D 46 17.49 7.37 45.55
N GLN D 47 16.44 6.57 45.34
CA GLN D 47 15.11 7.13 45.17
C GLN D 47 14.58 7.69 46.50
N ARG D 48 15.01 7.12 47.62
CA ARG D 48 14.55 7.59 48.92
C ARG D 48 15.19 8.94 49.26
N VAL D 49 16.52 9.04 49.12
CA VAL D 49 17.23 10.28 49.43
C VAL D 49 17.59 10.91 48.08
N GLY D 50 16.74 11.83 47.64
CA GLY D 50 16.97 12.51 46.38
C GLY D 50 15.95 13.59 46.15
N LEU D 51 15.92 14.10 44.92
CA LEU D 51 15.01 15.16 44.52
C LEU D 51 14.44 14.82 43.15
N GLU D 52 13.12 14.67 43.07
CA GLU D 52 12.43 14.36 41.83
C GLU D 52 11.49 15.50 41.47
N LEU D 53 11.61 16.01 40.24
CA LEU D 53 10.76 17.10 39.77
C LEU D 53 10.16 16.81 38.40
N ILE D 54 10.10 15.53 38.01
CA ILE D 54 9.55 15.12 36.73
C ILE D 54 8.08 14.76 36.90
N ALA D 55 7.24 15.16 35.95
CA ALA D 55 5.83 14.87 36.02
C ALA D 55 5.53 13.40 35.76
N SER D 56 6.37 12.73 34.96
CA SER D 56 6.15 11.32 34.66
C SER D 56 6.45 10.43 35.85
N GLU D 57 7.40 10.83 36.70
CA GLU D 57 7.76 10.04 37.86
C GLU D 57 6.69 10.17 38.95
N ASN D 58 6.31 9.04 39.53
CA ASN D 58 5.30 9.02 40.59
C ASN D 58 5.42 7.71 41.35
N PHE D 59 5.29 7.79 42.67
CA PHE D 59 5.39 6.61 43.51
C PHE D 59 4.07 5.85 43.52
N ALA D 60 4.16 4.56 43.84
CA ALA D 60 3.01 3.68 43.89
C ALA D 60 2.78 3.20 45.33
N SER D 61 1.54 2.80 45.60
CA SER D 61 1.16 2.32 46.92
C SER D 61 1.69 0.91 47.15
N ARG D 62 1.45 0.39 48.36
CA ARG D 62 1.90 -0.94 48.71
C ARG D 62 0.91 -2.02 48.26
N ALA D 63 -0.38 -1.68 48.19
CA ALA D 63 -1.38 -2.65 47.78
C ALA D 63 -1.15 -3.11 46.34
N VAL D 64 -0.86 -2.17 45.45
CA VAL D 64 -0.63 -2.53 44.06
C VAL D 64 0.65 -3.35 43.92
N LEU D 65 1.69 -3.00 44.71
CA LEU D 65 2.93 -3.75 44.64
C LEU D 65 2.75 -5.17 45.18
N GLU D 66 1.87 -5.35 46.17
CA GLU D 66 1.63 -6.68 46.72
C GLU D 66 0.74 -7.50 45.80
N ALA D 67 -0.21 -6.86 45.12
CA ALA D 67 -1.09 -7.57 44.20
C ALA D 67 -0.44 -7.87 42.87
N LEU D 68 0.62 -7.14 42.50
CA LEU D 68 1.29 -7.38 41.23
C LEU D 68 1.98 -8.74 41.23
N GLY D 69 2.86 -8.97 42.19
CA GLY D 69 3.57 -10.24 42.28
C GLY D 69 2.83 -11.26 43.12
N SER D 70 2.10 -12.16 42.47
CA SER D 70 1.33 -13.19 43.15
C SER D 70 1.17 -14.39 42.21
N CYS D 71 0.28 -15.30 42.56
CA CYS D 71 0.02 -16.48 41.75
C CYS D 71 -0.65 -16.17 40.42
N LEU D 72 -1.14 -14.93 40.25
CA LEU D 72 -1.80 -14.57 38.99
C LEU D 72 -0.90 -14.73 37.79
N ASN D 73 0.43 -14.68 37.98
CA ASN D 73 1.35 -14.84 36.86
C ASN D 73 1.34 -16.28 36.35
N ASN D 74 0.96 -17.24 37.19
CA ASN D 74 0.93 -18.63 36.76
C ASN D 74 -0.24 -18.90 35.82
N LYS D 75 -1.31 -18.13 35.93
CA LYS D 75 -2.48 -18.31 35.08
C LYS D 75 -2.25 -17.66 33.73
N TYR D 76 -2.62 -18.38 32.67
CA TYR D 76 -2.47 -17.90 31.29
C TYR D 76 -3.70 -18.31 30.50
N SER D 77 -4.60 -17.36 30.25
CA SER D 77 -5.82 -17.64 29.51
C SER D 77 -6.18 -16.40 28.70
N GLU D 78 -6.11 -16.50 27.38
CA GLU D 78 -6.42 -15.40 26.50
C GLU D 78 -7.87 -15.47 26.04
N GLY D 79 -8.46 -14.30 25.81
CA GLY D 79 -9.83 -14.23 25.36
C GLY D 79 -10.70 -13.31 26.19
N TYR D 80 -11.81 -12.85 25.62
CA TYR D 80 -12.73 -11.96 26.31
C TYR D 80 -13.68 -12.77 27.19
N PRO D 81 -14.20 -12.16 28.26
CA PRO D 81 -15.10 -12.89 29.16
C PRO D 81 -16.34 -13.37 28.42
N GLY D 82 -16.64 -14.66 28.59
CA GLY D 82 -17.77 -15.31 27.96
C GLY D 82 -17.40 -16.20 26.81
N GLN D 83 -16.28 -15.93 26.14
CA GLN D 83 -15.81 -16.71 25.00
C GLN D 83 -14.33 -17.03 25.16
N ARG D 84 -13.94 -17.49 26.34
CA ARG D 84 -12.55 -17.83 26.60
C ARG D 84 -12.15 -19.08 25.82
N TYR D 85 -10.92 -19.08 25.31
CA TYR D 85 -10.43 -20.22 24.55
C TYR D 85 -10.16 -21.42 25.45
N TYR D 86 -9.62 -21.17 26.65
CA TYR D 86 -9.32 -22.24 27.58
C TYR D 86 -10.55 -22.50 28.47
N GLY D 87 -10.38 -23.32 29.51
CA GLY D 87 -11.48 -23.64 30.39
C GLY D 87 -11.19 -23.36 31.85
N GLY D 88 -12.24 -23.25 32.66
CA GLY D 88 -12.10 -22.99 34.07
C GLY D 88 -11.48 -21.63 34.37
N THR D 89 -12.07 -20.57 33.81
CA THR D 89 -11.57 -19.22 34.01
C THR D 89 -12.66 -18.29 34.52
N GLU D 90 -13.54 -18.80 35.39
CA GLU D 90 -14.61 -17.96 35.93
C GLU D 90 -14.08 -16.89 36.87
N PHE D 91 -13.00 -17.20 37.61
CA PHE D 91 -12.43 -16.21 38.51
C PHE D 91 -11.84 -15.04 37.74
N ILE D 92 -11.15 -15.33 36.64
CA ILE D 92 -10.57 -14.26 35.82
C ILE D 92 -11.67 -13.42 35.21
N ASP D 93 -12.77 -14.05 34.81
CA ASP D 93 -13.89 -13.32 34.24
C ASP D 93 -14.51 -12.41 35.28
N GLU D 94 -14.66 -12.90 36.52
CA GLU D 94 -15.23 -12.08 37.58
C GLU D 94 -14.32 -10.90 37.89
N LEU D 95 -13.00 -11.14 37.92
CA LEU D 95 -12.06 -10.05 38.19
C LEU D 95 -12.11 -9.00 37.08
N GLU D 96 -12.21 -9.45 35.82
CA GLU D 96 -12.27 -8.51 34.71
C GLU D 96 -13.56 -7.70 34.76
N THR D 97 -14.68 -8.35 35.09
CA THR D 97 -15.94 -7.62 35.18
C THR D 97 -15.88 -6.60 36.31
N LEU D 98 -15.26 -6.97 37.44
CA LEU D 98 -15.14 -6.04 38.55
C LEU D 98 -14.27 -4.84 38.16
N CYS D 99 -13.19 -5.10 37.43
CA CYS D 99 -12.32 -4.02 36.99
C CYS D 99 -13.06 -3.09 36.04
N GLN D 100 -13.84 -3.64 35.11
CA GLN D 100 -14.59 -2.82 34.18
C GLN D 100 -15.63 -1.99 34.90
N LYS D 101 -16.34 -2.59 35.87
CA LYS D 101 -17.34 -1.84 36.63
C LYS D 101 -16.70 -0.72 37.42
N ARG D 102 -15.54 -0.98 38.04
CA ARG D 102 -14.86 0.05 38.80
C ARG D 102 -14.40 1.18 37.89
N ALA D 103 -13.85 0.85 36.72
CA ALA D 103 -13.41 1.88 35.79
C ALA D 103 -14.58 2.71 35.28
N LEU D 104 -15.74 2.07 35.11
CA LEU D 104 -16.91 2.79 34.63
C LEU D 104 -17.46 3.71 35.71
N GLN D 105 -17.45 3.26 36.97
CA GLN D 105 -17.96 4.07 38.07
C GLN D 105 -16.95 5.11 38.55
N ALA D 106 -15.69 5.03 38.15
CA ALA D 106 -14.70 6.00 38.58
C ALA D 106 -14.92 7.35 37.92
N TYR D 107 -14.93 7.39 36.60
CA TYR D 107 -15.13 8.63 35.86
C TYR D 107 -16.59 9.06 35.79
N LYS D 108 -17.48 8.39 36.54
CA LYS D 108 -18.90 8.73 36.56
C LYS D 108 -19.51 8.67 35.16
N LEU D 109 -19.14 7.65 34.40
CA LEU D 109 -19.63 7.48 33.04
C LEU D 109 -20.89 6.61 33.04
N ASP D 110 -21.59 6.63 31.92
CA ASP D 110 -22.80 5.85 31.78
C ASP D 110 -22.45 4.37 31.66
N PRO D 111 -23.05 3.49 32.49
CA PRO D 111 -22.70 2.07 32.39
C PRO D 111 -23.15 1.42 31.08
N GLN D 112 -24.37 1.72 30.62
CA GLN D 112 -24.90 1.15 29.40
C GLN D 112 -24.61 2.00 28.17
N CYS D 113 -23.64 2.92 28.24
CA CYS D 113 -23.31 3.76 27.10
C CYS D 113 -21.80 3.96 26.95
N TRP D 114 -20.98 3.24 27.71
CA TRP D 114 -19.53 3.38 27.61
C TRP D 114 -18.86 2.04 27.85
N GLY D 115 -17.79 1.78 27.11
CA GLY D 115 -17.05 0.55 27.23
C GLY D 115 -15.59 0.81 27.60
N VAL D 116 -15.07 0.03 28.54
CA VAL D 116 -13.70 0.15 29.01
C VAL D 116 -12.91 -1.09 28.64
N ASN D 117 -11.69 -0.90 28.16
CA ASN D 117 -10.80 -1.98 27.76
C ASN D 117 -9.47 -1.78 28.50
N VAL D 118 -9.00 -2.83 29.16
CA VAL D 118 -7.76 -2.81 29.93
C VAL D 118 -6.75 -3.83 29.40
N GLN D 119 -7.06 -4.49 28.30
CA GLN D 119 -6.17 -5.50 27.71
C GLN D 119 -4.83 -4.93 27.20
N PRO D 120 -4.78 -3.73 26.61
CA PRO D 120 -3.49 -3.22 26.14
C PRO D 120 -2.45 -3.16 27.24
N TYR D 121 -1.18 -3.33 26.83
CA TYR D 121 -0.07 -3.33 27.77
C TYR D 121 0.34 -1.92 28.19
N SER D 122 0.25 -0.94 27.30
CA SER D 122 0.63 0.43 27.62
C SER D 122 -0.08 1.38 26.67
N GLY D 123 0.36 2.63 26.64
CA GLY D 123 -0.26 3.61 25.76
C GLY D 123 0.01 3.34 24.29
N SER D 124 1.25 2.95 23.96
CA SER D 124 1.59 2.66 22.57
C SER D 124 0.77 1.50 22.00
N PRO D 125 0.65 0.35 22.66
CA PRO D 125 -0.17 -0.73 22.07
C PRO D 125 -1.63 -0.35 21.95
N ALA D 126 -2.16 0.39 22.93
CA ALA D 126 -3.56 0.81 22.85
C ALA D 126 -3.78 1.75 21.68
N ASN D 127 -2.86 2.71 21.48
CA ASN D 127 -2.99 3.63 20.36
C ASN D 127 -2.88 2.88 19.04
N PHE D 128 -1.94 1.93 18.95
CA PHE D 128 -1.79 1.17 17.72
C PHE D 128 -3.04 0.34 17.42
N ALA D 129 -3.66 -0.20 18.47
CA ALA D 129 -4.89 -0.99 18.28
C ALA D 129 -6.02 -0.09 17.79
N VAL D 130 -6.18 1.08 18.42
CA VAL D 130 -7.23 2.01 18.00
C VAL D 130 -7.00 2.42 16.55
N TYR D 131 -5.73 2.60 16.17
CA TYR D 131 -5.41 2.97 14.80
C TYR D 131 -5.80 1.85 13.84
N THR D 132 -5.30 0.64 14.08
CA THR D 132 -5.64 -0.49 13.22
C THR D 132 -7.13 -0.82 13.25
N ALA D 133 -7.88 -0.26 14.19
CA ALA D 133 -9.30 -0.56 14.28
C ALA D 133 -10.21 0.48 13.62
N LEU D 134 -9.91 1.78 13.73
CA LEU D 134 -10.80 2.79 13.14
C LEU D 134 -10.07 3.78 12.25
N VAL D 135 -9.07 3.33 11.49
CA VAL D 135 -8.35 4.25 10.60
C VAL D 135 -8.25 3.75 9.17
N GLU D 136 -8.38 2.44 8.88
CA GLU D 136 -8.26 1.94 7.52
C GLU D 136 -6.90 2.34 6.96
N PRO D 137 -5.82 1.63 7.34
CA PRO D 137 -4.45 1.94 6.92
C PRO D 137 -4.29 2.53 5.51
N HIS D 138 -3.42 3.54 5.45
CA HIS D 138 -3.09 4.28 4.22
C HIS D 138 -4.25 5.19 3.82
N GLY D 139 -4.87 5.81 4.82
CA GLY D 139 -5.97 6.73 4.61
C GLY D 139 -5.55 8.14 4.94
N ARG D 140 -6.25 8.79 5.88
CA ARG D 140 -5.94 10.15 6.28
C ARG D 140 -5.87 10.24 7.80
N ILE D 141 -4.86 10.93 8.30
CA ILE D 141 -4.64 11.11 9.74
C ILE D 141 -4.11 12.51 9.99
N MET D 142 -4.70 13.20 10.96
CA MET D 142 -4.30 14.55 11.35
C MET D 142 -4.17 14.58 12.86
N GLY D 143 -3.01 15.00 13.34
CA GLY D 143 -2.76 15.07 14.77
C GLY D 143 -1.99 16.33 15.14
N LEU D 144 -1.16 16.21 16.16
CA LEU D 144 -0.35 17.33 16.65
C LEU D 144 1.12 17.12 16.26
N ASP D 145 1.79 18.23 15.98
CA ASP D 145 3.19 18.19 15.59
C ASP D 145 4.07 17.87 16.79
N LEU D 146 5.15 17.14 16.55
CA LEU D 146 6.09 16.75 17.59
C LEU D 146 6.99 17.93 18.01
N PRO D 147 7.61 18.66 17.09
CA PRO D 147 8.47 19.78 17.53
C PRO D 147 7.71 20.87 18.27
N ASP D 148 6.41 21.01 18.05
CA ASP D 148 5.60 22.02 18.72
C ASP D 148 5.10 21.56 20.09
N GLY D 149 5.53 20.39 20.56
CA GLY D 149 5.10 19.88 21.84
C GLY D 149 4.05 18.80 21.73
N GLY D 150 4.46 17.55 21.88
CA GLY D 150 3.53 16.44 21.79
C GLY D 150 4.25 15.12 21.91
N HIS D 151 3.47 14.04 21.88
CA HIS D 151 4.01 12.70 21.98
C HIS D 151 4.40 12.17 20.60
N LEU D 152 5.34 11.23 20.60
CA LEU D 152 5.80 10.64 19.34
C LEU D 152 4.76 9.69 18.74
N THR D 153 3.90 9.11 19.59
CA THR D 153 2.90 8.18 19.09
C THR D 153 1.78 8.89 18.32
N HIS D 154 1.62 10.20 18.52
CA HIS D 154 0.57 10.94 17.82
C HIS D 154 0.90 11.14 16.35
N GLY D 155 2.15 11.00 15.95
CA GLY D 155 2.53 11.17 14.56
C GLY D 155 3.82 11.95 14.39
N PHE D 156 4.76 11.40 13.62
CA PHE D 156 6.03 12.06 13.37
C PHE D 156 6.52 11.64 11.99
N MET D 157 6.42 12.54 11.02
CA MET D 157 6.85 12.28 9.65
C MET D 157 7.72 13.43 9.18
N THR D 158 8.91 13.09 8.71
CA THR D 158 9.87 14.08 8.21
C THR D 158 10.26 13.73 6.77
N ASP D 159 11.26 14.43 6.25
CA ASP D 159 11.71 14.22 4.88
C ASP D 159 12.80 13.16 4.75
N LYS D 160 13.71 13.08 5.72
CA LYS D 160 14.79 12.09 5.64
C LYS D 160 14.24 10.67 5.68
N LYS D 161 13.60 10.28 6.78
CA LYS D 161 13.05 8.94 6.90
C LYS D 161 12.04 8.92 8.04
N LYS D 162 11.05 8.04 7.90
CA LYS D 162 10.01 7.92 8.92
C LYS D 162 10.58 7.28 10.18
N ILE D 163 10.03 7.68 11.32
CA ILE D 163 10.47 7.17 12.62
C ILE D 163 9.30 6.50 13.33
N SER D 164 8.26 7.26 13.61
CA SER D 164 7.10 6.72 14.30
C SER D 164 6.31 5.77 13.39
N ALA D 165 5.67 4.78 14.01
CA ALA D 165 4.88 3.82 13.25
C ALA D 165 3.66 4.47 12.61
N THR D 166 3.18 5.57 13.20
CA THR D 166 2.02 6.26 12.64
C THR D 166 2.33 6.80 11.25
N SER D 167 3.58 7.15 10.98
CA SER D 167 3.97 7.66 9.67
C SER D 167 4.35 6.54 8.71
N ILE D 168 4.74 5.37 9.24
CA ILE D 168 5.11 4.25 8.39
C ILE D 168 3.88 3.50 7.90
N PHE D 169 2.91 3.27 8.78
CA PHE D 169 1.70 2.55 8.41
C PHE D 169 0.54 3.46 8.03
N PHE D 170 0.61 4.74 8.38
CA PHE D 170 -0.46 5.68 8.07
C PHE D 170 0.15 6.97 7.52
N GLU D 171 -0.72 7.87 7.07
CA GLU D 171 -0.31 9.16 6.54
C GLU D 171 -0.72 10.24 7.54
N SER D 172 0.26 10.81 8.23
CA SER D 172 0.02 11.82 9.24
C SER D 172 0.06 13.22 8.63
N MET D 173 -0.75 14.12 9.20
CA MET D 173 -0.82 15.50 8.75
C MET D 173 -1.09 16.39 9.95
N PRO D 174 -0.06 16.71 10.72
CA PRO D 174 -0.23 17.56 11.91
C PRO D 174 -0.22 19.04 11.58
N TYR D 175 -0.82 19.81 12.50
CA TYR D 175 -0.90 21.26 12.38
C TYR D 175 0.15 21.92 13.27
N LYS D 176 0.21 23.25 13.21
CA LYS D 176 1.15 24.02 13.98
C LYS D 176 0.42 24.82 15.07
N VAL D 177 1.19 25.26 16.06
CA VAL D 177 0.67 26.03 17.19
C VAL D 177 1.18 27.46 17.05
N ASN D 178 0.45 28.38 17.69
CA ASN D 178 0.84 29.78 17.63
C ASN D 178 2.14 29.99 18.41
N PRO D 179 3.15 30.61 17.81
CA PRO D 179 4.43 30.82 18.52
C PRO D 179 4.41 32.00 19.49
N ASP D 180 3.65 33.04 19.17
CA ASP D 180 3.60 34.22 20.05
C ASP D 180 2.63 34.03 21.21
N THR D 181 1.35 33.77 20.91
CA THR D 181 0.37 33.58 21.98
C THR D 181 0.49 32.23 22.66
N GLY D 182 1.01 31.21 21.96
CA GLY D 182 1.15 29.90 22.53
C GLY D 182 -0.13 29.09 22.60
N TYR D 183 -1.20 29.55 21.97
CA TYR D 183 -2.47 28.85 21.97
C TYR D 183 -2.62 28.00 20.73
N ILE D 184 -3.38 26.91 20.86
CA ILE D 184 -3.60 26.00 19.74
C ILE D 184 -4.46 26.69 18.70
N ASN D 185 -3.95 26.75 17.47
CA ASN D 185 -4.67 27.38 16.37
C ASN D 185 -5.87 26.52 15.96
N TYR D 186 -6.90 27.16 15.42
CA TYR D 186 -8.09 26.44 14.99
C TYR D 186 -8.51 26.71 13.56
N ASP D 187 -8.37 27.95 13.07
CA ASP D 187 -8.80 28.25 11.71
C ASP D 187 -7.96 27.51 10.67
N GLN D 188 -6.66 27.33 10.93
CA GLN D 188 -5.81 26.63 9.99
C GLN D 188 -6.28 25.18 9.81
N LEU D 189 -6.46 24.47 10.92
CA LEU D 189 -6.92 23.09 10.81
C LEU D 189 -8.34 23.03 10.27
N GLU D 190 -9.17 24.03 10.59
CA GLU D 190 -10.54 24.03 10.09
C GLU D 190 -10.56 24.15 8.57
N GLU D 191 -9.72 25.02 8.00
CA GLU D 191 -9.67 25.17 6.56
C GLU D 191 -8.91 24.05 5.88
N ASN D 192 -8.02 23.36 6.60
CA ASN D 192 -7.26 22.26 6.02
C ASN D 192 -8.02 20.93 6.06
N ALA D 193 -8.98 20.79 6.98
CA ALA D 193 -9.73 19.54 7.06
C ALA D 193 -10.65 19.37 5.87
N ARG D 194 -11.16 20.47 5.32
CA ARG D 194 -12.04 20.41 4.16
C ARG D 194 -11.32 20.01 2.88
N LEU D 195 -10.00 20.00 2.89
CA LEU D 195 -9.19 19.62 1.74
C LEU D 195 -8.45 18.30 1.93
N PHE D 196 -7.94 18.04 3.14
CA PHE D 196 -7.23 16.80 3.42
C PHE D 196 -8.17 15.64 3.68
N HIS D 197 -9.40 15.91 4.12
CA HIS D 197 -10.42 14.92 4.42
C HIS D 197 -9.90 13.90 5.44
N PRO D 198 -9.68 14.30 6.69
CA PRO D 198 -9.18 13.35 7.69
C PRO D 198 -10.23 12.32 8.06
N LYS D 199 -9.74 11.18 8.58
CA LYS D 199 -10.60 10.09 9.01
C LYS D 199 -10.64 9.92 10.52
N LEU D 200 -9.67 10.45 11.25
CA LEU D 200 -9.63 10.33 12.70
C LEU D 200 -8.81 11.49 13.24
N ILE D 201 -9.39 12.23 14.19
CA ILE D 201 -8.73 13.39 14.80
C ILE D 201 -8.06 12.99 16.10
N ILE D 202 -6.86 13.53 16.32
CA ILE D 202 -6.05 13.27 17.51
C ILE D 202 -6.14 14.47 18.42
N ALA D 203 -6.35 14.22 19.72
CA ALA D 203 -6.42 15.29 20.72
C ALA D 203 -5.53 14.88 21.89
N GLY D 204 -4.23 15.17 21.76
CA GLY D 204 -3.29 14.82 22.81
C GLY D 204 -2.01 15.64 22.77
N THR D 205 -1.61 16.16 23.92
CA THR D 205 -0.39 16.96 24.03
C THR D 205 0.42 16.49 25.22
N SER D 206 1.74 16.44 25.05
CA SER D 206 2.63 16.01 26.12
C SER D 206 3.15 17.16 26.96
N CYS D 207 3.28 18.35 26.36
CA CYS D 207 3.77 19.54 27.08
C CYS D 207 2.97 20.74 26.59
N TYR D 208 1.93 21.11 27.35
CA TYR D 208 1.09 22.25 26.99
C TYR D 208 0.54 22.86 28.26
N SER D 209 0.73 24.17 28.42
CA SER D 209 0.25 24.86 29.61
C SER D 209 -1.26 24.99 29.61
N ARG D 210 -1.84 25.42 28.49
CA ARG D 210 -3.28 25.59 28.38
C ARG D 210 -3.97 24.24 28.17
N ASN D 211 -5.26 24.29 27.85
CA ASN D 211 -6.08 23.11 27.60
C ASN D 211 -6.55 23.11 26.15
N LEU D 212 -7.36 22.10 25.81
CA LEU D 212 -7.91 21.94 24.47
C LEU D 212 -9.43 22.08 24.51
N GLU D 213 -9.99 22.69 23.48
CA GLU D 213 -11.43 22.88 23.36
C GLU D 213 -12.01 21.66 22.65
N TYR D 214 -12.61 20.75 23.42
CA TYR D 214 -13.19 19.54 22.84
C TYR D 214 -14.47 19.83 22.05
N ALA D 215 -15.19 20.91 22.38
CA ALA D 215 -16.42 21.23 21.67
C ALA D 215 -16.13 21.54 20.20
N ARG D 216 -15.12 22.38 19.94
CA ARG D 216 -14.79 22.72 18.57
C ARG D 216 -14.29 21.50 17.81
N LEU D 217 -13.50 20.66 18.48
CA LEU D 217 -12.99 19.45 17.83
C LEU D 217 -14.14 18.52 17.46
N ARG D 218 -15.11 18.36 18.36
CA ARG D 218 -16.25 17.50 18.07
C ARG D 218 -17.08 18.08 16.92
N LYS D 219 -17.24 19.41 16.90
CA LYS D 219 -18.01 20.03 15.82
C LYS D 219 -17.31 19.81 14.48
N ILE D 220 -15.99 19.95 14.46
CA ILE D 220 -15.24 19.74 13.21
C ILE D 220 -15.35 18.28 12.78
N ALA D 221 -15.26 17.36 13.74
CA ALA D 221 -15.36 15.94 13.40
C ALA D 221 -16.73 15.61 12.83
N ASP D 222 -17.78 16.20 13.41
CA ASP D 222 -19.13 15.95 12.91
C ASP D 222 -19.34 16.58 11.54
N GLU D 223 -18.73 17.74 11.29
CA GLU D 223 -18.87 18.40 10.00
C GLU D 223 -18.13 17.63 8.91
N ASN D 224 -16.93 17.13 9.22
CA ASN D 224 -16.16 16.37 8.25
C ASN D 224 -16.53 14.89 8.22
N GLY D 225 -17.29 14.40 9.19
CA GLY D 225 -17.69 13.01 9.23
C GLY D 225 -16.55 12.07 9.55
N ALA D 226 -16.02 12.17 10.77
CA ALA D 226 -14.91 11.31 11.19
C ALA D 226 -15.01 11.10 12.70
N TYR D 227 -14.08 10.31 13.23
CA TYR D 227 -14.03 9.99 14.65
C TYR D 227 -12.99 10.86 15.34
N LEU D 228 -13.11 10.96 16.66
CA LEU D 228 -12.20 11.76 17.48
C LEU D 228 -11.69 10.96 18.67
N MET D 229 -10.40 11.06 18.94
CA MET D 229 -9.79 10.36 20.07
C MET D 229 -9.00 11.37 20.88
N ALA D 230 -8.99 11.16 22.19
CA ALA D 230 -8.29 12.02 23.13
C ALA D 230 -7.28 11.21 23.95
N ASP D 231 -6.28 11.92 24.46
CA ASP D 231 -5.21 11.33 25.28
C ASP D 231 -4.99 12.25 26.46
N MET D 232 -5.49 11.84 27.62
CA MET D 232 -5.36 12.61 28.86
C MET D 232 -4.54 11.84 29.89
N ALA D 233 -3.45 11.22 29.45
CA ALA D 233 -2.61 10.46 30.37
C ALA D 233 -1.93 11.35 31.40
N HIS D 234 -1.25 12.40 30.92
CA HIS D 234 -0.54 13.31 31.82
C HIS D 234 -1.46 13.88 32.90
N ILE D 235 -2.68 14.24 32.52
CA ILE D 235 -3.64 14.80 33.46
C ILE D 235 -4.66 13.75 33.91
N SER D 236 -4.31 12.47 33.80
CA SER D 236 -5.22 11.39 34.19
C SER D 236 -5.85 11.64 35.56
N GLY D 237 -5.01 11.73 36.60
CA GLY D 237 -5.53 11.99 37.93
C GLY D 237 -6.34 13.27 38.00
N LEU D 238 -5.92 14.30 37.27
CA LEU D 238 -6.65 15.57 37.29
C LEU D 238 -8.09 15.39 36.83
N VAL D 239 -8.35 14.40 35.97
CA VAL D 239 -9.71 14.17 35.51
C VAL D 239 -10.47 13.26 36.47
N ALA D 240 -9.76 12.48 37.29
CA ALA D 240 -10.44 11.60 38.23
C ALA D 240 -10.99 12.36 39.42
N ALA D 241 -10.36 13.48 39.80
CA ALA D 241 -10.84 14.27 40.92
C ALA D 241 -12.01 15.15 40.53
N GLY D 242 -11.88 15.90 39.44
CA GLY D 242 -12.95 16.77 38.98
C GLY D 242 -12.52 18.22 38.85
N VAL D 243 -11.20 18.44 38.73
CA VAL D 243 -10.67 19.79 38.58
C VAL D 243 -10.43 20.17 37.13
N VAL D 244 -10.54 19.22 36.20
CA VAL D 244 -10.32 19.46 34.78
C VAL D 244 -11.58 19.01 34.04
N PRO D 245 -12.08 19.78 33.07
CA PRO D 245 -13.28 19.36 32.34
C PRO D 245 -13.10 18.00 31.69
N SER D 246 -14.02 17.09 32.01
CA SER D 246 -13.95 15.75 31.46
C SER D 246 -14.15 15.78 29.96
N PRO D 247 -13.27 15.15 29.17
CA PRO D 247 -13.43 15.17 27.71
C PRO D 247 -14.50 14.21 27.19
N PHE D 248 -15.06 13.35 28.04
CA PHE D 248 -16.08 12.40 27.62
C PHE D 248 -17.39 13.07 27.22
N GLU D 249 -17.48 14.40 27.28
CA GLU D 249 -18.71 15.07 26.91
C GLU D 249 -18.90 15.15 25.40
N HIS D 250 -17.82 15.40 24.66
CA HIS D 250 -17.88 15.51 23.20
C HIS D 250 -16.72 14.74 22.56
N CYS D 251 -16.51 13.51 23.00
CA CYS D 251 -15.44 12.66 22.47
C CYS D 251 -15.96 11.27 22.19
N HIS D 252 -15.23 10.54 21.37
CA HIS D 252 -15.57 9.16 20.99
C HIS D 252 -14.62 8.13 21.57
N VAL D 253 -13.32 8.27 21.31
CA VAL D 253 -12.32 7.34 21.80
C VAL D 253 -11.41 8.09 22.78
N VAL D 254 -11.02 7.42 23.87
CA VAL D 254 -10.16 8.02 24.88
C VAL D 254 -9.13 7.00 25.32
N THR D 255 -7.87 7.40 25.36
CA THR D 255 -6.78 6.53 25.79
C THR D 255 -6.09 7.16 26.98
N THR D 256 -5.81 6.35 28.01
CA THR D 256 -5.17 6.89 29.20
C THR D 256 -4.37 5.82 29.91
N THR D 257 -3.14 6.15 30.29
CA THR D 257 -2.29 5.20 31.01
C THR D 257 -2.64 5.22 32.50
N THR D 258 -1.96 4.36 33.26
CA THR D 258 -2.18 4.26 34.70
C THR D 258 -0.85 4.31 35.45
N HIS D 259 0.01 5.24 35.08
CA HIS D 259 1.31 5.37 35.72
C HIS D 259 1.86 6.79 35.63
N LYS D 260 1.00 7.74 35.30
CA LYS D 260 1.42 9.14 35.17
C LYS D 260 0.93 9.94 36.33
N THR D 261 -0.29 9.68 36.79
CA THR D 261 -0.86 10.40 37.91
C THR D 261 -1.72 9.48 38.78
N LEU D 262 -2.25 8.42 38.18
CA LEU D 262 -3.09 7.47 38.91
C LEU D 262 -2.30 6.66 39.94
N ARG D 263 -0.97 6.66 39.87
CA ARG D 263 -0.12 5.92 40.80
C ARG D 263 -0.45 4.43 40.79
N GLY D 264 -0.24 3.83 39.61
CA GLY D 264 -0.51 2.41 39.44
C GLY D 264 0.53 1.71 38.58
N CYS D 265 0.26 0.47 38.20
CA CYS D 265 1.19 -0.28 37.38
C CYS D 265 1.11 0.18 35.92
N ARG D 266 2.06 -0.30 35.12
CA ARG D 266 2.12 0.06 33.71
C ARG D 266 1.03 -0.69 32.94
N ALA D 267 0.04 0.05 32.46
CA ALA D 267 -1.06 -0.52 31.70
C ALA D 267 -1.76 0.61 30.94
N GLY D 268 -2.88 0.28 30.30
CA GLY D 268 -3.62 1.27 29.54
C GLY D 268 -5.12 1.07 29.73
N MET D 269 -5.86 2.13 29.41
CA MET D 269 -7.31 2.15 29.51
C MET D 269 -7.86 2.80 28.24
N ILE D 270 -8.79 2.09 27.59
CA ILE D 270 -9.42 2.55 26.36
C ILE D 270 -10.91 2.70 26.63
N PHE D 271 -11.41 3.92 26.52
CA PHE D 271 -12.81 4.24 26.74
C PHE D 271 -13.45 4.55 25.39
N TYR D 272 -14.56 3.87 25.10
CA TYR D 272 -15.26 4.09 23.83
C TYR D 272 -16.75 4.27 24.08
N ARG D 273 -17.41 4.97 23.17
CA ARG D 273 -18.84 5.24 23.27
C ARG D 273 -19.60 4.18 22.47
N LYS D 274 -20.68 3.67 23.06
CA LYS D 274 -21.51 2.67 22.43
C LYS D 274 -22.97 3.10 22.50
N GLY D 275 -23.74 2.77 21.46
CA GLY D 275 -25.14 3.12 21.41
C GLY D 275 -25.58 3.59 20.03
N VAL D 276 -26.34 4.68 19.98
CA VAL D 276 -26.83 5.26 18.75
C VAL D 276 -26.00 6.48 18.40
N LYS D 277 -25.70 6.65 17.11
CA LYS D 277 -24.90 7.78 16.64
C LYS D 277 -25.75 8.89 16.03
N SER D 278 -26.60 8.55 15.05
CA SER D 278 -27.45 9.54 14.41
C SER D 278 -28.73 8.87 13.93
N VAL D 279 -29.69 9.68 13.53
CA VAL D 279 -30.98 9.22 13.04
C VAL D 279 -31.08 9.56 11.55
N ASP D 280 -31.78 8.70 10.81
CA ASP D 280 -31.94 8.93 9.38
C ASP D 280 -32.82 10.16 9.14
N PRO D 281 -32.50 10.97 8.13
CA PRO D 281 -33.32 12.17 7.89
C PRO D 281 -34.73 11.88 7.39
N LYS D 282 -34.91 10.84 6.56
CA LYS D 282 -36.23 10.51 6.02
C LYS D 282 -36.87 9.30 6.71
N THR D 283 -36.19 8.15 6.70
CA THR D 283 -36.75 6.96 7.31
C THR D 283 -36.72 7.03 8.84
N GLY D 284 -35.85 7.85 9.42
CA GLY D 284 -35.79 7.95 10.86
C GLY D 284 -35.32 6.69 11.57
N LYS D 285 -34.35 6.00 10.97
CA LYS D 285 -33.81 4.77 11.54
C LYS D 285 -32.55 5.08 12.32
N GLU D 286 -32.44 4.53 13.53
CA GLU D 286 -31.27 4.77 14.36
C GLU D 286 -30.08 4.00 13.81
N ILE D 287 -28.90 4.59 13.95
CA ILE D 287 -27.64 4.00 13.49
C ILE D 287 -26.87 3.55 14.72
N LEU D 288 -26.90 2.25 14.99
CA LEU D 288 -26.20 1.72 16.14
C LEU D 288 -24.69 1.76 15.92
N TYR D 289 -23.95 1.94 17.01
CA TYR D 289 -22.50 2.00 16.93
C TYR D 289 -21.92 0.63 16.58
N ASN D 290 -20.81 0.65 15.84
CA ASN D 290 -20.13 -0.58 15.43
C ASN D 290 -18.64 -0.54 15.77
N LEU D 291 -18.25 0.28 16.74
CA LEU D 291 -16.85 0.37 17.12
C LEU D 291 -16.44 -0.68 18.14
N GLU D 292 -17.40 -1.29 18.83
CA GLU D 292 -17.08 -2.30 19.83
C GLU D 292 -16.40 -3.50 19.21
N SER D 293 -17.00 -4.07 18.15
CA SER D 293 -16.42 -5.24 17.50
C SER D 293 -15.03 -4.95 16.94
N LEU D 294 -14.87 -3.79 16.29
CA LEU D 294 -13.57 -3.45 15.71
C LEU D 294 -12.51 -3.25 16.79
N ILE D 295 -12.85 -2.51 17.85
CA ILE D 295 -11.90 -2.27 18.93
C ILE D 295 -11.53 -3.58 19.61
N ASN D 296 -12.49 -4.50 19.76
CA ASN D 296 -12.20 -5.77 20.40
C ASN D 296 -11.33 -6.65 19.51
N SER D 297 -11.61 -6.70 18.21
CA SER D 297 -10.83 -7.53 17.32
C SER D 297 -9.43 -6.96 17.09
N ALA D 298 -9.24 -5.65 17.28
CA ALA D 298 -7.93 -5.06 17.07
C ALA D 298 -6.94 -5.51 18.15
N VAL D 299 -7.38 -5.56 19.41
CA VAL D 299 -6.51 -5.98 20.50
C VAL D 299 -6.26 -7.48 20.47
N PHE D 300 -7.33 -8.27 20.59
CA PHE D 300 -7.23 -9.71 20.58
C PHE D 300 -8.36 -10.28 19.73
N PRO D 301 -8.07 -11.21 18.80
CA PRO D 301 -6.73 -11.73 18.54
C PRO D 301 -6.04 -11.02 17.38
N GLY D 302 -6.07 -9.69 17.38
CA GLY D 302 -5.46 -8.92 16.31
C GLY D 302 -4.03 -8.49 16.56
N LEU D 303 -3.74 -8.01 17.76
CA LEU D 303 -2.38 -7.56 18.06
C LEU D 303 -1.77 -8.21 19.29
N GLN D 304 -2.57 -8.45 20.33
CA GLN D 304 -2.08 -9.05 21.56
C GLN D 304 -2.68 -10.44 21.74
N GLY D 305 -2.07 -11.21 22.65
CA GLY D 305 -2.52 -12.55 22.94
C GLY D 305 -3.10 -12.68 24.34
N GLY D 306 -2.30 -13.22 25.26
CA GLY D 306 -2.74 -13.40 26.62
C GLY D 306 -2.60 -12.14 27.45
N PRO D 307 -3.72 -11.65 27.98
CA PRO D 307 -3.68 -10.42 28.80
C PRO D 307 -2.99 -10.66 30.12
N HIS D 308 -2.33 -9.62 30.62
CA HIS D 308 -1.60 -9.68 31.89
C HIS D 308 -2.59 -9.50 33.03
N ASN D 309 -2.87 -10.58 33.76
CA ASN D 309 -3.81 -10.51 34.87
C ASN D 309 -3.26 -9.67 36.03
N HIS D 310 -1.95 -9.74 36.28
CA HIS D 310 -1.37 -8.96 37.38
C HIS D 310 -1.54 -7.47 37.12
N ALA D 311 -1.33 -7.01 35.88
CA ALA D 311 -1.50 -5.61 35.57
C ALA D 311 -2.94 -5.18 35.75
N ILE D 312 -3.88 -6.04 35.36
CA ILE D 312 -5.30 -5.71 35.51
C ILE D 312 -5.66 -5.59 36.99
N ALA D 313 -5.14 -6.51 37.81
CA ALA D 313 -5.42 -6.45 39.24
C ALA D 313 -4.81 -5.19 39.86
N GLY D 314 -3.58 -4.86 39.48
CA GLY D 314 -2.95 -3.67 40.02
C GLY D 314 -3.70 -2.40 39.62
N VAL D 315 -4.16 -2.34 38.37
CA VAL D 315 -4.92 -1.18 37.92
C VAL D 315 -6.24 -1.08 38.66
N ALA D 316 -6.90 -2.23 38.88
CA ALA D 316 -8.16 -2.22 39.60
C ALA D 316 -7.97 -1.74 41.03
N VAL D 317 -6.90 -2.17 41.69
CA VAL D 317 -6.64 -1.74 43.06
C VAL D 317 -6.32 -0.25 43.10
N ALA D 318 -5.46 0.22 42.20
CA ALA D 318 -5.08 1.63 42.17
C ALA D 318 -6.28 2.51 41.83
N LEU D 319 -7.24 2.00 41.07
CA LEU D 319 -8.41 2.78 40.72
C LEU D 319 -9.45 2.77 41.84
N LYS D 320 -9.58 1.63 42.53
CA LYS D 320 -10.55 1.54 43.63
C LYS D 320 -10.08 2.35 44.82
N GLN D 321 -8.77 2.43 45.05
CA GLN D 321 -8.25 3.20 46.17
C GLN D 321 -8.32 4.71 45.95
N ALA D 322 -8.69 5.14 44.74
CA ALA D 322 -8.77 6.55 44.41
C ALA D 322 -10.21 7.07 44.41
N MET D 323 -11.18 6.27 44.86
CA MET D 323 -12.56 6.71 44.88
C MET D 323 -12.94 7.45 46.16
N THR D 324 -12.17 7.27 47.24
CA THR D 324 -12.46 7.93 48.49
C THR D 324 -12.07 9.41 48.42
N LEU D 325 -12.38 10.15 49.50
CA LEU D 325 -12.06 11.56 49.56
C LEU D 325 -10.56 11.81 49.65
N GLU D 326 -9.78 10.79 50.02
CA GLU D 326 -8.34 10.97 50.13
C GLU D 326 -7.72 11.36 48.79
N PHE D 327 -8.18 10.73 47.71
CA PHE D 327 -7.64 11.06 46.39
C PHE D 327 -8.00 12.50 46.00
N LYS D 328 -9.23 12.93 46.30
CA LYS D 328 -9.62 14.29 45.98
C LYS D 328 -8.80 15.30 46.76
N VAL D 329 -8.60 15.05 48.06
CA VAL D 329 -7.79 15.95 48.88
C VAL D 329 -6.35 15.97 48.36
N TYR D 330 -5.84 14.81 47.93
CA TYR D 330 -4.48 14.75 47.41
C TYR D 330 -4.36 15.56 46.14
N GLN D 331 -5.33 15.46 45.23
CA GLN D 331 -5.27 16.22 43.99
C GLN D 331 -5.37 17.72 44.27
N HIS D 332 -6.24 18.11 45.20
CA HIS D 332 -6.37 19.53 45.54
C HIS D 332 -5.07 20.05 46.12
N GLN D 333 -4.45 19.28 47.02
CA GLN D 333 -3.19 19.70 47.62
C GLN D 333 -2.10 19.75 46.57
N VAL D 334 -2.13 18.84 45.59
CA VAL D 334 -1.13 18.83 44.54
C VAL D 334 -1.22 20.10 43.70
N VAL D 335 -2.43 20.46 43.29
CA VAL D 335 -2.58 21.68 42.47
C VAL D 335 -2.24 22.92 43.29
N ALA D 336 -2.61 22.94 44.58
CA ALA D 336 -2.31 24.09 45.41
C ALA D 336 -0.80 24.25 45.59
N ASN D 337 -0.11 23.15 45.88
CA ASN D 337 1.33 23.19 46.05
C ASN D 337 2.03 23.53 44.74
N CYS D 338 1.47 23.09 43.60
CA CYS D 338 2.08 23.43 42.32
C CYS D 338 1.98 24.92 42.08
N ARG D 339 0.81 25.50 42.36
CA ARG D 339 0.65 26.95 42.17
C ARG D 339 1.57 27.71 43.11
N ALA D 340 1.72 27.23 44.36
CA ALA D 340 2.59 27.89 45.32
C ALA D 340 4.05 27.82 44.86
N LEU D 341 4.47 26.66 44.35
CA LEU D 341 5.85 26.53 43.88
C LEU D 341 6.09 27.41 42.67
N SER D 342 5.11 27.52 41.77
CA SER D 342 5.26 28.35 40.59
C SER D 342 5.40 29.82 40.99
N GLU D 343 4.54 30.29 41.89
CA GLU D 343 4.64 31.69 42.30
C GLU D 343 5.94 31.94 43.07
N ALA D 344 6.39 30.95 43.85
CA ALA D 344 7.63 31.12 44.60
C ALA D 344 8.83 31.21 43.66
N LEU D 345 8.85 30.40 42.60
CA LEU D 345 9.96 30.45 41.66
C LEU D 345 9.89 31.71 40.81
N THR D 346 8.68 32.20 40.50
CA THR D 346 8.57 33.40 39.69
C THR D 346 8.88 34.66 40.50
N GLU D 347 8.74 34.61 41.83
CA GLU D 347 9.04 35.77 42.65
C GLU D 347 10.51 36.18 42.54
N LEU D 348 11.39 35.23 42.25
CA LEU D 348 12.81 35.50 42.13
C LEU D 348 13.19 36.08 40.77
N GLY D 349 12.29 36.06 39.80
CA GLY D 349 12.56 36.59 38.47
C GLY D 349 12.43 35.59 37.33
N TYR D 350 12.39 34.29 37.62
CA TYR D 350 12.27 33.28 36.57
C TYR D 350 10.82 33.25 36.10
N LYS D 351 10.55 33.84 34.94
CA LYS D 351 9.21 33.88 34.39
C LYS D 351 8.80 32.52 33.83
N ILE D 352 7.51 32.39 33.56
CA ILE D 352 6.92 31.17 33.01
C ILE D 352 6.25 31.51 31.69
N VAL D 353 6.47 30.65 30.68
CA VAL D 353 5.88 30.89 29.37
C VAL D 353 4.36 30.76 29.45
N THR D 354 3.69 31.43 28.51
CA THR D 354 2.23 31.45 28.40
C THR D 354 1.56 32.03 29.65
N GLY D 355 2.28 32.90 30.37
CA GLY D 355 1.73 33.52 31.57
C GLY D 355 1.67 32.61 32.76
N GLY D 356 0.78 31.60 32.71
CA GLY D 356 0.65 30.67 33.81
C GLY D 356 0.38 29.25 33.35
N SER D 357 0.05 28.37 34.30
CA SER D 357 -0.22 26.97 33.99
C SER D 357 -1.26 26.45 34.97
N ASP D 358 -2.43 26.06 34.47
CA ASP D 358 -3.48 25.53 35.32
C ASP D 358 -3.31 24.04 35.64
N ASN D 359 -2.41 23.36 34.94
CA ASN D 359 -2.16 21.94 35.18
C ASN D 359 -1.04 21.79 36.20
N HIS D 360 -0.55 20.55 36.36
CA HIS D 360 0.53 20.26 37.30
C HIS D 360 1.90 20.28 36.64
N LEU D 361 2.02 20.89 35.47
CA LEU D 361 3.29 20.97 34.75
C LEU D 361 3.56 22.42 34.35
N ILE D 362 4.83 22.79 34.38
CA ILE D 362 5.27 24.14 34.03
C ILE D 362 6.42 24.04 33.04
N LEU D 363 6.44 24.95 32.08
CA LEU D 363 7.48 25.01 31.04
C LEU D 363 8.33 26.24 31.31
N VAL D 364 9.39 26.05 32.11
CA VAL D 364 10.28 27.15 32.44
C VAL D 364 11.15 27.49 31.23
N ASP D 365 11.32 28.78 30.96
CA ASP D 365 12.12 29.25 29.84
C ASP D 365 13.17 30.22 30.36
N LEU D 366 14.41 30.06 29.88
CA LEU D 366 15.53 30.90 30.28
C LEU D 366 16.13 31.60 29.07
N ARG D 367 15.28 32.16 28.20
CA ARG D 367 15.76 32.85 27.01
C ARG D 367 16.50 34.13 27.38
N SER D 368 16.04 34.83 28.42
CA SER D 368 16.70 36.07 28.83
C SER D 368 18.04 35.80 29.48
N LYS D 369 18.19 34.64 30.12
CA LYS D 369 19.45 34.31 30.77
C LYS D 369 20.55 33.98 29.77
N GLY D 370 20.17 33.48 28.58
CA GLY D 370 21.14 33.14 27.56
C GLY D 370 21.36 31.65 27.42
N THR D 371 21.31 30.93 28.53
CA THR D 371 21.51 29.49 28.49
C THR D 371 20.31 28.79 27.88
N ASP D 372 20.55 27.61 27.32
CA ASP D 372 19.51 26.80 26.70
C ASP D 372 18.99 25.76 27.69
N GLY D 373 18.16 24.84 27.18
CA GLY D 373 17.60 23.82 28.04
C GLY D 373 18.54 22.65 28.31
N GLY D 374 19.40 22.32 27.36
CA GLY D 374 20.32 21.20 27.55
C GLY D 374 21.31 21.45 28.67
N ARG D 375 21.90 22.64 28.70
CA ARG D 375 22.87 22.96 29.75
C ARG D 375 22.19 22.92 31.12
N ALA D 376 21.00 23.51 31.22
CA ALA D 376 20.27 23.52 32.48
C ALA D 376 19.93 22.11 32.93
N GLU D 377 19.46 21.28 32.00
CA GLU D 377 19.11 19.91 32.35
C GLU D 377 20.33 19.13 32.82
N LYS D 378 21.47 19.31 32.15
CA LYS D 378 22.68 18.60 32.55
C LYS D 378 23.17 19.05 33.92
N VAL D 379 23.23 20.37 34.14
CA VAL D 379 23.70 20.85 35.44
C VAL D 379 22.73 20.45 36.55
N LEU D 380 21.44 20.35 36.25
CA LEU D 380 20.49 19.94 37.27
C LEU D 380 20.65 18.46 37.58
N GLU D 381 20.84 17.63 36.56
CA GLU D 381 21.04 16.21 36.78
C GLU D 381 22.33 15.95 37.54
N ALA D 382 23.33 16.81 37.36
CA ALA D 382 24.61 16.63 38.06
C ALA D 382 24.47 16.86 39.56
N CYS D 383 23.57 17.76 39.99
CA CYS D 383 23.38 18.05 41.40
C CYS D 383 22.22 17.28 42.00
N SER D 384 21.92 16.09 41.47
CA SER D 384 20.83 15.24 41.96
C SER D 384 19.49 15.96 41.94
N ILE D 385 19.15 16.53 40.78
CA ILE D 385 17.90 17.24 40.58
C ILE D 385 17.29 16.71 39.28
N ALA D 386 16.19 15.97 39.40
CA ALA D 386 15.53 15.40 38.23
C ALA D 386 14.75 16.46 37.47
N CYS D 387 14.87 16.44 36.15
CA CYS D 387 14.18 17.37 35.26
C CYS D 387 14.32 16.85 33.84
N ASN D 388 13.73 17.56 32.89
CA ASN D 388 13.79 17.17 31.49
C ASN D 388 13.57 18.39 30.62
N LYS D 389 14.15 18.34 29.42
CA LYS D 389 14.06 19.42 28.45
C LYS D 389 12.91 19.19 27.48
N ASN D 390 12.51 20.26 26.80
CA ASN D 390 11.42 20.23 25.84
C ASN D 390 11.52 21.48 24.98
N THR D 391 11.01 21.37 23.75
CA THR D 391 11.02 22.48 22.81
C THR D 391 9.90 23.46 23.14
N CYS D 392 10.26 24.70 23.44
CA CYS D 392 9.30 25.73 23.76
C CYS D 392 8.75 26.35 22.49
N PRO D 393 7.55 26.93 22.53
CA PRO D 393 6.98 27.55 21.33
C PRO D 393 7.85 28.69 20.83
N GLY D 394 8.22 28.60 19.55
CA GLY D 394 9.07 29.62 18.95
C GLY D 394 10.55 29.36 19.08
N ASP D 395 10.95 28.10 19.16
CA ASP D 395 12.36 27.72 19.29
C ASP D 395 12.91 27.32 17.93
N ARG D 396 14.14 27.78 17.63
CA ARG D 396 14.79 27.48 16.37
C ARG D 396 15.74 26.29 16.47
N SER D 397 16.52 26.19 17.54
CA SER D 397 17.46 25.08 17.72
C SER D 397 16.67 23.83 18.10
N ALA D 398 16.39 22.98 17.12
CA ALA D 398 15.63 21.75 17.39
C ALA D 398 16.49 20.71 18.08
N LEU D 399 17.78 20.64 17.75
CA LEU D 399 18.65 19.66 18.39
C LEU D 399 18.93 19.99 19.85
N ARG D 400 18.76 21.25 20.23
CA ARG D 400 18.97 21.70 21.61
C ARG D 400 17.86 22.67 21.97
N PRO D 401 16.80 22.21 22.64
CA PRO D 401 15.70 23.12 22.99
C PRO D 401 16.05 24.08 24.12
N SER D 402 15.07 24.88 24.55
CA SER D 402 15.28 25.84 25.61
C SER D 402 14.25 25.75 26.74
N GLY D 403 13.24 24.90 26.62
CA GLY D 403 12.23 24.77 27.66
C GLY D 403 12.54 23.64 28.62
N LEU D 404 12.10 23.80 29.87
CA LEU D 404 12.31 22.81 30.92
C LEU D 404 10.96 22.42 31.50
N ARG D 405 10.62 21.14 31.43
CA ARG D 405 9.35 20.66 31.97
C ARG D 405 9.53 20.29 33.43
N LEU D 406 8.79 20.95 34.31
CA LEU D 406 8.87 20.70 35.74
C LEU D 406 7.50 20.38 36.30
N GLY D 407 7.48 19.52 37.32
CA GLY D 407 6.24 19.11 37.96
C GLY D 407 6.51 18.59 39.35
N THR D 408 5.45 18.49 40.15
CA THR D 408 5.60 18.00 41.51
C THR D 408 4.53 16.97 41.89
N PRO D 409 4.33 15.90 41.10
CA PRO D 409 3.31 14.91 41.48
C PRO D 409 3.79 13.94 42.54
N ALA D 410 5.08 13.60 42.49
CA ALA D 410 5.65 12.66 43.46
C ALA D 410 6.05 13.35 44.76
N LEU D 411 6.44 14.62 44.69
CA LEU D 411 6.84 15.33 45.90
C LEU D 411 5.68 15.47 46.88
N THR D 412 4.52 15.90 46.38
CA THR D 412 3.36 16.06 47.25
C THR D 412 2.87 14.71 47.77
N SER D 413 3.15 13.63 47.05
CA SER D 413 2.72 12.30 47.49
C SER D 413 3.55 11.78 48.66
N ARG D 414 4.73 12.35 48.89
CA ARG D 414 5.58 11.89 49.99
C ARG D 414 5.14 12.47 51.34
N GLY D 415 4.57 13.68 51.35
CA GLY D 415 4.14 14.30 52.57
C GLY D 415 4.73 15.68 52.77
N LEU D 416 5.23 16.27 51.69
CA LEU D 416 5.83 17.60 51.77
C LEU D 416 4.76 18.66 51.98
N LEU D 417 5.08 19.65 52.79
CA LEU D 417 4.17 20.74 53.11
C LEU D 417 4.60 22.04 52.42
N GLU D 418 3.92 23.13 52.76
CA GLU D 418 4.23 24.44 52.16
C GLU D 418 5.62 24.91 52.55
N LYS D 419 5.95 24.86 53.83
CA LYS D 419 7.29 25.30 54.27
C LYS D 419 8.37 24.44 53.64
N ASP D 420 8.12 23.13 53.52
CA ASP D 420 9.09 22.25 52.90
C ASP D 420 9.30 22.61 51.44
N PHE D 421 8.21 22.95 50.73
CA PHE D 421 8.35 23.36 49.33
C PHE D 421 9.06 24.70 49.23
N GLN D 422 8.90 25.57 50.23
CA GLN D 422 9.61 26.84 50.19
C GLN D 422 11.11 26.59 50.35
N LYS D 423 11.47 25.65 51.24
CA LYS D 423 12.88 25.30 51.41
C LYS D 423 13.42 24.68 50.14
N VAL D 424 12.60 23.85 49.47
CA VAL D 424 13.02 23.25 48.21
C VAL D 424 13.23 24.33 47.16
N ALA D 425 12.37 25.35 47.17
CA ALA D 425 12.52 26.46 46.23
C ALA D 425 13.82 27.20 46.50
N HIS D 426 14.18 27.36 47.77
CA HIS D 426 15.44 28.02 48.09
C HIS D 426 16.61 27.18 47.59
N PHE D 427 16.48 25.85 47.71
CA PHE D 427 17.52 24.96 47.22
C PHE D 427 17.66 25.09 45.70
N ILE D 428 16.53 25.17 45.00
CA ILE D 428 16.56 25.33 43.55
C ILE D 428 17.17 26.67 43.20
N HIS D 429 16.94 27.69 44.04
CA HIS D 429 17.54 29.00 43.78
C HIS D 429 19.05 28.92 43.89
N ARG D 430 19.55 28.24 44.93
CA ARG D 430 20.99 28.07 45.07
C ARG D 430 21.56 27.29 43.89
N GLY D 431 20.81 26.28 43.43
CA GLY D 431 21.25 25.51 42.29
C GLY D 431 21.34 26.36 41.04
N ILE D 432 20.34 27.22 40.81
CA ILE D 432 20.34 28.11 39.66
C ILE D 432 21.52 29.06 39.76
N GLU D 433 21.85 29.49 40.98
CA GLU D 433 23.01 30.36 41.16
C GLU D 433 24.28 29.62 40.74
N LEU D 434 24.36 28.34 41.09
CA LEU D 434 25.52 27.54 40.69
C LEU D 434 25.57 27.41 39.17
N THR D 435 24.40 27.26 38.54
CA THR D 435 24.36 27.16 37.09
C THR D 435 24.85 28.44 36.44
N LEU D 436 24.44 29.59 36.99
CA LEU D 436 24.90 30.87 36.45
C LEU D 436 26.40 31.01 36.63
N GLN D 437 26.92 30.54 37.77
CA GLN D 437 28.36 30.62 38.02
C GLN D 437 29.14 29.78 37.02
N ILE D 438 28.73 28.52 36.82
CA ILE D 438 29.44 27.66 35.87
C ILE D 438 29.26 28.18 34.45
N GLN D 439 28.13 28.82 34.14
CA GLN D 439 27.93 29.35 32.80
C GLN D 439 28.83 30.54 32.55
N SER D 440 28.98 31.42 33.54
CA SER D 440 29.84 32.59 33.37
C SER D 440 31.31 32.18 33.39
N ASP D 441 31.65 31.10 34.09
CA ASP D 441 33.04 30.65 34.14
C ASP D 441 33.44 29.90 32.88
N THR D 442 32.52 29.13 32.30
CA THR D 442 32.84 28.37 31.09
C THR D 442 32.95 29.30 29.88
N GLY D 443 31.99 30.19 29.70
CA GLY D 443 31.98 31.12 28.58
C GLY D 443 30.65 31.14 27.87
N VAL D 444 30.31 32.30 27.31
CA VAL D 444 29.05 32.45 26.59
C VAL D 444 29.10 31.84 25.19
N ARG D 445 30.31 31.58 24.67
CA ARG D 445 30.47 31.00 23.35
C ARG D 445 30.99 29.56 23.40
N ALA D 446 30.86 28.91 24.55
CA ALA D 446 31.32 27.53 24.67
C ALA D 446 30.37 26.58 23.95
N THR D 447 30.92 25.42 23.56
CA THR D 447 30.15 24.41 22.86
C THR D 447 29.55 23.42 23.88
N LEU D 448 29.02 22.32 23.36
CA LEU D 448 28.40 21.30 24.22
C LEU D 448 29.45 20.50 24.98
N LYS D 449 30.39 19.89 24.25
CA LYS D 449 31.43 19.07 24.89
C LYS D 449 32.25 19.88 25.89
N GLU D 450 32.60 21.12 25.53
CA GLU D 450 33.39 21.95 26.45
C GLU D 450 32.63 22.22 27.74
N PHE D 451 31.34 22.54 27.63
CA PHE D 451 30.55 22.80 28.84
C PHE D 451 30.41 21.54 29.68
N LYS D 452 30.21 20.39 29.04
CA LYS D 452 30.07 19.15 29.79
C LYS D 452 31.37 18.77 30.50
N GLU D 453 32.52 19.03 29.88
CA GLU D 453 33.77 18.68 30.54
C GLU D 453 34.15 19.71 31.61
N ARG D 454 33.75 20.97 31.44
CA ARG D 454 34.08 21.99 32.42
C ARG D 454 33.06 22.06 33.55
N LEU D 455 31.94 21.33 33.44
CA LEU D 455 30.93 21.33 34.49
C LEU D 455 31.51 20.85 35.81
N ALA D 456 32.49 19.97 35.77
CA ALA D 456 33.11 19.45 36.99
C ALA D 456 34.19 20.40 37.49
N GLY D 457 34.02 20.88 38.70
CA GLY D 457 34.99 21.79 39.30
C GLY D 457 35.09 21.54 40.79
N ASP D 458 36.27 21.85 41.34
CA ASP D 458 36.51 21.64 42.77
C ASP D 458 35.46 22.35 43.63
N LYS D 459 35.37 23.68 43.48
CA LYS D 459 34.38 24.42 44.25
C LYS D 459 32.97 23.96 43.91
N TYR D 460 32.71 23.69 42.62
CA TYR D 460 31.39 23.21 42.22
C TYR D 460 31.11 21.83 42.79
N GLN D 461 32.14 20.97 42.84
CA GLN D 461 31.94 19.63 43.40
C GLN D 461 31.60 19.73 44.88
N ALA D 462 32.30 20.59 45.62
CA ALA D 462 32.01 20.74 47.04
C ALA D 462 30.62 21.33 47.26
N ALA D 463 30.23 22.29 46.40
CA ALA D 463 28.91 22.91 46.54
C ALA D 463 27.81 21.89 46.28
N VAL D 464 27.94 21.09 45.20
CA VAL D 464 26.92 20.10 44.92
C VAL D 464 26.91 19.03 46.00
N GLN D 465 28.07 18.71 46.59
CA GLN D 465 28.10 17.71 47.65
C GLN D 465 27.35 18.22 48.87
N ALA D 466 27.58 19.48 49.24
CA ALA D 466 26.88 20.06 50.39
C ALA D 466 25.37 20.12 50.12
N LEU D 467 24.99 20.53 48.92
CA LEU D 467 23.57 20.61 48.58
C LEU D 467 22.91 19.24 48.62
N ARG D 468 23.60 18.22 48.10
CA ARG D 468 23.06 16.87 48.11
C ARG D 468 22.91 16.36 49.53
N GLU D 469 23.92 16.60 50.38
CA GLU D 469 23.83 16.15 51.76
C GLU D 469 22.68 16.85 52.48
N GLU D 470 22.50 18.14 52.22
CA GLU D 470 21.42 18.89 52.88
C GLU D 470 20.05 18.38 52.43
N VAL D 471 19.85 18.20 51.12
CA VAL D 471 18.55 17.71 50.66
C VAL D 471 18.31 16.28 51.13
N GLU D 472 19.36 15.47 51.24
CA GLU D 472 19.18 14.10 51.72
C GLU D 472 18.79 14.09 53.19
N SER D 473 19.46 14.91 54.00
CA SER D 473 19.11 14.97 55.42
C SER D 473 17.73 15.55 55.63
N PHE D 474 17.28 16.43 54.72
CA PHE D 474 15.97 17.03 54.85
C PHE D 474 14.87 16.08 54.39
N ALA D 475 15.14 15.23 53.39
CA ALA D 475 14.13 14.31 52.90
C ALA D 475 14.15 12.97 53.61
N SER D 476 15.18 12.69 54.42
CA SER D 476 15.23 11.40 55.12
C SER D 476 14.14 11.30 56.18
N LEU D 477 13.66 12.43 56.71
CA LEU D 477 12.62 12.36 57.74
C LEU D 477 11.27 11.96 57.14
N PHE D 478 11.08 12.19 55.84
CA PHE D 478 9.81 11.81 55.22
C PHE D 478 9.83 10.33 54.85
N PRO D 479 8.72 9.62 55.06
CA PRO D 479 8.67 8.20 54.72
C PRO D 479 8.52 7.98 53.23
N LEU D 480 8.65 6.71 52.83
CA LEU D 480 8.54 6.30 51.45
C LEU D 480 7.47 5.24 51.31
N PRO D 481 6.48 5.43 50.44
CA PRO D 481 5.42 4.42 50.28
C PRO D 481 5.95 3.17 49.59
N GLY D 482 5.11 2.14 49.60
CA GLY D 482 5.46 0.86 48.99
C GLY D 482 6.05 -0.10 50.00
N LEU D 483 7.25 -0.60 49.71
CA LEU D 483 7.90 -1.53 50.63
C LEU D 483 8.37 -0.79 51.87
N PRO D 484 8.28 -1.41 53.05
CA PRO D 484 8.71 -0.72 54.28
C PRO D 484 10.23 -0.67 54.44
N ASP D 485 10.80 0.51 54.21
CA ASP D 485 12.24 0.75 54.33
C ASP D 485 13.04 -0.28 53.54
N PHE D 486 12.58 -0.59 52.33
CA PHE D 486 13.25 -1.56 51.48
C PHE D 486 13.62 -0.93 50.13
N1 PLP E . -1.41 -8.59 -25.56
C2 PLP E . -0.66 -9.64 -25.93
C2A PLP E . -0.79 -11.01 -25.20
C3 PLP E . 0.28 -9.50 -27.00
O3 PLP E . 1.07 -10.59 -27.39
C4 PLP E . 0.41 -8.29 -27.65
C4A PLP E . 1.47 -8.14 -28.86
C5 PLP E . -0.36 -7.23 -27.27
C6 PLP E . -1.28 -7.37 -26.22
C5A PLP E . -0.21 -5.87 -28.02
O4P PLP E . -0.81 -4.84 -27.25
P PLP E . 0.08 -3.97 -26.35
O1P PLP E . 1.01 -3.11 -27.21
O2P PLP E . 0.89 -4.84 -25.47
O3P PLP E . -0.78 -3.09 -25.51
N1 PLP F . 4.64 -16.49 20.85
C2 PLP F . 4.73 -17.81 20.62
C2A PLP F . 5.54 -18.34 19.40
C3 PLP F . 4.08 -18.73 21.50
O3 PLP F . 4.17 -20.10 21.25
C4 PLP F . 3.35 -18.26 22.58
C4A PLP F . 2.62 -19.31 23.55
C5 PLP F . 3.27 -16.92 22.81
C6 PLP F . 3.90 -16.01 21.95
C5A PLP F . 2.45 -16.40 24.03
O4P PLP F . 1.91 -15.13 23.73
P PLP F . 2.47 -13.87 24.43
O1P PLP F . 3.67 -13.41 23.71
O2P PLP F . 1.41 -12.77 24.43
O3P PLP F . 2.83 -14.22 25.84
N1 PLP G . 0.44 9.67 25.36
C2 PLP G . 1.11 10.66 25.97
C2A PLP G . 0.81 12.15 25.62
C3 PLP G . 2.10 10.35 26.95
O3 PLP G . 2.80 11.37 27.59
C4 PLP G . 2.37 9.03 27.26
C4A PLP G . 3.50 8.71 28.37
C5 PLP G . 1.69 8.03 26.64
C6 PLP G . 0.72 8.33 25.68
C5A PLP G . 2.00 6.54 26.99
O4P PLP G . 3.16 6.13 26.31
P PLP G . 3.89 4.85 26.78
O1P PLP G . 5.33 4.94 26.43
O2P PLP G . 3.75 4.72 28.24
O3P PLP G . 3.27 3.62 26.10
#